data_5R4L
# 
_entry.id   5R4L 
# 
_audit_conform.dict_name       mmcif_pdbx.dic 
_audit_conform.dict_version    5.387 
_audit_conform.dict_location   http://mmcif.pdb.org/dictionaries/ascii/mmcif_pdbx.dic 
# 
loop_
_database_2.database_id 
_database_2.database_code 
_database_2.pdbx_database_accession 
_database_2.pdbx_DOI 
PDB   5R4L         pdb_00005r4l 10.2210/pdb5r4l/pdb 
WWPDB D_1001402762 ?            ?                   
# 
loop_
_pdbx_audit_revision_history.ordinal 
_pdbx_audit_revision_history.data_content_type 
_pdbx_audit_revision_history.major_revision 
_pdbx_audit_revision_history.minor_revision 
_pdbx_audit_revision_history.revision_date 
1 'Structure model' 1 0 2020-04-01 
2 'Structure model' 1 1 2024-03-06 
# 
_pdbx_audit_revision_details.ordinal             1 
_pdbx_audit_revision_details.revision_ordinal    1 
_pdbx_audit_revision_details.data_content_type   'Structure model' 
_pdbx_audit_revision_details.provider            repository 
_pdbx_audit_revision_details.type                'Initial release' 
_pdbx_audit_revision_details.description         ? 
_pdbx_audit_revision_details.details             ? 
# 
loop_
_pdbx_audit_revision_group.ordinal 
_pdbx_audit_revision_group.revision_ordinal 
_pdbx_audit_revision_group.data_content_type 
_pdbx_audit_revision_group.group 
1 2 'Structure model' 'Data collection'     
2 2 'Structure model' 'Database references' 
# 
loop_
_pdbx_audit_revision_category.ordinal 
_pdbx_audit_revision_category.revision_ordinal 
_pdbx_audit_revision_category.data_content_type 
_pdbx_audit_revision_category.category 
1 2 'Structure model' chem_comp_atom 
2 2 'Structure model' chem_comp_bond 
3 2 'Structure model' database_2     
# 
loop_
_pdbx_audit_revision_item.ordinal 
_pdbx_audit_revision_item.revision_ordinal 
_pdbx_audit_revision_item.data_content_type 
_pdbx_audit_revision_item.item 
1 2 'Structure model' '_database_2.pdbx_DOI'                
2 2 'Structure model' '_database_2.pdbx_database_accession' 
# 
_pdbx_database_status.entry_id                        5R4L 
_pdbx_database_status.status_code                     REL 
_pdbx_database_status.status_code_sf                  REL 
_pdbx_database_status.status_code_mr                  ? 
_pdbx_database_status.status_code_cs                  ? 
_pdbx_database_status.recvd_initial_deposition_date   2020-02-24 
_pdbx_database_status.deposit_site                    RCSB 
_pdbx_database_status.process_site                    RCSB 
_pdbx_database_status.SG_entry                        ? 
_pdbx_database_status.pdb_format_compatible           Y 
_pdbx_database_status.methods_development_category    ? 
_pdbx_database_status.status_code_nmr_data            ? 
# 
loop_
_audit_author.name 
_audit_author.pdbx_ordinal 
_audit_author.identifier_ORCID 
'Talon, R.'        1  ? 
'Krojer, T.'       2  ? 
'Fairhead, M.'     3  ? 
'Sethi, R.'        4  ? 
'Bradley, A.R.'    5  ? 
'Aimon, A.'        6  ? 
'Collins, P.'      7  ? 
'Brandao-Neto, J.' 8  ? 
'Douangamath, A.'  9  ? 
'Wright, N.'       10 ? 
'MacLean, E.'      11 ? 
'Renjie, Z.'       12 ? 
'Dias, A.'         13 ? 
'Brennan, P.E.'    14 ? 
'Bountra, C.'      15 ? 
'Arrowsmith, C.H.' 16 ? 
'Edwards, A.'      17 ? 
'von Delft, F.'    18 ? 
# 
_citation.id                        primary 
_citation.title                     'PanDDA analysis group deposition' 
_citation.journal_abbrev            'To Be Published' 
_citation.journal_volume            ? 
_citation.page_first                ? 
_citation.page_last                 ? 
_citation.year                      ? 
_citation.journal_id_ASTM           ? 
_citation.country                   ? 
_citation.journal_id_ISSN           ? 
_citation.journal_id_CSD            0353 
_citation.book_publisher            ? 
_citation.pdbx_database_id_PubMed   ? 
_citation.pdbx_database_id_DOI      ? 
# 
loop_
_citation_author.citation_id 
_citation_author.name 
_citation_author.identifier_ORCID 
_citation_author.ordinal 
primary 'Talon, R.'        ? 1  
primary 'Krojer, T.'       ? 2  
primary 'Fairhead, M.'     ? 3  
primary 'Sethi, R.'        ? 4  
primary 'Bradley, A.R.'    ? 5  
primary 'Aimon, A.'        ? 6  
primary 'Collins, P.'      ? 7  
primary 'Brandao-Neto, J.' ? 8  
primary 'Douangamath, A.'  ? 9  
primary 'Wright, N.'       ? 10 
primary 'MacLean, E.'      ? 11 
primary 'Renjie, Z.'       ? 12 
primary 'Dias, A.'         ? 13 
primary 'Brennan, P.E.'    ? 14 
primary 'Bountra, C.'      ? 15 
primary 'Arrowsmith, C.H.' ? 16 
primary 'Edwards, A.'      ? 17 
primary 'von Delft, F.'    ? 18 
# 
loop_
_entity.id 
_entity.type 
_entity.src_method 
_entity.pdbx_description 
_entity.formula_weight 
_entity.pdbx_number_of_molecules 
_entity.pdbx_ec 
_entity.pdbx_mutation 
_entity.pdbx_fragment 
_entity.details 
1 polymer     man 'Nucleosome-remodeling factor subunit BPTF'     14455.415 1   ? ? ? ? 
2 non-polymer syn 'DIMETHYL SULFOXIDE'                            78.133    1   ? ? ? ? 
3 non-polymer syn 2-AMINO-2-HYDROXYMETHYL-PROPANE-1,3-DIOL        122.143   1   ? ? ? ? 
4 non-polymer syn 'N-{4-[(morpholin-4-yl)methyl]phenyl}acetamide' 234.294   1   ? ? ? ? 
5 water       nat water                                           18.015    157 ? ? ? ? 
# 
_entity_name_com.entity_id   1 
_entity_name_com.name        
'Bromodomain and PHD finger-containing transcription factor,Fetal Alz-50 clone 1 protein,Fetal Alzheimer antigen' 
# 
_entity_poly.entity_id                      1 
_entity_poly.type                           'polypeptide(L)' 
_entity_poly.nstd_linkage                   no 
_entity_poly.nstd_monomer                   no 
_entity_poly.pdbx_seq_one_letter_code       
;SMSTEDAMTVLTPLTEKDYEGLKRVLRSLQAHKMAWPFLEPVDPNDAPDYYGVIKEPMDLATMEERVQRRYYEKLTEFVA
DMTKIFDNCRYYNPSDSPFYQCAEVLESFFVQKLKGFKASRSH
;
_entity_poly.pdbx_seq_one_letter_code_can   
;SMSTEDAMTVLTPLTEKDYEGLKRVLRSLQAHKMAWPFLEPVDPNDAPDYYGVIKEPMDLATMEERVQRRYYEKLTEFVA
DMTKIFDNCRYYNPSDSPFYQCAEVLESFFVQKLKGFKASRSH
;
_entity_poly.pdbx_strand_id                 A 
_entity_poly.pdbx_target_identifier         ? 
# 
loop_
_pdbx_entity_nonpoly.entity_id 
_pdbx_entity_nonpoly.name 
_pdbx_entity_nonpoly.comp_id 
2 'DIMETHYL SULFOXIDE'                            DMS 
3 2-AMINO-2-HYDROXYMETHYL-PROPANE-1,3-DIOL        TRS 
4 'N-{4-[(morpholin-4-yl)methyl]phenyl}acetamide' RV4 
5 water                                           HOH 
# 
loop_
_entity_poly_seq.entity_id 
_entity_poly_seq.num 
_entity_poly_seq.mon_id 
_entity_poly_seq.hetero 
1 1   SER n 
1 2   MET n 
1 3   SER n 
1 4   THR n 
1 5   GLU n 
1 6   ASP n 
1 7   ALA n 
1 8   MET n 
1 9   THR n 
1 10  VAL n 
1 11  LEU n 
1 12  THR n 
1 13  PRO n 
1 14  LEU n 
1 15  THR n 
1 16  GLU n 
1 17  LYS n 
1 18  ASP n 
1 19  TYR n 
1 20  GLU n 
1 21  GLY n 
1 22  LEU n 
1 23  LYS n 
1 24  ARG n 
1 25  VAL n 
1 26  LEU n 
1 27  ARG n 
1 28  SER n 
1 29  LEU n 
1 30  GLN n 
1 31  ALA n 
1 32  HIS n 
1 33  LYS n 
1 34  MET n 
1 35  ALA n 
1 36  TRP n 
1 37  PRO n 
1 38  PHE n 
1 39  LEU n 
1 40  GLU n 
1 41  PRO n 
1 42  VAL n 
1 43  ASP n 
1 44  PRO n 
1 45  ASN n 
1 46  ASP n 
1 47  ALA n 
1 48  PRO n 
1 49  ASP n 
1 50  TYR n 
1 51  TYR n 
1 52  GLY n 
1 53  VAL n 
1 54  ILE n 
1 55  LYS n 
1 56  GLU n 
1 57  PRO n 
1 58  MET n 
1 59  ASP n 
1 60  LEU n 
1 61  ALA n 
1 62  THR n 
1 63  MET n 
1 64  GLU n 
1 65  GLU n 
1 66  ARG n 
1 67  VAL n 
1 68  GLN n 
1 69  ARG n 
1 70  ARG n 
1 71  TYR n 
1 72  TYR n 
1 73  GLU n 
1 74  LYS n 
1 75  LEU n 
1 76  THR n 
1 77  GLU n 
1 78  PHE n 
1 79  VAL n 
1 80  ALA n 
1 81  ASP n 
1 82  MET n 
1 83  THR n 
1 84  LYS n 
1 85  ILE n 
1 86  PHE n 
1 87  ASP n 
1 88  ASN n 
1 89  CYS n 
1 90  ARG n 
1 91  TYR n 
1 92  TYR n 
1 93  ASN n 
1 94  PRO n 
1 95  SER n 
1 96  ASP n 
1 97  SER n 
1 98  PRO n 
1 99  PHE n 
1 100 TYR n 
1 101 GLN n 
1 102 CYS n 
1 103 ALA n 
1 104 GLU n 
1 105 VAL n 
1 106 LEU n 
1 107 GLU n 
1 108 SER n 
1 109 PHE n 
1 110 PHE n 
1 111 VAL n 
1 112 GLN n 
1 113 LYS n 
1 114 LEU n 
1 115 LYS n 
1 116 GLY n 
1 117 PHE n 
1 118 LYS n 
1 119 ALA n 
1 120 SER n 
1 121 ARG n 
1 122 SER n 
1 123 HIS n 
# 
_entity_src_gen.entity_id                          1 
_entity_src_gen.pdbx_src_id                        1 
_entity_src_gen.pdbx_alt_source_flag               sample 
_entity_src_gen.pdbx_seq_type                      'Biological sequence' 
_entity_src_gen.pdbx_beg_seq_num                   1 
_entity_src_gen.pdbx_end_seq_num                   123 
_entity_src_gen.gene_src_common_name               Human 
_entity_src_gen.gene_src_genus                     ? 
_entity_src_gen.pdbx_gene_src_gene                 'BPTF, FAC1, FALZ' 
_entity_src_gen.gene_src_species                   ? 
_entity_src_gen.gene_src_strain                    ? 
_entity_src_gen.gene_src_tissue                    ? 
_entity_src_gen.gene_src_tissue_fraction           ? 
_entity_src_gen.gene_src_details                   ? 
_entity_src_gen.pdbx_gene_src_fragment             ? 
_entity_src_gen.pdbx_gene_src_scientific_name      'Homo sapiens' 
_entity_src_gen.pdbx_gene_src_ncbi_taxonomy_id     9606 
_entity_src_gen.pdbx_gene_src_variant              ? 
_entity_src_gen.pdbx_gene_src_cell_line            ? 
_entity_src_gen.pdbx_gene_src_atcc                 ? 
_entity_src_gen.pdbx_gene_src_organ                ? 
_entity_src_gen.pdbx_gene_src_organelle            ? 
_entity_src_gen.pdbx_gene_src_cell                 ? 
_entity_src_gen.pdbx_gene_src_cellular_location    ? 
_entity_src_gen.host_org_common_name               ? 
_entity_src_gen.pdbx_host_org_scientific_name      'Escherichia coli' 
_entity_src_gen.pdbx_host_org_ncbi_taxonomy_id     562 
_entity_src_gen.host_org_genus                     ? 
_entity_src_gen.pdbx_host_org_gene                 ? 
_entity_src_gen.pdbx_host_org_organ                ? 
_entity_src_gen.host_org_species                   ? 
_entity_src_gen.pdbx_host_org_tissue               ? 
_entity_src_gen.pdbx_host_org_tissue_fraction      ? 
_entity_src_gen.pdbx_host_org_strain               ? 
_entity_src_gen.pdbx_host_org_variant              ? 
_entity_src_gen.pdbx_host_org_cell_line            ? 
_entity_src_gen.pdbx_host_org_atcc                 ? 
_entity_src_gen.pdbx_host_org_culture_collection   ? 
_entity_src_gen.pdbx_host_org_cell                 ? 
_entity_src_gen.pdbx_host_org_organelle            ? 
_entity_src_gen.pdbx_host_org_cellular_location    ? 
_entity_src_gen.pdbx_host_org_vector_type          ? 
_entity_src_gen.pdbx_host_org_vector               ? 
_entity_src_gen.host_org_details                   ? 
_entity_src_gen.expression_system_id               ? 
_entity_src_gen.plasmid_name                       ? 
_entity_src_gen.plasmid_details                    ? 
_entity_src_gen.pdbx_description                   ? 
# 
loop_
_chem_comp.id 
_chem_comp.type 
_chem_comp.mon_nstd_flag 
_chem_comp.name 
_chem_comp.pdbx_synonyms 
_chem_comp.formula 
_chem_comp.formula_weight 
ALA 'L-peptide linking' y ALANINE                                         ?             'C3 H7 N O2'     89.093  
ARG 'L-peptide linking' y ARGININE                                        ?             'C6 H15 N4 O2 1' 175.209 
ASN 'L-peptide linking' y ASPARAGINE                                      ?             'C4 H8 N2 O3'    132.118 
ASP 'L-peptide linking' y 'ASPARTIC ACID'                                 ?             'C4 H7 N O4'     133.103 
CYS 'L-peptide linking' y CYSTEINE                                        ?             'C3 H7 N O2 S'   121.158 
DMS non-polymer         . 'DIMETHYL SULFOXIDE'                            ?             'C2 H6 O S'      78.133  
GLN 'L-peptide linking' y GLUTAMINE                                       ?             'C5 H10 N2 O3'   146.144 
GLU 'L-peptide linking' y 'GLUTAMIC ACID'                                 ?             'C5 H9 N O4'     147.129 
GLY 'peptide linking'   y GLYCINE                                         ?             'C2 H5 N O2'     75.067  
HIS 'L-peptide linking' y HISTIDINE                                       ?             'C6 H10 N3 O2 1' 156.162 
HOH non-polymer         . WATER                                           ?             'H2 O'           18.015  
ILE 'L-peptide linking' y ISOLEUCINE                                      ?             'C6 H13 N O2'    131.173 
LEU 'L-peptide linking' y LEUCINE                                         ?             'C6 H13 N O2'    131.173 
LYS 'L-peptide linking' y LYSINE                                          ?             'C6 H15 N2 O2 1' 147.195 
MET 'L-peptide linking' y METHIONINE                                      ?             'C5 H11 N O2 S'  149.211 
PHE 'L-peptide linking' y PHENYLALANINE                                   ?             'C9 H11 N O2'    165.189 
PRO 'L-peptide linking' y PROLINE                                         ?             'C5 H9 N O2'     115.130 
RV4 non-polymer         . 'N-{4-[(morpholin-4-yl)methyl]phenyl}acetamide' ?             'C13 H18 N2 O2'  234.294 
SER 'L-peptide linking' y SERINE                                          ?             'C3 H7 N O3'     105.093 
THR 'L-peptide linking' y THREONINE                                       ?             'C4 H9 N O3'     119.119 
TRP 'L-peptide linking' y TRYPTOPHAN                                      ?             'C11 H12 N2 O2'  204.225 
TRS non-polymer         . 2-AMINO-2-HYDROXYMETHYL-PROPANE-1,3-DIOL        'TRIS BUFFER' 'C4 H12 N O3 1'  122.143 
TYR 'L-peptide linking' y TYROSINE                                        ?             'C9 H11 N O3'    181.189 
VAL 'L-peptide linking' y VALINE                                          ?             'C5 H11 N O2'    117.146 
# 
loop_
_pdbx_poly_seq_scheme.asym_id 
_pdbx_poly_seq_scheme.entity_id 
_pdbx_poly_seq_scheme.seq_id 
_pdbx_poly_seq_scheme.mon_id 
_pdbx_poly_seq_scheme.ndb_seq_num 
_pdbx_poly_seq_scheme.pdb_seq_num 
_pdbx_poly_seq_scheme.auth_seq_num 
_pdbx_poly_seq_scheme.pdb_mon_id 
_pdbx_poly_seq_scheme.auth_mon_id 
_pdbx_poly_seq_scheme.pdb_strand_id 
_pdbx_poly_seq_scheme.pdb_ins_code 
_pdbx_poly_seq_scheme.hetero 
A 1 1   SER 1   2789 ?    ?   ?   A . n 
A 1 2   MET 2   2790 ?    ?   ?   A . n 
A 1 3   SER 3   2791 ?    ?   ?   A . n 
A 1 4   THR 4   2792 ?    ?   ?   A . n 
A 1 5   GLU 5   2793 2793 GLU GLU A . n 
A 1 6   ASP 6   2794 2794 ASP ASP A . n 
A 1 7   ALA 7   2795 2795 ALA ALA A . n 
A 1 8   MET 8   2796 2796 MET MET A . n 
A 1 9   THR 9   2797 2797 THR THR A . n 
A 1 10  VAL 10  2798 2798 VAL VAL A . n 
A 1 11  LEU 11  2799 2799 LEU LEU A . n 
A 1 12  THR 12  2800 2800 THR THR A . n 
A 1 13  PRO 13  2801 2801 PRO PRO A . n 
A 1 14  LEU 14  2802 2802 LEU LEU A . n 
A 1 15  THR 15  2803 2803 THR THR A . n 
A 1 16  GLU 16  2804 2804 GLU GLU A . n 
A 1 17  LYS 17  2805 2805 LYS LYS A . n 
A 1 18  ASP 18  2806 2806 ASP ASP A . n 
A 1 19  TYR 19  2807 2807 TYR TYR A . n 
A 1 20  GLU 20  2808 2808 GLU GLU A . n 
A 1 21  GLY 21  2809 2809 GLY GLY A . n 
A 1 22  LEU 22  2810 2810 LEU LEU A . n 
A 1 23  LYS 23  2811 2811 LYS LYS A . n 
A 1 24  ARG 24  2812 2812 ARG ARG A . n 
A 1 25  VAL 25  2813 2813 VAL VAL A . n 
A 1 26  LEU 26  2814 2814 LEU LEU A . n 
A 1 27  ARG 27  2815 2815 ARG ARG A . n 
A 1 28  SER 28  2816 2816 SER SER A . n 
A 1 29  LEU 29  2817 2817 LEU LEU A . n 
A 1 30  GLN 30  2818 2818 GLN GLN A . n 
A 1 31  ALA 31  2819 2819 ALA ALA A . n 
A 1 32  HIS 32  2820 2820 HIS HIS A . n 
A 1 33  LYS 33  2821 2821 LYS LYS A . n 
A 1 34  MET 34  2822 2822 MET MET A . n 
A 1 35  ALA 35  2823 2823 ALA ALA A . n 
A 1 36  TRP 36  2824 2824 TRP TRP A . n 
A 1 37  PRO 37  2825 2825 PRO PRO A . n 
A 1 38  PHE 38  2826 2826 PHE PHE A . n 
A 1 39  LEU 39  2827 2827 LEU LEU A . n 
A 1 40  GLU 40  2828 2828 GLU GLU A . n 
A 1 41  PRO 41  2829 2829 PRO PRO A . n 
A 1 42  VAL 42  2830 2830 VAL VAL A . n 
A 1 43  ASP 43  2831 2831 ASP ASP A . n 
A 1 44  PRO 44  2832 2832 PRO PRO A . n 
A 1 45  ASN 45  2833 2833 ASN ASN A . n 
A 1 46  ASP 46  2834 2834 ASP ASP A . n 
A 1 47  ALA 47  2835 2835 ALA ALA A . n 
A 1 48  PRO 48  2836 2836 PRO PRO A . n 
A 1 49  ASP 49  2837 2837 ASP ASP A . n 
A 1 50  TYR 50  2838 2838 TYR TYR A . n 
A 1 51  TYR 51  2839 2839 TYR TYR A . n 
A 1 52  GLY 52  2840 2840 GLY GLY A . n 
A 1 53  VAL 53  2841 2841 VAL VAL A . n 
A 1 54  ILE 54  2842 2842 ILE ILE A . n 
A 1 55  LYS 55  2843 2843 LYS LYS A . n 
A 1 56  GLU 56  2844 2844 GLU GLU A . n 
A 1 57  PRO 57  2845 2845 PRO PRO A . n 
A 1 58  MET 58  2846 2846 MET MET A . n 
A 1 59  ASP 59  2847 2847 ASP ASP A . n 
A 1 60  LEU 60  2848 2848 LEU LEU A . n 
A 1 61  ALA 61  2849 2849 ALA ALA A . n 
A 1 62  THR 62  2850 2850 THR THR A . n 
A 1 63  MET 63  2851 2851 MET MET A . n 
A 1 64  GLU 64  2852 2852 GLU GLU A . n 
A 1 65  GLU 65  2853 2853 GLU GLU A . n 
A 1 66  ARG 66  2854 2854 ARG ARG A . n 
A 1 67  VAL 67  2855 2855 VAL VAL A . n 
A 1 68  GLN 68  2856 2856 GLN GLN A . n 
A 1 69  ARG 69  2857 2857 ARG ARG A . n 
A 1 70  ARG 70  2858 2858 ARG ARG A . n 
A 1 71  TYR 71  2859 2859 TYR TYR A . n 
A 1 72  TYR 72  2860 2860 TYR TYR A . n 
A 1 73  GLU 73  2861 2861 GLU GLU A . n 
A 1 74  LYS 74  2862 2862 LYS LYS A . n 
A 1 75  LEU 75  2863 2863 LEU LEU A . n 
A 1 76  THR 76  2864 2864 THR THR A . n 
A 1 77  GLU 77  2865 2865 GLU GLU A . n 
A 1 78  PHE 78  2866 2866 PHE PHE A . n 
A 1 79  VAL 79  2867 2867 VAL VAL A . n 
A 1 80  ALA 80  2868 2868 ALA ALA A . n 
A 1 81  ASP 81  2869 2869 ASP ASP A . n 
A 1 82  MET 82  2870 2870 MET MET A . n 
A 1 83  THR 83  2871 2871 THR THR A . n 
A 1 84  LYS 84  2872 2872 LYS LYS A . n 
A 1 85  ILE 85  2873 2873 ILE ILE A . n 
A 1 86  PHE 86  2874 2874 PHE PHE A . n 
A 1 87  ASP 87  2875 2875 ASP ASP A . n 
A 1 88  ASN 88  2876 2876 ASN ASN A . n 
A 1 89  CYS 89  2877 2877 CYS CYS A . n 
A 1 90  ARG 90  2878 2878 ARG ARG A . n 
A 1 91  TYR 91  2879 2879 TYR TYR A . n 
A 1 92  TYR 92  2880 2880 TYR TYR A . n 
A 1 93  ASN 93  2881 2881 ASN ASN A . n 
A 1 94  PRO 94  2882 2882 PRO PRO A . n 
A 1 95  SER 95  2883 2883 SER SER A . n 
A 1 96  ASP 96  2884 2884 ASP ASP A . n 
A 1 97  SER 97  2885 2885 SER SER A . n 
A 1 98  PRO 98  2886 2886 PRO PRO A . n 
A 1 99  PHE 99  2887 2887 PHE PHE A . n 
A 1 100 TYR 100 2888 2888 TYR TYR A . n 
A 1 101 GLN 101 2889 2889 GLN GLN A . n 
A 1 102 CYS 102 2890 2890 CYS CYS A . n 
A 1 103 ALA 103 2891 2891 ALA ALA A . n 
A 1 104 GLU 104 2892 2892 GLU GLU A . n 
A 1 105 VAL 105 2893 2893 VAL VAL A . n 
A 1 106 LEU 106 2894 2894 LEU LEU A . n 
A 1 107 GLU 107 2895 2895 GLU GLU A . n 
A 1 108 SER 108 2896 2896 SER SER A . n 
A 1 109 PHE 109 2897 2897 PHE PHE A . n 
A 1 110 PHE 110 2898 2898 PHE PHE A . n 
A 1 111 VAL 111 2899 2899 VAL VAL A . n 
A 1 112 GLN 112 2900 2900 GLN GLN A . n 
A 1 113 LYS 113 2901 2901 LYS LYS A . n 
A 1 114 LEU 114 2902 2902 LEU LEU A . n 
A 1 115 LYS 115 2903 2903 LYS LYS A . n 
A 1 116 GLY 116 2904 2904 GLY GLY A . n 
A 1 117 PHE 117 2905 2905 PHE PHE A . n 
A 1 118 LYS 118 2906 2906 LYS LYS A . n 
A 1 119 ALA 119 2907 2907 ALA ALA A . n 
A 1 120 SER 120 2908 2908 SER SER A . n 
A 1 121 ARG 121 2909 2909 ARG ARG A . n 
A 1 122 SER 122 2910 2910 SER SER A . n 
A 1 123 HIS 123 2911 2911 HIS HIS A . n 
# 
loop_
_pdbx_nonpoly_scheme.asym_id 
_pdbx_nonpoly_scheme.entity_id 
_pdbx_nonpoly_scheme.mon_id 
_pdbx_nonpoly_scheme.ndb_seq_num 
_pdbx_nonpoly_scheme.pdb_seq_num 
_pdbx_nonpoly_scheme.auth_seq_num 
_pdbx_nonpoly_scheme.pdb_mon_id 
_pdbx_nonpoly_scheme.auth_mon_id 
_pdbx_nonpoly_scheme.pdb_strand_id 
_pdbx_nonpoly_scheme.pdb_ins_code 
B 2 DMS 1   3001 2   DMS DMS A . 
C 3 TRS 1   3002 1   TRS TRS A . 
D 4 RV4 1   3003 1   RV4 LIG A . 
E 5 HOH 1   3101 40  HOH HOH A . 
E 5 HOH 2   3102 147 HOH HOH A . 
E 5 HOH 3   3103 37  HOH HOH A . 
E 5 HOH 4   3104 29  HOH HOH A . 
E 5 HOH 5   3105 101 HOH HOH A . 
E 5 HOH 6   3106 153 HOH HOH A . 
E 5 HOH 7   3107 103 HOH HOH A . 
E 5 HOH 8   3108 23  HOH HOH A . 
E 5 HOH 9   3109 166 HOH HOH A . 
E 5 HOH 10  3110 21  HOH HOH A . 
E 5 HOH 11  3111 81  HOH HOH A . 
E 5 HOH 12  3112 1   HOH HOH A . 
E 5 HOH 13  3113 33  HOH HOH A . 
E 5 HOH 14  3114 77  HOH HOH A . 
E 5 HOH 15  3115 44  HOH HOH A . 
E 5 HOH 16  3116 66  HOH HOH A . 
E 5 HOH 17  3117 98  HOH HOH A . 
E 5 HOH 18  3118 122 HOH HOH A . 
E 5 HOH 19  3119 106 HOH HOH A . 
E 5 HOH 20  3120 170 HOH HOH A . 
E 5 HOH 21  3121 34  HOH HOH A . 
E 5 HOH 22  3122 20  HOH HOH A . 
E 5 HOH 23  3123 91  HOH HOH A . 
E 5 HOH 24  3124 144 HOH HOH A . 
E 5 HOH 25  3125 25  HOH HOH A . 
E 5 HOH 26  3126 128 HOH HOH A . 
E 5 HOH 27  3127 163 HOH HOH A . 
E 5 HOH 28  3128 141 HOH HOH A . 
E 5 HOH 29  3129 111 HOH HOH A . 
E 5 HOH 30  3130 116 HOH HOH A . 
E 5 HOH 31  3131 124 HOH HOH A . 
E 5 HOH 32  3132 172 HOH HOH A . 
E 5 HOH 33  3133 19  HOH HOH A . 
E 5 HOH 34  3134 162 HOH HOH A . 
E 5 HOH 35  3135 8   HOH HOH A . 
E 5 HOH 36  3136 72  HOH HOH A . 
E 5 HOH 37  3137 115 HOH HOH A . 
E 5 HOH 38  3138 54  HOH HOH A . 
E 5 HOH 39  3139 135 HOH HOH A . 
E 5 HOH 40  3140 12  HOH HOH A . 
E 5 HOH 41  3141 52  HOH HOH A . 
E 5 HOH 42  3142 38  HOH HOH A . 
E 5 HOH 43  3143 64  HOH HOH A . 
E 5 HOH 44  3144 36  HOH HOH A . 
E 5 HOH 45  3145 53  HOH HOH A . 
E 5 HOH 46  3146 46  HOH HOH A . 
E 5 HOH 47  3147 4   HOH HOH A . 
E 5 HOH 48  3148 69  HOH HOH A . 
E 5 HOH 49  3149 59  HOH HOH A . 
E 5 HOH 50  3150 61  HOH HOH A . 
E 5 HOH 51  3151 160 HOH HOH A . 
E 5 HOH 52  3152 78  HOH HOH A . 
E 5 HOH 53  3153 68  HOH HOH A . 
E 5 HOH 54  3154 26  HOH HOH A . 
E 5 HOH 55  3155 92  HOH HOH A . 
E 5 HOH 56  3156 104 HOH HOH A . 
E 5 HOH 57  3157 118 HOH HOH A . 
E 5 HOH 58  3158 11  HOH HOH A . 
E 5 HOH 59  3159 16  HOH HOH A . 
E 5 HOH 60  3160 131 HOH HOH A . 
E 5 HOH 61  3161 146 HOH HOH A . 
E 5 HOH 62  3162 39  HOH HOH A . 
E 5 HOH 63  3163 18  HOH HOH A . 
E 5 HOH 64  3164 94  HOH HOH A . 
E 5 HOH 65  3165 65  HOH HOH A . 
E 5 HOH 66  3166 113 HOH HOH A . 
E 5 HOH 67  3167 45  HOH HOH A . 
E 5 HOH 68  3168 117 HOH HOH A . 
E 5 HOH 69  3169 50  HOH HOH A . 
E 5 HOH 70  3170 13  HOH HOH A . 
E 5 HOH 71  3171 14  HOH HOH A . 
E 5 HOH 72  3172 31  HOH HOH A . 
E 5 HOH 73  3173 82  HOH HOH A . 
E 5 HOH 74  3174 151 HOH HOH A . 
E 5 HOH 75  3175 62  HOH HOH A . 
E 5 HOH 76  3176 22  HOH HOH A . 
E 5 HOH 77  3177 17  HOH HOH A . 
E 5 HOH 78  3178 150 HOH HOH A . 
E 5 HOH 79  3179 24  HOH HOH A . 
E 5 HOH 80  3180 145 HOH HOH A . 
E 5 HOH 81  3181 27  HOH HOH A . 
E 5 HOH 82  3182 79  HOH HOH A . 
E 5 HOH 83  3183 95  HOH HOH A . 
E 5 HOH 84  3184 126 HOH HOH A . 
E 5 HOH 85  3185 71  HOH HOH A . 
E 5 HOH 86  3186 6   HOH HOH A . 
E 5 HOH 87  3187 5   HOH HOH A . 
E 5 HOH 88  3188 142 HOH HOH A . 
E 5 HOH 89  3189 9   HOH HOH A . 
E 5 HOH 90  3190 3   HOH HOH A . 
E 5 HOH 91  3191 96  HOH HOH A . 
E 5 HOH 92  3192 47  HOH HOH A . 
E 5 HOH 93  3193 102 HOH HOH A . 
E 5 HOH 94  3194 48  HOH HOH A . 
E 5 HOH 95  3195 32  HOH HOH A . 
E 5 HOH 96  3196 155 HOH HOH A . 
E 5 HOH 97  3197 120 HOH HOH A . 
E 5 HOH 98  3198 51  HOH HOH A . 
E 5 HOH 99  3199 80  HOH HOH A . 
E 5 HOH 100 3200 149 HOH HOH A . 
E 5 HOH 101 3201 157 HOH HOH A . 
E 5 HOH 102 3202 60  HOH HOH A . 
E 5 HOH 103 3203 63  HOH HOH A . 
E 5 HOH 104 3204 15  HOH HOH A . 
E 5 HOH 105 3205 67  HOH HOH A . 
E 5 HOH 106 3206 134 HOH HOH A . 
E 5 HOH 107 3207 83  HOH HOH A . 
E 5 HOH 108 3208 133 HOH HOH A . 
E 5 HOH 109 3209 112 HOH HOH A . 
E 5 HOH 110 3210 2   HOH HOH A . 
E 5 HOH 111 3211 42  HOH HOH A . 
E 5 HOH 112 3212 89  HOH HOH A . 
E 5 HOH 113 3213 161 HOH HOH A . 
E 5 HOH 114 3214 108 HOH HOH A . 
E 5 HOH 115 3215 130 HOH HOH A . 
E 5 HOH 116 3216 7   HOH HOH A . 
E 5 HOH 117 3217 148 HOH HOH A . 
E 5 HOH 118 3218 35  HOH HOH A . 
E 5 HOH 119 3219 125 HOH HOH A . 
E 5 HOH 120 3220 109 HOH HOH A . 
E 5 HOH 121 3221 90  HOH HOH A . 
E 5 HOH 122 3222 49  HOH HOH A . 
E 5 HOH 123 3223 43  HOH HOH A . 
E 5 HOH 124 3224 73  HOH HOH A . 
E 5 HOH 125 3225 30  HOH HOH A . 
E 5 HOH 126 3226 87  HOH HOH A . 
E 5 HOH 127 3227 171 HOH HOH A . 
E 5 HOH 128 3228 165 HOH HOH A . 
E 5 HOH 129 3229 76  HOH HOH A . 
E 5 HOH 130 3230 70  HOH HOH A . 
E 5 HOH 131 3231 129 HOH HOH A . 
E 5 HOH 132 3232 168 HOH HOH A . 
E 5 HOH 133 3233 84  HOH HOH A . 
E 5 HOH 134 3234 114 HOH HOH A . 
E 5 HOH 135 3235 57  HOH HOH A . 
E 5 HOH 136 3236 10  HOH HOH A . 
E 5 HOH 137 3237 97  HOH HOH A . 
E 5 HOH 138 3238 100 HOH HOH A . 
E 5 HOH 139 3239 88  HOH HOH A . 
E 5 HOH 140 3240 138 HOH HOH A . 
E 5 HOH 141 3241 86  HOH HOH A . 
E 5 HOH 142 3242 136 HOH HOH A . 
E 5 HOH 143 3243 156 HOH HOH A . 
E 5 HOH 144 3244 132 HOH HOH A . 
E 5 HOH 145 3245 167 HOH HOH A . 
E 5 HOH 146 3246 75  HOH HOH A . 
E 5 HOH 147 3247 56  HOH HOH A . 
E 5 HOH 148 3248 107 HOH HOH A . 
E 5 HOH 149 3249 174 HOH HOH A . 
E 5 HOH 150 3250 58  HOH HOH A . 
E 5 HOH 151 3251 139 HOH HOH A . 
E 5 HOH 152 3252 85  HOH HOH A . 
E 5 HOH 153 3253 169 HOH HOH A . 
E 5 HOH 154 3254 152 HOH HOH A . 
E 5 HOH 155 3255 28  HOH HOH A . 
E 5 HOH 156 3256 173 HOH HOH A . 
E 5 HOH 157 3257 140 HOH HOH A . 
# 
loop_
_pdbx_unobs_or_zero_occ_atoms.id 
_pdbx_unobs_or_zero_occ_atoms.PDB_model_num 
_pdbx_unobs_or_zero_occ_atoms.polymer_flag 
_pdbx_unobs_or_zero_occ_atoms.occupancy_flag 
_pdbx_unobs_or_zero_occ_atoms.auth_asym_id 
_pdbx_unobs_or_zero_occ_atoms.auth_comp_id 
_pdbx_unobs_or_zero_occ_atoms.auth_seq_id 
_pdbx_unobs_or_zero_occ_atoms.PDB_ins_code 
_pdbx_unobs_or_zero_occ_atoms.auth_atom_id 
_pdbx_unobs_or_zero_occ_atoms.label_alt_id 
_pdbx_unobs_or_zero_occ_atoms.label_asym_id 
_pdbx_unobs_or_zero_occ_atoms.label_comp_id 
_pdbx_unobs_or_zero_occ_atoms.label_seq_id 
_pdbx_unobs_or_zero_occ_atoms.label_atom_id 
1 1 Y 1 A LYS 2843 ? CD ? A LYS 55 CD 
2 1 Y 1 A LYS 2843 ? CE ? A LYS 55 CE 
3 1 Y 1 A LYS 2843 ? NZ ? A LYS 55 NZ 
# 
loop_
_software.pdbx_ordinal 
_software.name 
_software.version 
_software.date 
_software.type 
_software.contact_author 
_software.contact_author_email 
_software.classification 
_software.location 
_software.language 
_software.citation_id 
1 REFMAC      5.8.0158 ?               program 'Garib N. Murshudov' garib@ysbl.york.ac.uk    refinement        
http://www.ccp4.ac.uk/dist/html/refmac5.html        Fortran_77 ? 
2 Aimless     0.5.31   12/12/16        program 'Phil Evans'         ?                        'data scaling'    
http://www.mrc-lmb.cam.ac.uk/harry/pre/aimless.html ?          ? 
3 PDB_EXTRACT 3.23     'SEP. 23, 2016' package PDB                  deposit@deposit.rcsb.org 'data extraction' 
http://sw-tools.pdb.org/apps/PDB_EXTRACT/           C++        ? 
4 XDS         .        ?               program ?                    ?                        'data reduction'  ? ?          ? 
5 REFMAC      .        ?               program ?                    ?                        phasing           ? ?          ? 
# 
_cell.entry_id           5R4L 
_cell.length_a           111.980 
_cell.length_b           27.410 
_cell.length_c           38.250 
_cell.angle_alpha        90.000 
_cell.angle_beta         96.350 
_cell.angle_gamma        90.000 
_cell.Z_PDB              4 
_cell.pdbx_unique_axis   ? 
# 
_symmetry.entry_id                         5R4L 
_symmetry.Int_Tables_number                5 
_symmetry.space_group_name_H-M             'C 1 2 1' 
_symmetry.pdbx_full_space_group_name_H-M   ? 
_symmetry.cell_setting                     ? 
# 
_exptl.crystals_number   1 
_exptl.entry_id          5R4L 
_exptl.method            'X-RAY DIFFRACTION' 
# 
_exptl_crystal.id                    1 
_exptl_crystal.pdbx_mosaicity        0.000 
_exptl_crystal.pdbx_mosaicity_esd    ? 
_exptl_crystal.density_Matthews      2.02 
_exptl_crystal.density_diffrn        ? 
_exptl_crystal.density_meas          ? 
_exptl_crystal.density_meas_temp     ? 
_exptl_crystal.density_percent_sol   39.05 
_exptl_crystal.size_max              ? 
_exptl_crystal.size_mid              ? 
_exptl_crystal.size_min              ? 
_exptl_crystal.size_rad              ? 
_exptl_crystal.description           ? 
# 
_exptl_crystal_grow.crystal_id      1 
_exptl_crystal_grow.method          'VAPOR DIFFUSION, SITTING DROP' 
_exptl_crystal_grow.pH              8.5 
_exptl_crystal_grow.temp            293 
_exptl_crystal_grow.pdbx_details    '30% PEG4000, 0.1M Tris pH 8.5, 0.2M MgCl2' 
_exptl_crystal_grow.temp_details    ? 
_exptl_crystal_grow.pdbx_pH_range   ? 
# 
_diffrn.id                     1 
_diffrn.ambient_temp           100 
_diffrn.crystal_id             1 
_diffrn.ambient_temp_details   ? 
# 
_diffrn_detector.detector               PIXEL 
_diffrn_detector.type                   'DECTRIS PILATUS 6M' 
_diffrn_detector.pdbx_collection_date   2017-03-09 
_diffrn_detector.diffrn_id              1 
_diffrn_detector.details                ? 
# 
_diffrn_radiation.diffrn_id                        1 
_diffrn_radiation.wavelength_id                    1 
_diffrn_radiation.pdbx_diffrn_protocol             'SINGLE WAVELENGTH' 
_diffrn_radiation.pdbx_monochromatic_or_laue_m_l   ? 
_diffrn_radiation.monochromator                    ? 
_diffrn_radiation.pdbx_scattering_type             x-ray 
# 
_diffrn_radiation_wavelength.id           1 
_diffrn_radiation_wavelength.wavelength   0.92819 
_diffrn_radiation_wavelength.wt           1.0 
# 
_diffrn_source.diffrn_id                   1 
_diffrn_source.source                      SYNCHROTRON 
_diffrn_source.type                        'DIAMOND BEAMLINE I04-1' 
_diffrn_source.pdbx_wavelength_list        0.92819 
_diffrn_source.pdbx_synchrotron_site       Diamond 
_diffrn_source.pdbx_synchrotron_beamline   I04-1 
_diffrn_source.pdbx_wavelength             ? 
# 
_reflns.entry_id                     5R4L 
_reflns.pdbx_diffrn_id               1 
_reflns.pdbx_ordinal                 1 
_reflns.observed_criterion_sigma_I   ? 
_reflns.observed_criterion_sigma_F   ? 
_reflns.d_resolution_low             26.610 
_reflns.d_resolution_high            1.130 
_reflns.number_obs                   39799 
_reflns.number_all                   ? 
_reflns.percent_possible_obs         91.100 
_reflns.pdbx_Rmerge_I_obs            0.030 
_reflns.pdbx_Rsym_value              ? 
_reflns.pdbx_netI_over_sigmaI        16.700 
_reflns.B_iso_Wilson_estimate        ? 
_reflns.pdbx_redundancy              2.600 
_reflns.pdbx_Rrim_I_all              0.036 
_reflns.pdbx_Rpim_I_all              0.020 
_reflns.pdbx_CC_half                 0.999 
_reflns.pdbx_netI_over_av_sigmaI     ? 
_reflns.pdbx_number_measured_all     104198 
_reflns.pdbx_scaling_rejects         0 
_reflns.pdbx_chi_squared             ? 
_reflns.Rmerge_F_all                 ? 
_reflns.Rmerge_F_obs                 ? 
_reflns.observed_criterion_F_max     ? 
_reflns.observed_criterion_F_min     ? 
_reflns.observed_criterion_I_max     ? 
_reflns.observed_criterion_I_min     ? 
_reflns.pdbx_d_res_high_opt          ? 
_reflns.pdbx_d_res_low_opt           ? 
_reflns.details                      ? 
# 
loop_
_reflns_shell.pdbx_diffrn_id 
_reflns_shell.pdbx_ordinal 
_reflns_shell.d_res_high 
_reflns_shell.d_res_low 
_reflns_shell.number_measured_obs 
_reflns_shell.number_measured_all 
_reflns_shell.number_unique_obs 
_reflns_shell.pdbx_rejects 
_reflns_shell.Rmerge_I_obs 
_reflns_shell.meanI_over_sigI_obs 
_reflns_shell.pdbx_Rsym_value 
_reflns_shell.pdbx_chi_squared 
_reflns_shell.pdbx_redundancy 
_reflns_shell.percent_possible_obs 
_reflns_shell.pdbx_netI_over_sigmaI_obs 
_reflns_shell.number_possible 
_reflns_shell.number_unique_all 
_reflns_shell.Rmerge_F_all 
_reflns_shell.Rmerge_F_obs 
_reflns_shell.Rmerge_I_all 
_reflns_shell.meanI_over_sigI_all 
_reflns_shell.percent_possible_all 
_reflns_shell.pdbx_Rrim_I_all 
_reflns_shell.pdbx_Rpim_I_all 
_reflns_shell.pdbx_CC_half 
1 1 1.130 1.160  ? 1775 ? ? 0.470 ? ? ? 1.200 ? 1.500  ? 1474 ? ? ? ? 46.000 0.658 0.459 0.558 
1 2 5.050 26.610 ? 1522 ? ? 0.016 ? ? ? 3.000 ? 55.700 ? 514  ? ? ? ? 95.200 0.020 0.011 0.999 
# 
_refine.entry_id                                 5R4L 
_refine.pdbx_refine_id                           'X-RAY DIFFRACTION' 
_refine.ls_d_res_high                            1.1300 
_refine.ls_d_res_low                             55.7100 
_refine.pdbx_ls_sigma_F                          0.000 
_refine.pdbx_data_cutoff_high_absF               ? 
_refine.pdbx_data_cutoff_low_absF                ? 
_refine.ls_percent_reflns_obs                    91.1300 
_refine.ls_number_reflns_obs                     37868 
_refine.ls_number_reflns_all                     ? 
_refine.pdbx_ls_cross_valid_method               THROUGHOUT 
_refine.ls_matrix_type                           ? 
_refine.pdbx_R_Free_selection_details            RANDOM 
_refine.details                                  
'HYDROGENS HAVE BEEN ADDED IN THE RIDING POSITIONS U VALUES      : REFINED INDIVIDUALLY' 
_refine.ls_R_factor_all                          ? 
_refine.ls_R_factor_obs                          0.1929 
_refine.ls_R_factor_R_work                       0.1920 
_refine.ls_wR_factor_R_work                      ? 
_refine.ls_R_factor_R_free                       0.2091 
_refine.ls_wR_factor_R_free                      ? 
_refine.ls_percent_reflns_R_free                 4.8000 
_refine.ls_number_reflns_R_free                  1930 
_refine.ls_number_reflns_R_work                  ? 
_refine.ls_R_factor_R_free_error                 ? 
_refine.B_iso_mean                               14.6610 
_refine.solvent_model_param_bsol                 ? 
_refine.solvent_model_param_ksol                 ? 
_refine.pdbx_isotropic_thermal_model             ? 
_refine.aniso_B[1][1]                            0.2500 
_refine.aniso_B[2][2]                            -0.3700 
_refine.aniso_B[3][3]                            0.2300 
_refine.aniso_B[1][2]                            0.0000 
_refine.aniso_B[1][3]                            -0.4800 
_refine.aniso_B[2][3]                            0.0000 
_refine.correlation_coeff_Fo_to_Fc               0.9640 
_refine.correlation_coeff_Fo_to_Fc_free          0.9600 
_refine.overall_SU_R_Cruickshank_DPI             ? 
_refine.pdbx_overall_SU_R_free_Cruickshank_DPI   ? 
_refine.pdbx_overall_SU_R_Blow_DPI               ? 
_refine.pdbx_overall_SU_R_free_Blow_DPI          ? 
_refine.overall_SU_R_free                        ? 
_refine.pdbx_overall_ESU_R                       0.0510 
_refine.pdbx_overall_ESU_R_Free                  0.0510 
_refine.overall_SU_ML                            0.0360 
_refine.overall_SU_B                             0.7780 
_refine.solvent_model_details                    MASK 
_refine.pdbx_solvent_vdw_probe_radii             1.2000 
_refine.pdbx_solvent_ion_probe_radii             0.8000 
_refine.pdbx_solvent_shrinkage_radii             0.8000 
_refine.ls_number_parameters                     ? 
_refine.ls_number_restraints                     ? 
_refine.pdbx_starting_model                      3UV2 
_refine.pdbx_method_to_determine_struct          'FOURIER SYNTHESIS' 
_refine.pdbx_stereochemistry_target_values       'MAXIMUM LIKELIHOOD' 
_refine.pdbx_stereochem_target_val_spec_case     ? 
_refine.overall_FOM_work_R_set                   ? 
_refine.B_iso_max                                74.600 
_refine.B_iso_min                                6.380 
_refine.pdbx_overall_phase_error                 ? 
_refine.occupancy_max                            ? 
_refine.occupancy_min                            ? 
_refine.pdbx_diffrn_id                           1 
_refine.pdbx_TLS_residual_ADP_flag               ? 
_refine.pdbx_ls_sigma_I                          ? 
_refine.pdbx_data_cutoff_high_rms_absF           ? 
_refine.ls_R_factor_R_free_error_details         ? 
# 
_refine_hist.cycle_id                         final 
_refine_hist.pdbx_refine_id                   'X-RAY DIFFRACTION' 
_refine_hist.d_res_high                       1.1300 
_refine_hist.d_res_low                        55.7100 
_refine_hist.pdbx_number_atoms_ligand         29 
_refine_hist.number_atoms_solvent             157 
_refine_hist.number_atoms_total               1169 
_refine_hist.pdbx_number_residues_total       119 
_refine_hist.pdbx_B_iso_mean_ligand           34.04 
_refine_hist.pdbx_B_iso_mean_solvent          25.34 
_refine_hist.pdbx_number_atoms_protein        983 
_refine_hist.pdbx_number_atoms_nucleic_acid   0 
# 
loop_
_refine_ls_restr.pdbx_refine_id 
_refine_ls_restr.type 
_refine_ls_restr.number 
_refine_ls_restr.dev_ideal 
_refine_ls_restr.dev_ideal_target 
_refine_ls_restr.weight 
_refine_ls_restr.pdbx_restraint_function 
'X-RAY DIFFRACTION' r_bond_refined_d       1787 0.009  0.019  ? ? 
'X-RAY DIFFRACTION' r_bond_other_d         1310 0.002  0.020  ? ? 
'X-RAY DIFFRACTION' r_angle_refined_deg    2086 1.232  1.964  ? ? 
'X-RAY DIFFRACTION' r_angle_other_deg      3085 0.919  2.958  ? ? 
'X-RAY DIFFRACTION' r_dihedral_angle_1_deg 202  4.185  5.000  ? ? 
'X-RAY DIFFRACTION' r_dihedral_angle_2_deg 79   35.803 24.430 ? ? 
'X-RAY DIFFRACTION' r_dihedral_angle_3_deg 256  12.981 15.000 ? ? 
'X-RAY DIFFRACTION' r_dihedral_angle_4_deg 10   15.673 15.000 ? ? 
'X-RAY DIFFRACTION' r_chiral_restr         200  0.073  0.200  ? ? 
'X-RAY DIFFRACTION' r_gen_planes_refined   1862 0.004  0.021  ? ? 
'X-RAY DIFFRACTION' r_gen_planes_other     336  0.002  0.020  ? ? 
'X-RAY DIFFRACTION' r_mcbond_it            834  0.575  1.400  ? ? 
'X-RAY DIFFRACTION' r_mcbond_other         815  0.581  1.368  ? ? 
'X-RAY DIFFRACTION' r_mcangle_it           940  1.122  2.022  ? ? 
# 
_refine_ls_shell.d_res_high                       1.1300 
_refine_ls_shell.d_res_low                        1.1590 
_refine_ls_shell.pdbx_total_number_of_bins_used   20 
_refine_ls_shell.percent_reflns_obs               46.0100 
_refine_ls_shell.number_reflns_R_work             1415 
_refine_ls_shell.R_factor_all                     ? 
_refine_ls_shell.R_factor_R_work                  0.2960 
_refine_ls_shell.R_factor_R_free                  0.3140 
_refine_ls_shell.percent_reflns_R_free            ? 
_refine_ls_shell.number_reflns_R_free             55 
_refine_ls_shell.R_factor_R_free_error            ? 
_refine_ls_shell.number_reflns_all                1470 
_refine_ls_shell.number_reflns_obs                ? 
_refine_ls_shell.pdbx_refine_id                   'X-RAY DIFFRACTION' 
_refine_ls_shell.R_factor_obs                     ? 
# 
_struct.entry_id                  5R4L 
_struct.title                     
;PanDDA analysis group deposition -- CRYSTAL STRUCTURE OF THE BROMODOMAIN OF HUMAN NUCLEOSOME-REMODELING FACTOR SUBUNIT BPTF in complex with FMOPL000349a
;
_struct.pdbx_model_details        ? 
_struct.pdbx_CASP_flag            ? 
_struct.pdbx_model_type_details   ? 
# 
_struct_keywords.entry_id        5R4L 
_struct_keywords.text            
;PanDDA, SGC - Diamond I04-1 fragment screening, XChemExplorer, BROMODOMAIN, BPTF, FALZ, FAC1, BROMODOMAIN AND PHD FINGER-CONTAINING TRANSCRIPTION FACTOR, FETAL ALZ-50 CLONE 1 PROTEIN, TRANSCRIPTION
;
_struct_keywords.pdbx_keywords   TRANSCRIPTION 
# 
loop_
_struct_asym.id 
_struct_asym.pdbx_blank_PDB_chainid_flag 
_struct_asym.pdbx_modified 
_struct_asym.entity_id 
_struct_asym.details 
A N N 1 ? 
B N N 2 ? 
C N N 3 ? 
D N N 4 ? 
E N N 5 ? 
# 
_struct_ref.id                         1 
_struct_ref.db_name                    UNP 
_struct_ref.db_code                    BPTF_HUMAN 
_struct_ref.pdbx_db_accession          Q12830 
_struct_ref.pdbx_db_isoform            ? 
_struct_ref.entity_id                  1 
_struct_ref.pdbx_seq_one_letter_code   
;STEDAMTVLTPLTEKDYEGLKRVLRSLQAHKMAWPFLEPVDPNDAPDYYGVIKEPMDLATMEERVQRRYYEKLTEFVADM
TKIFDNCRYYNPSDSPFYQCAEVLESFFVQKLKGFKASRSH
;
_struct_ref.pdbx_align_begin           2917 
# 
_struct_ref_seq.align_id                      1 
_struct_ref_seq.ref_id                        1 
_struct_ref_seq.pdbx_PDB_id_code              5R4L 
_struct_ref_seq.pdbx_strand_id                A 
_struct_ref_seq.seq_align_beg                 3 
_struct_ref_seq.pdbx_seq_align_beg_ins_code   ? 
_struct_ref_seq.seq_align_end                 123 
_struct_ref_seq.pdbx_seq_align_end_ins_code   ? 
_struct_ref_seq.pdbx_db_accession             Q12830 
_struct_ref_seq.db_align_beg                  2917 
_struct_ref_seq.pdbx_db_align_beg_ins_code    ? 
_struct_ref_seq.db_align_end                  3037 
_struct_ref_seq.pdbx_db_align_end_ins_code    ? 
_struct_ref_seq.pdbx_auth_seq_align_beg       2791 
_struct_ref_seq.pdbx_auth_seq_align_end       2911 
# 
loop_
_struct_ref_seq_dif.align_id 
_struct_ref_seq_dif.pdbx_pdb_id_code 
_struct_ref_seq_dif.mon_id 
_struct_ref_seq_dif.pdbx_pdb_strand_id 
_struct_ref_seq_dif.seq_num 
_struct_ref_seq_dif.pdbx_pdb_ins_code 
_struct_ref_seq_dif.pdbx_seq_db_name 
_struct_ref_seq_dif.pdbx_seq_db_accession_code 
_struct_ref_seq_dif.db_mon_id 
_struct_ref_seq_dif.pdbx_seq_db_seq_num 
_struct_ref_seq_dif.details 
_struct_ref_seq_dif.pdbx_auth_seq_num 
_struct_ref_seq_dif.pdbx_ordinal 
1 5R4L SER A 1 ? UNP Q12830 ? ? 'expression tag' 2789 1 
1 5R4L MET A 2 ? UNP Q12830 ? ? 'expression tag' 2790 2 
# 
_pdbx_struct_assembly.id                   1 
_pdbx_struct_assembly.details              author_and_software_defined_assembly 
_pdbx_struct_assembly.method_details       PISA 
_pdbx_struct_assembly.oligomeric_details   monomeric 
_pdbx_struct_assembly.oligomeric_count     1 
# 
_pdbx_struct_assembly_gen.assembly_id       1 
_pdbx_struct_assembly_gen.oper_expression   1 
_pdbx_struct_assembly_gen.asym_id_list      A,B,C,D,E 
# 
_pdbx_struct_oper_list.id                   1 
_pdbx_struct_oper_list.type                 'identity operation' 
_pdbx_struct_oper_list.name                 1_555 
_pdbx_struct_oper_list.symmetry_operation   x,y,z 
_pdbx_struct_oper_list.matrix[1][1]         1.0000000000 
_pdbx_struct_oper_list.matrix[1][2]         0.0000000000 
_pdbx_struct_oper_list.matrix[1][3]         0.0000000000 
_pdbx_struct_oper_list.vector[1]            0.0000000000 
_pdbx_struct_oper_list.matrix[2][1]         0.0000000000 
_pdbx_struct_oper_list.matrix[2][2]         1.0000000000 
_pdbx_struct_oper_list.matrix[2][3]         0.0000000000 
_pdbx_struct_oper_list.vector[2]            0.0000000000 
_pdbx_struct_oper_list.matrix[3][1]         0.0000000000 
_pdbx_struct_oper_list.matrix[3][2]         0.0000000000 
_pdbx_struct_oper_list.matrix[3][3]         1.0000000000 
_pdbx_struct_oper_list.vector[3]            0.0000000000 
# 
loop_
_struct_conf.conf_type_id 
_struct_conf.id 
_struct_conf.pdbx_PDB_helix_id 
_struct_conf.beg_label_comp_id 
_struct_conf.beg_label_asym_id 
_struct_conf.beg_label_seq_id 
_struct_conf.pdbx_beg_PDB_ins_code 
_struct_conf.end_label_comp_id 
_struct_conf.end_label_asym_id 
_struct_conf.end_label_seq_id 
_struct_conf.pdbx_end_PDB_ins_code 
_struct_conf.beg_auth_comp_id 
_struct_conf.beg_auth_asym_id 
_struct_conf.beg_auth_seq_id 
_struct_conf.end_auth_comp_id 
_struct_conf.end_auth_asym_id 
_struct_conf.end_auth_seq_id 
_struct_conf.pdbx_PDB_helix_class 
_struct_conf.details 
_struct_conf.pdbx_PDB_helix_length 
HELX_P HELX_P1 AA1 ASP A 6  ? THR A 12  ? ASP A 2794 THR A 2800 1 ? 7  
HELX_P HELX_P2 AA2 THR A 15 ? ALA A 31  ? THR A 2803 ALA A 2819 1 ? 17 
HELX_P HELX_P3 AA3 ALA A 35 ? LEU A 39  ? ALA A 2823 LEU A 2827 5 ? 5  
HELX_P HELX_P4 AA4 ASP A 49 ? ILE A 54  ? ASP A 2837 ILE A 2842 1 ? 6  
HELX_P HELX_P5 AA5 ASP A 59 ? ARG A 69  ? ASP A 2847 ARG A 2857 1 ? 11 
HELX_P HELX_P6 AA6 LYS A 74 ? ASN A 93  ? LYS A 2862 ASN A 2881 1 ? 20 
HELX_P HELX_P7 AA7 SER A 97 ? HIS A 123 ? SER A 2885 HIS A 2911 1 ? 27 
# 
_struct_conf_type.id          HELX_P 
_struct_conf_type.criteria    ? 
_struct_conf_type.reference   ? 
# 
loop_
_struct_site.id 
_struct_site.pdbx_evidence_code 
_struct_site.pdbx_auth_asym_id 
_struct_site.pdbx_auth_comp_id 
_struct_site.pdbx_auth_seq_id 
_struct_site.pdbx_auth_ins_code 
_struct_site.pdbx_num_residues 
_struct_site.details 
AC1 Software A DMS 3001 ? 4 'binding site for residue DMS A 3001' 
AC2 Software A TRS 3002 ? 9 'binding site for residue TRS A 3002' 
AC3 Software A RV4 3003 ? 7 'binding site for residue RV4 A 3003' 
# 
loop_
_struct_site_gen.id 
_struct_site_gen.site_id 
_struct_site_gen.pdbx_num_res 
_struct_site_gen.label_comp_id 
_struct_site_gen.label_asym_id 
_struct_site_gen.label_seq_id 
_struct_site_gen.pdbx_auth_ins_code 
_struct_site_gen.auth_comp_id 
_struct_site_gen.auth_asym_id 
_struct_site_gen.auth_seq_id 
_struct_site_gen.label_atom_id 
_struct_site_gen.label_alt_id 
_struct_site_gen.symmetry 
_struct_site_gen.details 
1  AC1 4 GLN A 30  ? GLN A 2818 . ? 1_555 ? 
2  AC1 4 ALA A 31  ? ALA A 2819 . ? 1_555 ? 
3  AC1 4 HIS A 32  ? HIS A 2820 . ? 1_555 ? 
4  AC1 4 TRP A 36  ? TRP A 2824 . ? 1_555 ? 
5  AC2 9 LYS A 23  ? LYS A 2811 . ? 4_455 ? 
6  AC2 9 ARG A 27  ? ARG A 2815 . ? 4_455 ? 
7  AC2 9 SER A 28  ? SER A 2816 . ? 1_555 ? 
8  AC2 9 PHE A 109 ? PHE A 2897 . ? 1_555 ? 
9  AC2 9 LYS A 113 ? LYS A 2901 . ? 1_555 ? 
10 AC2 9 HOH E .   ? HOH A 3101 . ? 1_555 ? 
11 AC2 9 HOH E .   ? HOH A 3121 . ? 4_455 ? 
12 AC2 9 HOH E .   ? HOH A 3184 . ? 1_555 ? 
13 AC2 9 HOH E .   ? HOH A 3203 . ? 1_555 ? 
14 AC3 7 PRO A 37  ? PRO A 2825 . ? 1_555 ? 
15 AC3 7 ASP A 46  ? ASP A 2834 . ? 1_555 ? 
16 AC3 7 ALA A 47  ? ALA A 2835 . ? 1_555 ? 
17 AC3 7 ASN A 93  ? ASN A 2881 . ? 1_555 ? 
18 AC3 7 PHE A 99  ? PHE A 2887 . ? 1_555 ? 
19 AC3 7 HOH E .   ? HOH A 3110 . ? 1_555 ? 
20 AC3 7 HOH E .   ? HOH A 3188 . ? 1_555 ? 
# 
_phasing.method   MR 
# 
_pdbx_entry_details.entry_id                 5R4L 
_pdbx_entry_details.has_ligand_of_interest   Y 
_pdbx_entry_details.compound_details         ? 
_pdbx_entry_details.source_details           ? 
_pdbx_entry_details.nonpolymer_details       ? 
_pdbx_entry_details.sequence_details         ? 
# 
loop_
_pdbx_unobs_or_zero_occ_residues.id 
_pdbx_unobs_or_zero_occ_residues.PDB_model_num 
_pdbx_unobs_or_zero_occ_residues.polymer_flag 
_pdbx_unobs_or_zero_occ_residues.occupancy_flag 
_pdbx_unobs_or_zero_occ_residues.auth_asym_id 
_pdbx_unobs_or_zero_occ_residues.auth_comp_id 
_pdbx_unobs_or_zero_occ_residues.auth_seq_id 
_pdbx_unobs_or_zero_occ_residues.PDB_ins_code 
_pdbx_unobs_or_zero_occ_residues.label_asym_id 
_pdbx_unobs_or_zero_occ_residues.label_comp_id 
_pdbx_unobs_or_zero_occ_residues.label_seq_id 
1 1 Y 1 A SER 2789 ? A SER 1 
2 1 Y 1 A MET 2790 ? A MET 2 
3 1 Y 1 A SER 2791 ? A SER 3 
4 1 Y 1 A THR 2792 ? A THR 4 
# 
loop_
_chem_comp_atom.comp_id 
_chem_comp_atom.atom_id 
_chem_comp_atom.type_symbol 
_chem_comp_atom.pdbx_aromatic_flag 
_chem_comp_atom.pdbx_stereo_config 
_chem_comp_atom.pdbx_ordinal 
ALA N    N N N 1   
ALA CA   C N S 2   
ALA C    C N N 3   
ALA O    O N N 4   
ALA CB   C N N 5   
ALA OXT  O N N 6   
ALA H    H N N 7   
ALA H2   H N N 8   
ALA HA   H N N 9   
ALA HB1  H N N 10  
ALA HB2  H N N 11  
ALA HB3  H N N 12  
ALA HXT  H N N 13  
ARG N    N N N 14  
ARG CA   C N S 15  
ARG C    C N N 16  
ARG O    O N N 17  
ARG CB   C N N 18  
ARG CG   C N N 19  
ARG CD   C N N 20  
ARG NE   N N N 21  
ARG CZ   C N N 22  
ARG NH1  N N N 23  
ARG NH2  N N N 24  
ARG OXT  O N N 25  
ARG H    H N N 26  
ARG H2   H N N 27  
ARG HA   H N N 28  
ARG HB2  H N N 29  
ARG HB3  H N N 30  
ARG HG2  H N N 31  
ARG HG3  H N N 32  
ARG HD2  H N N 33  
ARG HD3  H N N 34  
ARG HE   H N N 35  
ARG HH11 H N N 36  
ARG HH12 H N N 37  
ARG HH21 H N N 38  
ARG HH22 H N N 39  
ARG HXT  H N N 40  
ASN N    N N N 41  
ASN CA   C N S 42  
ASN C    C N N 43  
ASN O    O N N 44  
ASN CB   C N N 45  
ASN CG   C N N 46  
ASN OD1  O N N 47  
ASN ND2  N N N 48  
ASN OXT  O N N 49  
ASN H    H N N 50  
ASN H2   H N N 51  
ASN HA   H N N 52  
ASN HB2  H N N 53  
ASN HB3  H N N 54  
ASN HD21 H N N 55  
ASN HD22 H N N 56  
ASN HXT  H N N 57  
ASP N    N N N 58  
ASP CA   C N S 59  
ASP C    C N N 60  
ASP O    O N N 61  
ASP CB   C N N 62  
ASP CG   C N N 63  
ASP OD1  O N N 64  
ASP OD2  O N N 65  
ASP OXT  O N N 66  
ASP H    H N N 67  
ASP H2   H N N 68  
ASP HA   H N N 69  
ASP HB2  H N N 70  
ASP HB3  H N N 71  
ASP HD2  H N N 72  
ASP HXT  H N N 73  
CYS N    N N N 74  
CYS CA   C N R 75  
CYS C    C N N 76  
CYS O    O N N 77  
CYS CB   C N N 78  
CYS SG   S N N 79  
CYS OXT  O N N 80  
CYS H    H N N 81  
CYS H2   H N N 82  
CYS HA   H N N 83  
CYS HB2  H N N 84  
CYS HB3  H N N 85  
CYS HG   H N N 86  
CYS HXT  H N N 87  
DMS S    S N N 88  
DMS O    O N N 89  
DMS C1   C N N 90  
DMS C2   C N N 91  
DMS H11  H N N 92  
DMS H12  H N N 93  
DMS H13  H N N 94  
DMS H21  H N N 95  
DMS H22  H N N 96  
DMS H23  H N N 97  
GLN N    N N N 98  
GLN CA   C N S 99  
GLN C    C N N 100 
GLN O    O N N 101 
GLN CB   C N N 102 
GLN CG   C N N 103 
GLN CD   C N N 104 
GLN OE1  O N N 105 
GLN NE2  N N N 106 
GLN OXT  O N N 107 
GLN H    H N N 108 
GLN H2   H N N 109 
GLN HA   H N N 110 
GLN HB2  H N N 111 
GLN HB3  H N N 112 
GLN HG2  H N N 113 
GLN HG3  H N N 114 
GLN HE21 H N N 115 
GLN HE22 H N N 116 
GLN HXT  H N N 117 
GLU N    N N N 118 
GLU CA   C N S 119 
GLU C    C N N 120 
GLU O    O N N 121 
GLU CB   C N N 122 
GLU CG   C N N 123 
GLU CD   C N N 124 
GLU OE1  O N N 125 
GLU OE2  O N N 126 
GLU OXT  O N N 127 
GLU H    H N N 128 
GLU H2   H N N 129 
GLU HA   H N N 130 
GLU HB2  H N N 131 
GLU HB3  H N N 132 
GLU HG2  H N N 133 
GLU HG3  H N N 134 
GLU HE2  H N N 135 
GLU HXT  H N N 136 
GLY N    N N N 137 
GLY CA   C N N 138 
GLY C    C N N 139 
GLY O    O N N 140 
GLY OXT  O N N 141 
GLY H    H N N 142 
GLY H2   H N N 143 
GLY HA2  H N N 144 
GLY HA3  H N N 145 
GLY HXT  H N N 146 
HIS N    N N N 147 
HIS CA   C N S 148 
HIS C    C N N 149 
HIS O    O N N 150 
HIS CB   C N N 151 
HIS CG   C Y N 152 
HIS ND1  N Y N 153 
HIS CD2  C Y N 154 
HIS CE1  C Y N 155 
HIS NE2  N Y N 156 
HIS OXT  O N N 157 
HIS H    H N N 158 
HIS H2   H N N 159 
HIS HA   H N N 160 
HIS HB2  H N N 161 
HIS HB3  H N N 162 
HIS HD1  H N N 163 
HIS HD2  H N N 164 
HIS HE1  H N N 165 
HIS HE2  H N N 166 
HIS HXT  H N N 167 
HOH O    O N N 168 
HOH H1   H N N 169 
HOH H2   H N N 170 
ILE N    N N N 171 
ILE CA   C N S 172 
ILE C    C N N 173 
ILE O    O N N 174 
ILE CB   C N S 175 
ILE CG1  C N N 176 
ILE CG2  C N N 177 
ILE CD1  C N N 178 
ILE OXT  O N N 179 
ILE H    H N N 180 
ILE H2   H N N 181 
ILE HA   H N N 182 
ILE HB   H N N 183 
ILE HG12 H N N 184 
ILE HG13 H N N 185 
ILE HG21 H N N 186 
ILE HG22 H N N 187 
ILE HG23 H N N 188 
ILE HD11 H N N 189 
ILE HD12 H N N 190 
ILE HD13 H N N 191 
ILE HXT  H N N 192 
LEU N    N N N 193 
LEU CA   C N S 194 
LEU C    C N N 195 
LEU O    O N N 196 
LEU CB   C N N 197 
LEU CG   C N N 198 
LEU CD1  C N N 199 
LEU CD2  C N N 200 
LEU OXT  O N N 201 
LEU H    H N N 202 
LEU H2   H N N 203 
LEU HA   H N N 204 
LEU HB2  H N N 205 
LEU HB3  H N N 206 
LEU HG   H N N 207 
LEU HD11 H N N 208 
LEU HD12 H N N 209 
LEU HD13 H N N 210 
LEU HD21 H N N 211 
LEU HD22 H N N 212 
LEU HD23 H N N 213 
LEU HXT  H N N 214 
LYS N    N N N 215 
LYS CA   C N S 216 
LYS C    C N N 217 
LYS O    O N N 218 
LYS CB   C N N 219 
LYS CG   C N N 220 
LYS CD   C N N 221 
LYS CE   C N N 222 
LYS NZ   N N N 223 
LYS OXT  O N N 224 
LYS H    H N N 225 
LYS H2   H N N 226 
LYS HA   H N N 227 
LYS HB2  H N N 228 
LYS HB3  H N N 229 
LYS HG2  H N N 230 
LYS HG3  H N N 231 
LYS HD2  H N N 232 
LYS HD3  H N N 233 
LYS HE2  H N N 234 
LYS HE3  H N N 235 
LYS HZ1  H N N 236 
LYS HZ2  H N N 237 
LYS HZ3  H N N 238 
LYS HXT  H N N 239 
MET N    N N N 240 
MET CA   C N S 241 
MET C    C N N 242 
MET O    O N N 243 
MET CB   C N N 244 
MET CG   C N N 245 
MET SD   S N N 246 
MET CE   C N N 247 
MET OXT  O N N 248 
MET H    H N N 249 
MET H2   H N N 250 
MET HA   H N N 251 
MET HB2  H N N 252 
MET HB3  H N N 253 
MET HG2  H N N 254 
MET HG3  H N N 255 
MET HE1  H N N 256 
MET HE2  H N N 257 
MET HE3  H N N 258 
MET HXT  H N N 259 
PHE N    N N N 260 
PHE CA   C N S 261 
PHE C    C N N 262 
PHE O    O N N 263 
PHE CB   C N N 264 
PHE CG   C Y N 265 
PHE CD1  C Y N 266 
PHE CD2  C Y N 267 
PHE CE1  C Y N 268 
PHE CE2  C Y N 269 
PHE CZ   C Y N 270 
PHE OXT  O N N 271 
PHE H    H N N 272 
PHE H2   H N N 273 
PHE HA   H N N 274 
PHE HB2  H N N 275 
PHE HB3  H N N 276 
PHE HD1  H N N 277 
PHE HD2  H N N 278 
PHE HE1  H N N 279 
PHE HE2  H N N 280 
PHE HZ   H N N 281 
PHE HXT  H N N 282 
PRO N    N N N 283 
PRO CA   C N S 284 
PRO C    C N N 285 
PRO O    O N N 286 
PRO CB   C N N 287 
PRO CG   C N N 288 
PRO CD   C N N 289 
PRO OXT  O N N 290 
PRO H    H N N 291 
PRO HA   H N N 292 
PRO HB2  H N N 293 
PRO HB3  H N N 294 
PRO HG2  H N N 295 
PRO HG3  H N N 296 
PRO HD2  H N N 297 
PRO HD3  H N N 298 
PRO HXT  H N N 299 
RV4 N1   N N N 300 
RV4 C4   C Y N 301 
RV4 C5   C Y N 302 
RV4 C6   C Y N 303 
RV4 C7   C Y N 304 
RV4 C8   C Y N 305 
RV4 C10  C N N 306 
RV4 C13  C N N 307 
RV4 C1   C N N 308 
RV4 C11  C N N 309 
RV4 C12  C N N 310 
RV4 C2   C N N 311 
RV4 C3   C Y N 312 
RV4 C9   C N N 313 
RV4 N2   N N N 314 
RV4 O1   O N N 315 
RV4 O2   O N N 316 
RV4 H1   H N N 317 
RV4 H2   H N N 318 
RV4 H3   H N N 319 
RV4 H4   H N N 320 
RV4 H5   H N N 321 
RV4 H6   H N N 322 
RV4 H7   H N N 323 
RV4 H8   H N N 324 
RV4 H9   H N N 325 
RV4 H10  H N N 326 
RV4 H11  H N N 327 
RV4 H12  H N N 328 
RV4 H13  H N N 329 
RV4 H14  H N N 330 
RV4 H15  H N N 331 
RV4 H16  H N N 332 
RV4 H17  H N N 333 
RV4 H18  H N N 334 
SER N    N N N 335 
SER CA   C N S 336 
SER C    C N N 337 
SER O    O N N 338 
SER CB   C N N 339 
SER OG   O N N 340 
SER OXT  O N N 341 
SER H    H N N 342 
SER H2   H N N 343 
SER HA   H N N 344 
SER HB2  H N N 345 
SER HB3  H N N 346 
SER HG   H N N 347 
SER HXT  H N N 348 
THR N    N N N 349 
THR CA   C N S 350 
THR C    C N N 351 
THR O    O N N 352 
THR CB   C N R 353 
THR OG1  O N N 354 
THR CG2  C N N 355 
THR OXT  O N N 356 
THR H    H N N 357 
THR H2   H N N 358 
THR HA   H N N 359 
THR HB   H N N 360 
THR HG1  H N N 361 
THR HG21 H N N 362 
THR HG22 H N N 363 
THR HG23 H N N 364 
THR HXT  H N N 365 
TRP N    N N N 366 
TRP CA   C N S 367 
TRP C    C N N 368 
TRP O    O N N 369 
TRP CB   C N N 370 
TRP CG   C Y N 371 
TRP CD1  C Y N 372 
TRP CD2  C Y N 373 
TRP NE1  N Y N 374 
TRP CE2  C Y N 375 
TRP CE3  C Y N 376 
TRP CZ2  C Y N 377 
TRP CZ3  C Y N 378 
TRP CH2  C Y N 379 
TRP OXT  O N N 380 
TRP H    H N N 381 
TRP H2   H N N 382 
TRP HA   H N N 383 
TRP HB2  H N N 384 
TRP HB3  H N N 385 
TRP HD1  H N N 386 
TRP HE1  H N N 387 
TRP HE3  H N N 388 
TRP HZ2  H N N 389 
TRP HZ3  H N N 390 
TRP HH2  H N N 391 
TRP HXT  H N N 392 
TRS C    C N N 393 
TRS C1   C N N 394 
TRS C2   C N N 395 
TRS C3   C N N 396 
TRS N    N N N 397 
TRS O1   O N N 398 
TRS O2   O N N 399 
TRS O3   O N N 400 
TRS H11  H N N 401 
TRS H12  H N N 402 
TRS H21  H N N 403 
TRS H22  H N N 404 
TRS H31  H N N 405 
TRS H32  H N N 406 
TRS HN1  H N N 407 
TRS HN2  H N N 408 
TRS HN3  H N N 409 
TRS HO1  H N N 410 
TRS HO2  H N N 411 
TRS HO3  H N N 412 
TYR N    N N N 413 
TYR CA   C N S 414 
TYR C    C N N 415 
TYR O    O N N 416 
TYR CB   C N N 417 
TYR CG   C Y N 418 
TYR CD1  C Y N 419 
TYR CD2  C Y N 420 
TYR CE1  C Y N 421 
TYR CE2  C Y N 422 
TYR CZ   C Y N 423 
TYR OH   O N N 424 
TYR OXT  O N N 425 
TYR H    H N N 426 
TYR H2   H N N 427 
TYR HA   H N N 428 
TYR HB2  H N N 429 
TYR HB3  H N N 430 
TYR HD1  H N N 431 
TYR HD2  H N N 432 
TYR HE1  H N N 433 
TYR HE2  H N N 434 
TYR HH   H N N 435 
TYR HXT  H N N 436 
VAL N    N N N 437 
VAL CA   C N S 438 
VAL C    C N N 439 
VAL O    O N N 440 
VAL CB   C N N 441 
VAL CG1  C N N 442 
VAL CG2  C N N 443 
VAL OXT  O N N 444 
VAL H    H N N 445 
VAL H2   H N N 446 
VAL HA   H N N 447 
VAL HB   H N N 448 
VAL HG11 H N N 449 
VAL HG12 H N N 450 
VAL HG13 H N N 451 
VAL HG21 H N N 452 
VAL HG22 H N N 453 
VAL HG23 H N N 454 
VAL HXT  H N N 455 
# 
loop_
_chem_comp_bond.comp_id 
_chem_comp_bond.atom_id_1 
_chem_comp_bond.atom_id_2 
_chem_comp_bond.value_order 
_chem_comp_bond.pdbx_aromatic_flag 
_chem_comp_bond.pdbx_stereo_config 
_chem_comp_bond.pdbx_ordinal 
ALA N   CA   sing N N 1   
ALA N   H    sing N N 2   
ALA N   H2   sing N N 3   
ALA CA  C    sing N N 4   
ALA CA  CB   sing N N 5   
ALA CA  HA   sing N N 6   
ALA C   O    doub N N 7   
ALA C   OXT  sing N N 8   
ALA CB  HB1  sing N N 9   
ALA CB  HB2  sing N N 10  
ALA CB  HB3  sing N N 11  
ALA OXT HXT  sing N N 12  
ARG N   CA   sing N N 13  
ARG N   H    sing N N 14  
ARG N   H2   sing N N 15  
ARG CA  C    sing N N 16  
ARG CA  CB   sing N N 17  
ARG CA  HA   sing N N 18  
ARG C   O    doub N N 19  
ARG C   OXT  sing N N 20  
ARG CB  CG   sing N N 21  
ARG CB  HB2  sing N N 22  
ARG CB  HB3  sing N N 23  
ARG CG  CD   sing N N 24  
ARG CG  HG2  sing N N 25  
ARG CG  HG3  sing N N 26  
ARG CD  NE   sing N N 27  
ARG CD  HD2  sing N N 28  
ARG CD  HD3  sing N N 29  
ARG NE  CZ   sing N N 30  
ARG NE  HE   sing N N 31  
ARG CZ  NH1  sing N N 32  
ARG CZ  NH2  doub N N 33  
ARG NH1 HH11 sing N N 34  
ARG NH1 HH12 sing N N 35  
ARG NH2 HH21 sing N N 36  
ARG NH2 HH22 sing N N 37  
ARG OXT HXT  sing N N 38  
ASN N   CA   sing N N 39  
ASN N   H    sing N N 40  
ASN N   H2   sing N N 41  
ASN CA  C    sing N N 42  
ASN CA  CB   sing N N 43  
ASN CA  HA   sing N N 44  
ASN C   O    doub N N 45  
ASN C   OXT  sing N N 46  
ASN CB  CG   sing N N 47  
ASN CB  HB2  sing N N 48  
ASN CB  HB3  sing N N 49  
ASN CG  OD1  doub N N 50  
ASN CG  ND2  sing N N 51  
ASN ND2 HD21 sing N N 52  
ASN ND2 HD22 sing N N 53  
ASN OXT HXT  sing N N 54  
ASP N   CA   sing N N 55  
ASP N   H    sing N N 56  
ASP N   H2   sing N N 57  
ASP CA  C    sing N N 58  
ASP CA  CB   sing N N 59  
ASP CA  HA   sing N N 60  
ASP C   O    doub N N 61  
ASP C   OXT  sing N N 62  
ASP CB  CG   sing N N 63  
ASP CB  HB2  sing N N 64  
ASP CB  HB3  sing N N 65  
ASP CG  OD1  doub N N 66  
ASP CG  OD2  sing N N 67  
ASP OD2 HD2  sing N N 68  
ASP OXT HXT  sing N N 69  
CYS N   CA   sing N N 70  
CYS N   H    sing N N 71  
CYS N   H2   sing N N 72  
CYS CA  C    sing N N 73  
CYS CA  CB   sing N N 74  
CYS CA  HA   sing N N 75  
CYS C   O    doub N N 76  
CYS C   OXT  sing N N 77  
CYS CB  SG   sing N N 78  
CYS CB  HB2  sing N N 79  
CYS CB  HB3  sing N N 80  
CYS SG  HG   sing N N 81  
CYS OXT HXT  sing N N 82  
DMS S   O    doub N N 83  
DMS S   C1   sing N N 84  
DMS S   C2   sing N N 85  
DMS C1  H11  sing N N 86  
DMS C1  H12  sing N N 87  
DMS C1  H13  sing N N 88  
DMS C2  H21  sing N N 89  
DMS C2  H22  sing N N 90  
DMS C2  H23  sing N N 91  
GLN N   CA   sing N N 92  
GLN N   H    sing N N 93  
GLN N   H2   sing N N 94  
GLN CA  C    sing N N 95  
GLN CA  CB   sing N N 96  
GLN CA  HA   sing N N 97  
GLN C   O    doub N N 98  
GLN C   OXT  sing N N 99  
GLN CB  CG   sing N N 100 
GLN CB  HB2  sing N N 101 
GLN CB  HB3  sing N N 102 
GLN CG  CD   sing N N 103 
GLN CG  HG2  sing N N 104 
GLN CG  HG3  sing N N 105 
GLN CD  OE1  doub N N 106 
GLN CD  NE2  sing N N 107 
GLN NE2 HE21 sing N N 108 
GLN NE2 HE22 sing N N 109 
GLN OXT HXT  sing N N 110 
GLU N   CA   sing N N 111 
GLU N   H    sing N N 112 
GLU N   H2   sing N N 113 
GLU CA  C    sing N N 114 
GLU CA  CB   sing N N 115 
GLU CA  HA   sing N N 116 
GLU C   O    doub N N 117 
GLU C   OXT  sing N N 118 
GLU CB  CG   sing N N 119 
GLU CB  HB2  sing N N 120 
GLU CB  HB3  sing N N 121 
GLU CG  CD   sing N N 122 
GLU CG  HG2  sing N N 123 
GLU CG  HG3  sing N N 124 
GLU CD  OE1  doub N N 125 
GLU CD  OE2  sing N N 126 
GLU OE2 HE2  sing N N 127 
GLU OXT HXT  sing N N 128 
GLY N   CA   sing N N 129 
GLY N   H    sing N N 130 
GLY N   H2   sing N N 131 
GLY CA  C    sing N N 132 
GLY CA  HA2  sing N N 133 
GLY CA  HA3  sing N N 134 
GLY C   O    doub N N 135 
GLY C   OXT  sing N N 136 
GLY OXT HXT  sing N N 137 
HIS N   CA   sing N N 138 
HIS N   H    sing N N 139 
HIS N   H2   sing N N 140 
HIS CA  C    sing N N 141 
HIS CA  CB   sing N N 142 
HIS CA  HA   sing N N 143 
HIS C   O    doub N N 144 
HIS C   OXT  sing N N 145 
HIS CB  CG   sing N N 146 
HIS CB  HB2  sing N N 147 
HIS CB  HB3  sing N N 148 
HIS CG  ND1  sing Y N 149 
HIS CG  CD2  doub Y N 150 
HIS ND1 CE1  doub Y N 151 
HIS ND1 HD1  sing N N 152 
HIS CD2 NE2  sing Y N 153 
HIS CD2 HD2  sing N N 154 
HIS CE1 NE2  sing Y N 155 
HIS CE1 HE1  sing N N 156 
HIS NE2 HE2  sing N N 157 
HIS OXT HXT  sing N N 158 
HOH O   H1   sing N N 159 
HOH O   H2   sing N N 160 
ILE N   CA   sing N N 161 
ILE N   H    sing N N 162 
ILE N   H2   sing N N 163 
ILE CA  C    sing N N 164 
ILE CA  CB   sing N N 165 
ILE CA  HA   sing N N 166 
ILE C   O    doub N N 167 
ILE C   OXT  sing N N 168 
ILE CB  CG1  sing N N 169 
ILE CB  CG2  sing N N 170 
ILE CB  HB   sing N N 171 
ILE CG1 CD1  sing N N 172 
ILE CG1 HG12 sing N N 173 
ILE CG1 HG13 sing N N 174 
ILE CG2 HG21 sing N N 175 
ILE CG2 HG22 sing N N 176 
ILE CG2 HG23 sing N N 177 
ILE CD1 HD11 sing N N 178 
ILE CD1 HD12 sing N N 179 
ILE CD1 HD13 sing N N 180 
ILE OXT HXT  sing N N 181 
LEU N   CA   sing N N 182 
LEU N   H    sing N N 183 
LEU N   H2   sing N N 184 
LEU CA  C    sing N N 185 
LEU CA  CB   sing N N 186 
LEU CA  HA   sing N N 187 
LEU C   O    doub N N 188 
LEU C   OXT  sing N N 189 
LEU CB  CG   sing N N 190 
LEU CB  HB2  sing N N 191 
LEU CB  HB3  sing N N 192 
LEU CG  CD1  sing N N 193 
LEU CG  CD2  sing N N 194 
LEU CG  HG   sing N N 195 
LEU CD1 HD11 sing N N 196 
LEU CD1 HD12 sing N N 197 
LEU CD1 HD13 sing N N 198 
LEU CD2 HD21 sing N N 199 
LEU CD2 HD22 sing N N 200 
LEU CD2 HD23 sing N N 201 
LEU OXT HXT  sing N N 202 
LYS N   CA   sing N N 203 
LYS N   H    sing N N 204 
LYS N   H2   sing N N 205 
LYS CA  C    sing N N 206 
LYS CA  CB   sing N N 207 
LYS CA  HA   sing N N 208 
LYS C   O    doub N N 209 
LYS C   OXT  sing N N 210 
LYS CB  CG   sing N N 211 
LYS CB  HB2  sing N N 212 
LYS CB  HB3  sing N N 213 
LYS CG  CD   sing N N 214 
LYS CG  HG2  sing N N 215 
LYS CG  HG3  sing N N 216 
LYS CD  CE   sing N N 217 
LYS CD  HD2  sing N N 218 
LYS CD  HD3  sing N N 219 
LYS CE  NZ   sing N N 220 
LYS CE  HE2  sing N N 221 
LYS CE  HE3  sing N N 222 
LYS NZ  HZ1  sing N N 223 
LYS NZ  HZ2  sing N N 224 
LYS NZ  HZ3  sing N N 225 
LYS OXT HXT  sing N N 226 
MET N   CA   sing N N 227 
MET N   H    sing N N 228 
MET N   H2   sing N N 229 
MET CA  C    sing N N 230 
MET CA  CB   sing N N 231 
MET CA  HA   sing N N 232 
MET C   O    doub N N 233 
MET C   OXT  sing N N 234 
MET CB  CG   sing N N 235 
MET CB  HB2  sing N N 236 
MET CB  HB3  sing N N 237 
MET CG  SD   sing N N 238 
MET CG  HG2  sing N N 239 
MET CG  HG3  sing N N 240 
MET SD  CE   sing N N 241 
MET CE  HE1  sing N N 242 
MET CE  HE2  sing N N 243 
MET CE  HE3  sing N N 244 
MET OXT HXT  sing N N 245 
PHE N   CA   sing N N 246 
PHE N   H    sing N N 247 
PHE N   H2   sing N N 248 
PHE CA  C    sing N N 249 
PHE CA  CB   sing N N 250 
PHE CA  HA   sing N N 251 
PHE C   O    doub N N 252 
PHE C   OXT  sing N N 253 
PHE CB  CG   sing N N 254 
PHE CB  HB2  sing N N 255 
PHE CB  HB3  sing N N 256 
PHE CG  CD1  doub Y N 257 
PHE CG  CD2  sing Y N 258 
PHE CD1 CE1  sing Y N 259 
PHE CD1 HD1  sing N N 260 
PHE CD2 CE2  doub Y N 261 
PHE CD2 HD2  sing N N 262 
PHE CE1 CZ   doub Y N 263 
PHE CE1 HE1  sing N N 264 
PHE CE2 CZ   sing Y N 265 
PHE CE2 HE2  sing N N 266 
PHE CZ  HZ   sing N N 267 
PHE OXT HXT  sing N N 268 
PRO N   CA   sing N N 269 
PRO N   CD   sing N N 270 
PRO N   H    sing N N 271 
PRO CA  C    sing N N 272 
PRO CA  CB   sing N N 273 
PRO CA  HA   sing N N 274 
PRO C   O    doub N N 275 
PRO C   OXT  sing N N 276 
PRO CB  CG   sing N N 277 
PRO CB  HB2  sing N N 278 
PRO CB  HB3  sing N N 279 
PRO CG  CD   sing N N 280 
PRO CG  HG2  sing N N 281 
PRO CG  HG3  sing N N 282 
PRO CD  HD2  sing N N 283 
PRO CD  HD3  sing N N 284 
PRO OXT HXT  sing N N 285 
RV4 C12 O2   sing N N 286 
RV4 C12 C13  sing N N 287 
RV4 O2  C11  sing N N 288 
RV4 C13 N2   sing N N 289 
RV4 C11 C10  sing N N 290 
RV4 N2  C10  sing N N 291 
RV4 N2  C9   sing N N 292 
RV4 C9  C6   sing N N 293 
RV4 C5  C6   doub Y N 294 
RV4 C5  C4   sing Y N 295 
RV4 C6  C7   sing Y N 296 
RV4 C4  C3   doub Y N 297 
RV4 C7  C8   doub Y N 298 
RV4 C3  C8   sing Y N 299 
RV4 C3  N1   sing N N 300 
RV4 N1  C2   sing N N 301 
RV4 C2  O1   doub N N 302 
RV4 C2  C1   sing N N 303 
RV4 N1  H1   sing N N 304 
RV4 C4  H2   sing N N 305 
RV4 C5  H3   sing N N 306 
RV4 C7  H4   sing N N 307 
RV4 C8  H5   sing N N 308 
RV4 C10 H6   sing N N 309 
RV4 C10 H7   sing N N 310 
RV4 C13 H8   sing N N 311 
RV4 C13 H9   sing N N 312 
RV4 C1  H10  sing N N 313 
RV4 C1  H11  sing N N 314 
RV4 C1  H12  sing N N 315 
RV4 C11 H13  sing N N 316 
RV4 C11 H14  sing N N 317 
RV4 C12 H15  sing N N 318 
RV4 C12 H16  sing N N 319 
RV4 C9  H17  sing N N 320 
RV4 C9  H18  sing N N 321 
SER N   CA   sing N N 322 
SER N   H    sing N N 323 
SER N   H2   sing N N 324 
SER CA  C    sing N N 325 
SER CA  CB   sing N N 326 
SER CA  HA   sing N N 327 
SER C   O    doub N N 328 
SER C   OXT  sing N N 329 
SER CB  OG   sing N N 330 
SER CB  HB2  sing N N 331 
SER CB  HB3  sing N N 332 
SER OG  HG   sing N N 333 
SER OXT HXT  sing N N 334 
THR N   CA   sing N N 335 
THR N   H    sing N N 336 
THR N   H2   sing N N 337 
THR CA  C    sing N N 338 
THR CA  CB   sing N N 339 
THR CA  HA   sing N N 340 
THR C   O    doub N N 341 
THR C   OXT  sing N N 342 
THR CB  OG1  sing N N 343 
THR CB  CG2  sing N N 344 
THR CB  HB   sing N N 345 
THR OG1 HG1  sing N N 346 
THR CG2 HG21 sing N N 347 
THR CG2 HG22 sing N N 348 
THR CG2 HG23 sing N N 349 
THR OXT HXT  sing N N 350 
TRP N   CA   sing N N 351 
TRP N   H    sing N N 352 
TRP N   H2   sing N N 353 
TRP CA  C    sing N N 354 
TRP CA  CB   sing N N 355 
TRP CA  HA   sing N N 356 
TRP C   O    doub N N 357 
TRP C   OXT  sing N N 358 
TRP CB  CG   sing N N 359 
TRP CB  HB2  sing N N 360 
TRP CB  HB3  sing N N 361 
TRP CG  CD1  doub Y N 362 
TRP CG  CD2  sing Y N 363 
TRP CD1 NE1  sing Y N 364 
TRP CD1 HD1  sing N N 365 
TRP CD2 CE2  doub Y N 366 
TRP CD2 CE3  sing Y N 367 
TRP NE1 CE2  sing Y N 368 
TRP NE1 HE1  sing N N 369 
TRP CE2 CZ2  sing Y N 370 
TRP CE3 CZ3  doub Y N 371 
TRP CE3 HE3  sing N N 372 
TRP CZ2 CH2  doub Y N 373 
TRP CZ2 HZ2  sing N N 374 
TRP CZ3 CH2  sing Y N 375 
TRP CZ3 HZ3  sing N N 376 
TRP CH2 HH2  sing N N 377 
TRP OXT HXT  sing N N 378 
TRS C   C1   sing N N 379 
TRS C   C2   sing N N 380 
TRS C   C3   sing N N 381 
TRS C   N    sing N N 382 
TRS C1  O1   sing N N 383 
TRS C1  H11  sing N N 384 
TRS C1  H12  sing N N 385 
TRS C2  O2   sing N N 386 
TRS C2  H21  sing N N 387 
TRS C2  H22  sing N N 388 
TRS C3  O3   sing N N 389 
TRS C3  H31  sing N N 390 
TRS C3  H32  sing N N 391 
TRS N   HN1  sing N N 392 
TRS N   HN2  sing N N 393 
TRS N   HN3  sing N N 394 
TRS O1  HO1  sing N N 395 
TRS O2  HO2  sing N N 396 
TRS O3  HO3  sing N N 397 
TYR N   CA   sing N N 398 
TYR N   H    sing N N 399 
TYR N   H2   sing N N 400 
TYR CA  C    sing N N 401 
TYR CA  CB   sing N N 402 
TYR CA  HA   sing N N 403 
TYR C   O    doub N N 404 
TYR C   OXT  sing N N 405 
TYR CB  CG   sing N N 406 
TYR CB  HB2  sing N N 407 
TYR CB  HB3  sing N N 408 
TYR CG  CD1  doub Y N 409 
TYR CG  CD2  sing Y N 410 
TYR CD1 CE1  sing Y N 411 
TYR CD1 HD1  sing N N 412 
TYR CD2 CE2  doub Y N 413 
TYR CD2 HD2  sing N N 414 
TYR CE1 CZ   doub Y N 415 
TYR CE1 HE1  sing N N 416 
TYR CE2 CZ   sing Y N 417 
TYR CE2 HE2  sing N N 418 
TYR CZ  OH   sing N N 419 
TYR OH  HH   sing N N 420 
TYR OXT HXT  sing N N 421 
VAL N   CA   sing N N 422 
VAL N   H    sing N N 423 
VAL N   H2   sing N N 424 
VAL CA  C    sing N N 425 
VAL CA  CB   sing N N 426 
VAL CA  HA   sing N N 427 
VAL C   O    doub N N 428 
VAL C   OXT  sing N N 429 
VAL CB  CG1  sing N N 430 
VAL CB  CG2  sing N N 431 
VAL CB  HB   sing N N 432 
VAL CG1 HG11 sing N N 433 
VAL CG1 HG12 sing N N 434 
VAL CG1 HG13 sing N N 435 
VAL CG2 HG21 sing N N 436 
VAL CG2 HG22 sing N N 437 
VAL CG2 HG23 sing N N 438 
VAL OXT HXT  sing N N 439 
# 
_pdbx_deposit_group.group_id            G_1002123 
_pdbx_deposit_group.group_description   
;BROMODOMAIN OF HUMAN NUCLEOSOME-REMODELING FACTOR SUBUNIT BPTF screened against the 3D-Fragment Consortium Library by
X-ray Crystallography at the XChem facility of Diamond Light Source beamline I04-1
;
_pdbx_deposit_group.group_title         
;PanDDA analysis group deposition of the bromodomain of human nucleosome-remodeling factor subunit BPTF fragment
screening
;
_pdbx_deposit_group.group_type          'changed state' 
# 
_pdbx_entity_instance_feature.ordinal        1 
_pdbx_entity_instance_feature.comp_id        RV4 
_pdbx_entity_instance_feature.asym_id        ? 
_pdbx_entity_instance_feature.seq_num        ? 
_pdbx_entity_instance_feature.auth_comp_id   RV4 
_pdbx_entity_instance_feature.auth_asym_id   ? 
_pdbx_entity_instance_feature.auth_seq_num   ? 
_pdbx_entity_instance_feature.feature_type   'SUBJECT OF INVESTIGATION' 
_pdbx_entity_instance_feature.details        ? 
# 
_atom_sites.entry_id                    5R4L 
_atom_sites.fract_transf_matrix[1][1]   0.00677792 
_atom_sites.fract_transf_matrix[1][2]   0.00503482 
_atom_sites.fract_transf_matrix[1][3]   -0.00307301 
_atom_sites.fract_transf_matrix[2][1]   0.00087389 
_atom_sites.fract_transf_matrix[2][2]   0.01813702 
_atom_sites.fract_transf_matrix[2][3]   0.03164323 
_atom_sites.fract_transf_matrix[3][1]   0.01934637 
_atom_sites.fract_transf_matrix[3][2]   -0.01568863 
_atom_sites.fract_transf_matrix[3][3]   0.00845800 
_atom_sites.fract_transf_vector[1]      -0.129973 
_atom_sites.fract_transf_vector[2]      0.444655 
_atom_sites.fract_transf_vector[3]      0.041643 
# 
loop_
_atom_type.symbol 
C 
N 
O 
S 
# 
loop_
_atom_site.group_PDB 
_atom_site.id 
_atom_site.type_symbol 
_atom_site.label_atom_id 
_atom_site.label_alt_id 
_atom_site.label_comp_id 
_atom_site.label_asym_id 
_atom_site.label_entity_id 
_atom_site.label_seq_id 
_atom_site.pdbx_PDB_ins_code 
_atom_site.Cartn_x 
_atom_site.Cartn_y 
_atom_site.Cartn_z 
_atom_site.occupancy 
_atom_site.B_iso_or_equiv 
_atom_site.pdbx_formal_charge 
_atom_site.auth_seq_id 
_atom_site.auth_comp_id 
_atom_site.auth_asym_id 
_atom_site.auth_atom_id 
_atom_site.pdbx_PDB_model_num 
ATOM   1    N N   . GLU A 1 5   ? 15.167  -1.582  7.459   1.00 22.25 ? 2793 GLU A N   1 
ATOM   2    C CA  . GLU A 1 5   ? 14.243  -2.533  8.145   1.00 21.13 ? 2793 GLU A CA  1 
ATOM   3    C C   . GLU A 1 5   ? 15.027  -3.501  9.033   1.00 20.65 ? 2793 GLU A C   1 
ATOM   4    O O   . GLU A 1 5   ? 16.149  -3.903  8.682   1.00 22.13 ? 2793 GLU A O   1 
ATOM   5    C CB  . GLU A 1 5   ? 13.427  -3.323  7.117   1.00 20.15 ? 2793 GLU A CB  1 
ATOM   6    C CG  . GLU A 1 5   ? 12.478  -2.471  6.275   1.00 19.64 ? 2793 GLU A CG  1 
ATOM   7    C CD  . GLU A 1 5   ? 11.864  -3.232  5.106   1.00 19.20 ? 2793 GLU A CD  1 
ATOM   8    O OE1 . GLU A 1 5   ? 12.556  -4.086  4.510   1.00 18.58 ? 2793 GLU A OE1 1 
ATOM   9    O OE2 . GLU A 1 5   ? 10.690  -2.968  4.764   1.00 18.19 ? 2793 GLU A OE2 1 
ATOM   10   N N   A ASP A 1 6   ? 14.448  -3.874  10.172  0.25 20.34 ? 2794 ASP A N   1 
ATOM   11   N N   B ASP A 1 6   ? 14.424  -3.880  10.159  0.25 20.64 ? 2794 ASP A N   1 
ATOM   12   C CA  A ASP A 1 6   ? 15.113  -4.786  11.102  0.25 19.94 ? 2794 ASP A CA  1 
ATOM   13   C CA  B ASP A 1 6   ? 15.040  -4.801  11.113  0.25 20.44 ? 2794 ASP A CA  1 
ATOM   14   C C   A ASP A 1 6   ? 14.960  -6.231  10.637  0.25 19.83 ? 2794 ASP A C   1 
ATOM   15   C C   B ASP A 1 6   ? 14.988  -6.236  10.596  0.25 20.11 ? 2794 ASP A C   1 
ATOM   16   O O   A ASP A 1 6   ? 14.174  -6.524  9.726   0.25 19.63 ? 2794 ASP A O   1 
ATOM   17   O O   B ASP A 1 6   ? 14.288  -6.529  9.618   0.25 19.86 ? 2794 ASP A O   1 
ATOM   18   C CB  A ASP A 1 6   ? 14.595  -4.590  12.533  0.25 19.76 ? 2794 ASP A CB  1 
ATOM   19   C CB  B ASP A 1 6   ? 14.324  -4.721  12.459  0.25 20.62 ? 2794 ASP A CB  1 
ATOM   20   C CG  A ASP A 1 6   ? 13.214  -5.167  12.751  0.25 19.62 ? 2794 ASP A CG  1 
ATOM   21   C CG  B ASP A 1 6   ? 12.903  -5.240  12.391  0.25 20.92 ? 2794 ASP A CG  1 
ATOM   22   O OD1 A ASP A 1 6   ? 12.744  -5.949  11.899  0.25 19.22 ? 2794 ASP A OD1 1 
ATOM   23   O OD1 B ASP A 1 6   ? 12.050  -4.573  11.778  0.25 21.27 ? 2794 ASP A OD1 1 
ATOM   24   O OD2 A ASP A 1 6   ? 12.601  -4.842  13.793  0.25 19.67 ? 2794 ASP A OD2 1 
ATOM   25   O OD2 B ASP A 1 6   ? 12.634  -6.320  12.950  0.25 21.23 ? 2794 ASP A OD2 1 
ATOM   26   N N   . ALA A 1 7   ? 15.723  -7.124  11.263  1.00 19.83 ? 2795 ALA A N   1 
ATOM   27   C CA  . ALA A 1 7   ? 15.809  -8.540  10.849  1.00 19.33 ? 2795 ALA A CA  1 
ATOM   28   C C   . ALA A 1 7   ? 14.491  -9.318  10.879  1.00 18.93 ? 2795 ALA A C   1 
ATOM   29   O O   . ALA A 1 7   ? 14.260  -10.171 10.015  1.00 19.52 ? 2795 ALA A O   1 
ATOM   30   C CB  . ALA A 1 7   ? 16.868  -9.269  11.670  1.00 19.80 ? 2795 ALA A CB  1 
ATOM   31   N N   . MET A 1 8   ? 13.622  -9.006  11.837  1.00 17.74 ? 2796 MET A N   1 
ATOM   32   C CA  . MET A 1 8   ? 12.308  -9.658  11.885  1.00 17.29 ? 2796 MET A CA  1 
ATOM   33   C C   . MET A 1 8   ? 11.475  -9.326  10.631  1.00 15.50 ? 2796 MET A C   1 
ATOM   34   O O   . MET A 1 8   ? 10.870  -10.211 10.031  1.00 13.50 ? 2796 MET A O   1 
ATOM   35   C CB  . MET A 1 8   ? 11.531  -9.289  13.165  1.00 18.46 ? 2796 MET A CB  1 
ATOM   36   C CG  . MET A 1 8   ? 10.403  -10.267 13.481  1.00 20.12 ? 2796 MET A CG  1 
ATOM   37   S SD  . MET A 1 8   ? 9.332   -9.820  14.865  1.00 23.18 ? 2796 MET A SD  1 
ATOM   38   C CE  . MET A 1 8   ? 8.441   -11.355 15.092  1.00 23.09 ? 2796 MET A CE  1 
ATOM   39   N N   . THR A 1 9   ? 11.474  -8.055  10.234  1.00 15.00 ? 2797 THR A N   1 
ATOM   40   C CA  . THR A 1 9   ? 10.710  -7.585  9.072   1.00 14.39 ? 2797 THR A CA  1 
ATOM   41   C C   . THR A 1 9   ? 11.206  -8.260  7.786   1.00 14.05 ? 2797 THR A C   1 
ATOM   42   O O   . THR A 1 9   ? 10.397  -8.717  6.948   1.00 12.92 ? 2797 THR A O   1 
ATOM   43   C CB  . THR A 1 9   ? 10.764  -6.030  8.992   1.00 14.32 ? 2797 THR A CB  1 
ATOM   44   O OG1 . THR A 1 9   ? 10.091  -5.474  10.137  1.00 15.21 ? 2797 THR A OG1 1 
ATOM   45   C CG2 . THR A 1 9   ? 10.110  -5.501  7.724   1.00 14.45 ? 2797 THR A CG2 1 
ATOM   46   N N   . VAL A 1 10  ? 12.527  -8.352  7.639   1.00 13.86 ? 2798 VAL A N   1 
ATOM   47   C CA  . VAL A 1 10  ? 13.111  -8.918  6.427   1.00 14.38 ? 2798 VAL A CA  1 
ATOM   48   C C   . VAL A 1 10  ? 13.010  -10.464 6.375   1.00 14.36 ? 2798 VAL A C   1 
ATOM   49   O O   . VAL A 1 10  ? 12.728  -11.010 5.301   1.00 15.39 ? 2798 VAL A O   1 
ATOM   50   C CB  . VAL A 1 10  ? 14.571  -8.427  6.235   1.00 14.77 ? 2798 VAL A CB  1 
ATOM   51   C CG1 . VAL A 1 10  ? 15.186  -9.012  4.972   1.00 15.10 ? 2798 VAL A CG1 1 
ATOM   52   C CG2 . VAL A 1 10  ? 14.620  -6.897  6.176   1.00 14.99 ? 2798 VAL A CG2 1 
ATOM   53   N N   . LEU A 1 11  ? 13.231  -11.149 7.505   1.00 15.30 ? 2799 LEU A N   1 
ATOM   54   C CA  . LEU A 1 11  ? 13.514  -12.605 7.490   1.00 15.32 ? 2799 LEU A CA  1 
ATOM   55   C C   . LEU A 1 11  ? 12.542  -13.544 8.225   1.00 15.69 ? 2799 LEU A C   1 
ATOM   56   O O   . LEU A 1 11  ? 12.592  -14.746 7.988   1.00 16.69 ? 2799 LEU A O   1 
ATOM   57   C CB  . LEU A 1 11  ? 14.943  -12.855 8.005   1.00 16.00 ? 2799 LEU A CB  1 
ATOM   58   C CG  . LEU A 1 11  ? 16.086  -12.188 7.224   1.00 16.90 ? 2799 LEU A CG  1 
ATOM   59   C CD1 . LEU A 1 11  ? 17.434  -12.430 7.897   1.00 17.31 ? 2799 LEU A CD1 1 
ATOM   60   C CD2 . LEU A 1 11  ? 16.122  -12.644 5.769   1.00 17.31 ? 2799 LEU A CD2 1 
ATOM   61   N N   . THR A 1 12  ? 11.649  -13.030 9.074   1.00 15.27 ? 2800 THR A N   1 
ATOM   62   C CA  . THR A 1 12  ? 10.744  -13.904 9.836   1.00 14.82 ? 2800 THR A CA  1 
ATOM   63   C C   . THR A 1 12  ? 9.506   -14.196 8.980   1.00 14.53 ? 2800 THR A C   1 
ATOM   64   O O   . THR A 1 12  ? 8.782   -13.259 8.613   1.00 14.40 ? 2800 THR A O   1 
ATOM   65   C CB  . THR A 1 12  ? 10.356  -13.287 11.185  1.00 15.50 ? 2800 THR A CB  1 
ATOM   66   O OG1 . THR A 1 12  ? 11.549  -13.124 11.957  1.00 16.04 ? 2800 THR A OG1 1 
ATOM   67   C CG2 . THR A 1 12  ? 9.398   -14.179 11.963  1.00 15.79 ? 2800 THR A CG2 1 
ATOM   68   N N   . PRO A 1 13  ? 9.249   -15.481 8.648   1.00 14.28 ? 2801 PRO A N   1 
ATOM   69   C CA  . PRO A 1 13  ? 8.074   -15.777 7.825   1.00 14.28 ? 2801 PRO A CA  1 
ATOM   70   C C   . PRO A 1 13  ? 6.779   -15.254 8.419   1.00 14.21 ? 2801 PRO A C   1 
ATOM   71   O O   . PRO A 1 13  ? 6.622   -15.193 9.643   1.00 14.85 ? 2801 PRO A O   1 
ATOM   72   C CB  . PRO A 1 13  ? 8.056   -17.313 7.782   1.00 14.53 ? 2801 PRO A CB  1 
ATOM   73   C CG  . PRO A 1 13  ? 9.482   -17.697 7.937   1.00 14.78 ? 2801 PRO A CG  1 
ATOM   74   C CD  . PRO A 1 13  ? 10.015  -16.714 8.940   1.00 14.64 ? 2801 PRO A CD  1 
ATOM   75   N N   . LEU A 1 14  ? 5.855   -14.874 7.534   1.00 13.29 ? 2802 LEU A N   1 
ATOM   76   C CA  . LEU A 1 14  ? 4.530   -14.448 7.946   1.00 13.41 ? 2802 LEU A CA  1 
ATOM   77   C C   . LEU A 1 14  ? 3.710   -15.670 8.368   1.00 14.04 ? 2802 LEU A C   1 
ATOM   78   O O   . LEU A 1 14  ? 3.459   -16.565 7.566   1.00 16.01 ? 2802 LEU A O   1 
ATOM   79   C CB  . LEU A 1 14  ? 3.824   -13.682 6.819   1.00 12.63 ? 2802 LEU A CB  1 
ATOM   80   C CG  . LEU A 1 14  ? 4.437   -12.321 6.462   1.00 12.49 ? 2802 LEU A CG  1 
ATOM   81   C CD1 . LEU A 1 14  ? 3.891   -11.843 5.114   1.00 12.41 ? 2802 LEU A CD1 1 
ATOM   82   C CD2 . LEU A 1 14  ? 4.193   -11.278 7.547   1.00 12.88 ? 2802 LEU A CD2 1 
ATOM   83   N N   . THR A 1 15  ? 3.302   -15.689 9.628   1.00 14.44 ? 2803 THR A N   1 
ATOM   84   C CA  . THR A 1 15  ? 2.450   -16.749 10.173  1.00 14.81 ? 2803 THR A CA  1 
ATOM   85   C C   . THR A 1 15  ? 0.976   -16.471 9.902   1.00 15.06 ? 2803 THR A C   1 
ATOM   86   O O   . THR A 1 15  ? 0.619   -15.394 9.412   1.00 13.83 ? 2803 THR A O   1 
ATOM   87   C CB  . THR A 1 15  ? 2.628   -16.825 11.693  1.00 15.80 ? 2803 THR A CB  1 
ATOM   88   O OG1 . THR A 1 15  ? 2.169   -15.600 12.281  1.00 15.82 ? 2803 THR A OG1 1 
ATOM   89   C CG2 . THR A 1 15  ? 4.095   -17.071 12.066  1.00 16.24 ? 2803 THR A CG2 1 
ATOM   90   N N   . GLU A 1 16  ? 0.099   -17.418 10.245  1.00 15.98 ? 2804 GLU A N   1 
ATOM   91   C CA  . GLU A 1 16  ? -1.345  -17.151 10.149  1.00 16.78 ? 2804 GLU A CA  1 
ATOM   92   C C   . GLU A 1 16  ? -1.811  -15.958 10.998  1.00 16.08 ? 2804 GLU A C   1 
ATOM   93   O O   . GLU A 1 16  ? -2.651  -15.179 10.535  1.00 15.52 ? 2804 GLU A O   1 
ATOM   94   C CB  . GLU A 1 16  ? -2.200  -18.413 10.378  1.00 19.02 ? 2804 GLU A CB  1 
ATOM   95   C CG  . GLU A 1 16  ? -2.234  -19.332 9.151   1.00 21.83 ? 2804 GLU A CG  1 
ATOM   96   C CD  . GLU A 1 16  ? -2.964  -18.729 7.944   1.00 24.39 ? 2804 GLU A CD  1 
ATOM   97   O OE1 . GLU A 1 16  ? -4.164  -18.405 8.062   1.00 27.73 ? 2804 GLU A OE1 1 
ATOM   98   O OE2 . GLU A 1 16  ? -2.342  -18.588 6.860   1.00 26.79 ? 2804 GLU A OE2 1 
ATOM   99   N N   . LYS A 1 17  ? -1.268  -15.822 12.210  0.50 16.06 ? 2805 LYS A N   1 
ATOM   100  C CA  . LYS A 1 17  ? -1.558  -14.672 13.071  0.50 16.21 ? 2805 LYS A CA  1 
ATOM   101  C C   . LYS A 1 17  ? -1.098  -13.358 12.439  0.50 15.50 ? 2805 LYS A C   1 
ATOM   102  O O   . LYS A 1 17  ? -1.818  -12.361 12.486  0.50 15.36 ? 2805 LYS A O   1 
ATOM   103  C CB  . LYS A 1 17  ? -0.898  -14.828 14.442  0.50 16.85 ? 2805 LYS A CB  1 
ATOM   104  C CG  . LYS A 1 17  ? -1.130  -13.632 15.353  0.50 17.43 ? 2805 LYS A CG  1 
ATOM   105  C CD  . LYS A 1 17  ? -0.251  -13.669 16.594  0.50 17.78 ? 2805 LYS A CD  1 
ATOM   106  C CE  . LYS A 1 17  ? -0.537  -14.896 17.444  0.50 18.09 ? 2805 LYS A CE  1 
ATOM   107  N NZ  . LYS A 1 17  ? 0.170   -14.866 18.756  0.50 18.39 ? 2805 LYS A NZ  1 
ATOM   108  N N   . ASP A 1 18  ? 0.098   -13.365 11.850  1.00 14.93 ? 2806 ASP A N   1 
ATOM   109  C CA  . ASP A 1 18  ? 0.617   -12.194 11.099  1.00 14.02 ? 2806 ASP A CA  1 
ATOM   110  C C   . ASP A 1 18  ? -0.355  -11.811 9.967   1.00 12.71 ? 2806 ASP A C   1 
ATOM   111  O O   . ASP A 1 18  ? -0.643  -10.629 9.783   1.00 11.95 ? 2806 ASP A O   1 
ATOM   112  C CB  . ASP A 1 18  ? 2.000   -12.459 10.467  1.00 13.92 ? 2806 ASP A CB  1 
ATOM   113  C CG  . ASP A 1 18  ? 3.140   -12.536 11.476  1.00 14.45 ? 2806 ASP A CG  1 
ATOM   114  O OD1 . ASP A 1 18  ? 3.103   -11.847 12.516  1.00 15.73 ? 2806 ASP A OD1 1 
ATOM   115  O OD2 . ASP A 1 18  ? 4.097   -13.278 11.182  1.00 14.68 ? 2806 ASP A OD2 1 
ATOM   116  N N   . TYR A 1 19  ? -0.880  -12.809 9.249   1.00 12.17 ? 2807 TYR A N   1 
ATOM   117  C CA  . TYR A 1 19  ? -1.835  -12.557 8.153   1.00 12.10 ? 2807 TYR A CA  1 
ATOM   118  C C   . TYR A 1 19  ? -3.151  -11.916 8.610   1.00 12.92 ? 2807 TYR A C   1 
ATOM   119  O O   . TYR A 1 19  ? -3.693  -11.074 7.910   1.00 12.89 ? 2807 TYR A O   1 
ATOM   120  C CB  . TYR A 1 19  ? -2.080  -13.821 7.292   1.00 11.83 ? 2807 TYR A CB  1 
ATOM   121  C CG  . TYR A 1 19  ? -1.288  -13.804 6.003   1.00 11.45 ? 2807 TYR A CG  1 
ATOM   122  C CD1 . TYR A 1 19  ? -0.033  -14.399 5.910   1.00 11.06 ? 2807 TYR A CD1 1 
ATOM   123  C CD2 . TYR A 1 19  ? -1.777  -13.136 4.881   1.00 11.86 ? 2807 TYR A CD2 1 
ATOM   124  C CE1 . TYR A 1 19  ? 0.706   -14.343 4.730   1.00 11.04 ? 2807 TYR A CE1 1 
ATOM   125  C CE2 . TYR A 1 19  ? -1.055  -13.078 3.707   1.00 11.73 ? 2807 TYR A CE2 1 
ATOM   126  C CZ  . TYR A 1 19  ? 0.180   -13.681 3.620   1.00 11.11 ? 2807 TYR A CZ  1 
ATOM   127  O OH  . TYR A 1 19  ? 0.851   -13.612 2.418   1.00 11.42 ? 2807 TYR A OH  1 
ATOM   128  N N   . GLU A 1 20  ? -3.659  -12.288 9.783   1.00 13.64 ? 2808 GLU A N   1 
ATOM   129  C CA  . GLU A 1 20  ? -4.834  -11.584 10.322  1.00 15.38 ? 2808 GLU A CA  1 
ATOM   130  C C   . GLU A 1 20  ? -4.544  -10.094 10.581  1.00 14.55 ? 2808 GLU A C   1 
ATOM   131  O O   . GLU A 1 20  ? -5.394  -9.241  10.290  1.00 14.86 ? 2808 GLU A O   1 
ATOM   132  C CB  . GLU A 1 20  ? -5.389  -12.295 11.560  1.00 17.29 ? 2808 GLU A CB  1 
ATOM   133  C CG  . GLU A 1 20  ? -6.055  -13.635 11.252  1.00 19.26 ? 2808 GLU A CG  1 
ATOM   134  C CD  . GLU A 1 20  ? -7.167  -13.537 10.215  1.00 20.85 ? 2808 GLU A CD  1 
ATOM   135  O OE1 . GLU A 1 20  ? -8.123  -12.752 10.406  1.00 24.48 ? 2808 GLU A OE1 1 
ATOM   136  O OE2 . GLU A 1 20  ? -7.079  -14.241 9.189   1.00 24.48 ? 2808 GLU A OE2 1 
ATOM   137  N N   . GLY A 1 21  ? -3.346  -9.780  11.076  1.00 13.88 ? 2809 GLY A N   1 
ATOM   138  C CA  . GLY A 1 21  ? -2.909  -8.389  11.230  1.00 13.40 ? 2809 GLY A CA  1 
ATOM   139  C C   . GLY A 1 21  ? -2.767  -7.630  9.919   1.00 12.96 ? 2809 GLY A C   1 
ATOM   140  O O   . GLY A 1 21  ? -3.151  -6.454  9.837   1.00 13.46 ? 2809 GLY A O   1 
ATOM   141  N N   . LEU A 1 22  ? -2.220  -8.282  8.892   1.00 12.29 ? 2810 LEU A N   1 
ATOM   142  C CA  . LEU A 1 22  ? -2.105  -7.661  7.557   1.00 12.17 ? 2810 LEU A CA  1 
ATOM   143  C C   . LEU A 1 22  ? -3.484  -7.351  6.980   1.00 11.78 ? 2810 LEU A C   1 
ATOM   144  O O   . LEU A 1 22  ? -3.674  -6.301  6.374   1.00 11.34 ? 2810 LEU A O   1 
ATOM   145  C CB  . LEU A 1 22  ? -1.338  -8.556  6.578   1.00 13.11 ? 2810 LEU A CB  1 
ATOM   146  C CG  . LEU A 1 22  ? 0.146   -8.783  6.857   1.00 14.10 ? 2810 LEU A CG  1 
ATOM   147  C CD1 . LEU A 1 22  ? 0.721   -9.601  5.712   1.00 14.45 ? 2810 LEU A CD1 1 
ATOM   148  C CD2 . LEU A 1 22  ? 0.910   -7.480  7.049   1.00 14.30 ? 2810 LEU A CD2 1 
ATOM   149  N N   . LYS A 1 23  ? -4.439  -8.268  7.160   1.00 12.19 ? 2811 LYS A N   1 
ATOM   150  C CA  . LYS A 1 23  ? -5.813  -8.014  6.694   1.00 12.66 ? 2811 LYS A CA  1 
ATOM   151  C C   . LYS A 1 23  ? -6.402  -6.768  7.354   1.00 12.65 ? 2811 LYS A C   1 
ATOM   152  O O   . LYS A 1 23  ? -7.045  -5.963  6.685   1.00 12.34 ? 2811 LYS A O   1 
ATOM   153  C CB  . LYS A 1 23  ? -6.717  -9.209  6.953   1.00 13.91 ? 2811 LYS A CB  1 
ATOM   154  C CG  . LYS A 1 23  ? -6.390  -10.416 6.101   1.00 15.48 ? 2811 LYS A CG  1 
ATOM   155  C CD  . LYS A 1 23  ? -7.106  -11.628 6.650   1.00 17.92 ? 2811 LYS A CD  1 
ATOM   156  C CE  . LYS A 1 23  ? -6.613  -12.894 5.989   1.00 19.67 ? 2811 LYS A CE  1 
ATOM   157  N NZ  . LYS A 1 23  ? -7.272  -14.073 6.595   1.00 21.46 ? 2811 LYS A NZ  1 
ATOM   158  N N   . ARG A 1 24  ? -6.175  -6.614  8.655   1.00 12.45 ? 2812 ARG A N   1 
ATOM   159  C CA  . ARG A 1 24  ? -6.669  -5.447  9.396   1.00 13.40 ? 2812 ARG A CA  1 
ATOM   160  C C   . ARG A 1 24  ? -5.999  -4.157  8.909   1.00 12.39 ? 2812 ARG A C   1 
ATOM   161  O O   . ARG A 1 24  ? -6.692  -3.146  8.724   1.00 11.81 ? 2812 ARG A O   1 
ATOM   162  C CB  . ARG A 1 24  ? -6.450  -5.642  10.898  1.00 15.38 ? 2812 ARG A CB  1 
ATOM   163  C CG  . ARG A 1 24  ? -6.838  -4.463  11.791  1.00 17.83 ? 2812 ARG A CG  1 
ATOM   164  C CD  . ARG A 1 24  ? -6.113  -4.506  13.143  1.00 20.43 ? 2812 ARG A CD  1 
ATOM   165  N NE  . ARG A 1 24  ? -6.867  -5.243  14.149  1.00 22.56 ? 2812 ARG A NE  1 
ATOM   166  C CZ  . ARG A 1 24  ? -6.462  -5.490  15.397  1.00 23.18 ? 2812 ARG A CZ  1 
ATOM   167  N NH1 . ARG A 1 24  ? -7.274  -6.155  16.210  1.00 23.57 ? 2812 ARG A NH1 1 
ATOM   168  N NH2 . ARG A 1 24  ? -5.258  -5.111  15.835  1.00 24.68 ? 2812 ARG A NH2 1 
ATOM   169  N N   . VAL A 1 25  ? -4.676  -4.178  8.696   1.00 11.31 ? 2813 VAL A N   1 
ATOM   170  C CA  . VAL A 1 25  ? -3.960  -2.996  8.177   1.00 11.13 ? 2813 VAL A CA  1 
ATOM   171  C C   . VAL A 1 25  ? -4.554  -2.579  6.827   1.00 10.73 ? 2813 VAL A C   1 
ATOM   172  O O   . VAL A 1 25  ? -4.847  -1.395  6.592   1.00 10.30 ? 2813 VAL A O   1 
ATOM   173  C CB  . VAL A 1 25  ? -2.422  -3.229  8.066   1.00 11.25 ? 2813 VAL A CB  1 
ATOM   174  C CG1 . VAL A 1 25  ? -1.727  -2.086  7.330   1.00 11.38 ? 2813 VAL A CG1 1 
ATOM   175  C CG2 . VAL A 1 25  ? -1.800  -3.381  9.453   1.00 12.02 ? 2813 VAL A CG2 1 
ATOM   176  N N   . LEU A 1 26  ? -4.728  -3.554  5.941   1.00 10.39 ? 2814 LEU A N   1 
ATOM   177  C CA  . LEU A 1 26  ? -5.262  -3.269  4.617   1.00 10.59 ? 2814 LEU A CA  1 
ATOM   178  C C   . LEU A 1 26  ? -6.674  -2.659  4.662   1.00 10.12 ? 2814 LEU A C   1 
ATOM   179  O O   . LEU A 1 26  ? -6.948  -1.674  3.960   1.00 10.07 ? 2814 LEU A O   1 
ATOM   180  C CB  . LEU A 1 26  ? -5.226  -4.527  3.743   1.00 11.62 ? 2814 LEU A CB  1 
ATOM   181  C CG  . LEU A 1 26  ? -5.585  -4.372  2.264   1.00 12.13 ? 2814 LEU A CG  1 
ATOM   182  C CD1 . LEU A 1 26  ? -4.734  -3.321  1.556   1.00 12.46 ? 2814 LEU A CD1 1 
ATOM   183  C CD2 . LEU A 1 26  ? -5.435  -5.712  1.583   1.00 12.59 ? 2814 LEU A CD2 1 
ATOM   184  N N   A ARG A 1 27  ? -7.555  -3.232  5.486   0.25 10.21 ? 2815 ARG A N   1 
ATOM   185  N N   B ARG A 1 27  ? -7.554  -3.230  5.484   0.25 10.11 ? 2815 ARG A N   1 
ATOM   186  C CA  A ARG A 1 27  ? -8.920  -2.717  5.624   0.25 10.34 ? 2815 ARG A CA  1 
ATOM   187  C CA  B ARG A 1 27  ? -8.913  -2.711  5.624   0.25 10.16 ? 2815 ARG A CA  1 
ATOM   188  C C   A ARG A 1 27  ? -8.951  -1.278  6.167   0.25 10.40 ? 2815 ARG A C   1 
ATOM   189  C C   B ARG A 1 27  ? -8.934  -1.285  6.175   0.25 9.92  ? 2815 ARG A C   1 
ATOM   190  O O   A ARG A 1 27  ? -9.792  -0.485  5.755   0.25 10.23 ? 2815 ARG A O   1 
ATOM   191  O O   B ARG A 1 27  ? -9.780  -0.484  5.789   0.25 9.75  ? 2815 ARG A O   1 
ATOM   192  C CB  A ARG A 1 27  ? -9.770  -3.648  6.496   0.25 10.55 ? 2815 ARG A CB  1 
ATOM   193  C CB  B ARG A 1 27  ? -9.741  -3.644  6.502   0.25 10.59 ? 2815 ARG A CB  1 
ATOM   194  C CG  A ARG A 1 27  ? -10.188 -4.947  5.810   0.25 10.72 ? 2815 ARG A CG  1 
ATOM   195  C CG  B ARG A 1 27  ? -10.079 -4.942  5.795   0.25 10.97 ? 2815 ARG A CG  1 
ATOM   196  C CD  A ARG A 1 27  ? -11.262 -5.680  6.603   0.25 10.90 ? 2815 ARG A CD  1 
ATOM   197  C CD  B ARG A 1 27  ? -10.593 -6.015  6.730   0.25 11.40 ? 2815 ARG A CD  1 
ATOM   198  N NE  A ARG A 1 27  ? -10.891 -5.781  8.009   0.25 11.11 ? 2815 ARG A NE  1 
ATOM   199  N NE  B ARG A 1 27  ? -10.872 -7.226  5.972   0.25 11.68 ? 2815 ARG A NE  1 
ATOM   200  C CZ  A ARG A 1 27  ? -10.453 -6.887  8.604   0.25 11.29 ? 2815 ARG A CZ  1 
ATOM   201  C CZ  B ARG A 1 27  ? -10.912 -8.442  6.494   0.25 11.86 ? 2815 ARG A CZ  1 
ATOM   202  N NH1 A ARG A 1 27  ? -10.346 -8.021  7.925   0.25 11.58 ? 2815 ARG A NH1 1 
ATOM   203  N NH1 B ARG A 1 27  ? -10.684 -8.622  7.785   0.25 11.95 ? 2815 ARG A NH1 1 
ATOM   204  N NH2 A ARG A 1 27  ? -10.129 -6.852  9.887   0.25 11.27 ? 2815 ARG A NH2 1 
ATOM   205  N NH2 B ARG A 1 27  ? -11.166 -9.476  5.710   0.25 11.98 ? 2815 ARG A NH2 1 
ATOM   206  N N   A SER A 1 28  ? -8.022  -0.942  7.063   0.38 10.62 ? 2816 SER A N   1 
ATOM   207  N N   B SER A 1 28  ? -7.984  -0.973  7.051   0.12 9.79  ? 2816 SER A N   1 
ATOM   208  C CA  A SER A 1 28  ? -7.913  0.427   7.593   0.38 11.05 ? 2816 SER A CA  1 
ATOM   209  C CA  B SER A 1 28  ? -7.875  0.363   7.632   0.12 9.78  ? 2816 SER A CA  1 
ATOM   210  C C   A SER A 1 28  ? -7.595  1.428   6.478   0.38 10.50 ? 2816 SER A C   1 
ATOM   211  C C   B SER A 1 28  ? -7.478  1.392   6.564   0.12 9.79  ? 2816 SER A C   1 
ATOM   212  O O   A SER A 1 28  ? -8.193  2.507   6.405   0.38 10.54 ? 2816 SER A O   1 
ATOM   213  O O   B SER A 1 28  ? -7.938  2.534   6.594   0.12 9.82  ? 2816 SER A O   1 
ATOM   214  C CB  A SER A 1 28  ? -6.830  0.503   8.674   0.38 11.80 ? 2816 SER A CB  1 
ATOM   215  C CB  B SER A 1 28  ? -6.874  0.354   8.796   0.12 9.74  ? 2816 SER A CB  1 
ATOM   216  O OG  A SER A 1 28  ? -7.226  -0.185  9.845   0.38 13.25 ? 2816 SER A OG  1 
ATOM   217  O OG  B SER A 1 28  ? -5.552  0.620   8.367   0.12 9.44  ? 2816 SER A OG  1 
ATOM   218  N N   A LEU A 1 29  ? -6.650  1.079   5.608   0.25 10.13 ? 2817 LEU A N   1 
ATOM   219  N N   B LEU A 1 29  ? -6.633  0.982   5.618   0.25 9.83  ? 2817 LEU A N   1 
ATOM   220  C CA  A LEU A 1 29  ? -6.316  1.942   4.472   0.25 10.13 ? 2817 LEU A CA  1 
ATOM   221  C CA  B LEU A 1 29  ? -6.260  1.829   4.481   0.25 10.15 ? 2817 LEU A CA  1 
ATOM   222  C C   A LEU A 1 29  ? -7.477  2.050   3.493   0.25 10.00 ? 2817 LEU A C   1 
ATOM   223  C C   B LEU A 1 29  ? -7.435  2.020   3.510   0.25 10.03 ? 2817 LEU A C   1 
ATOM   224  O O   A LEU A 1 29  ? -7.793  3.149   3.029   0.25 10.11 ? 2817 LEU A O   1 
ATOM   225  O O   B LEU A 1 29  ? -7.709  3.138   3.071   0.25 10.23 ? 2817 LEU A O   1 
ATOM   226  C CB  A LEU A 1 29  ? -5.063  1.455   3.746   0.25 10.17 ? 2817 LEU A CB  1 
ATOM   227  C CB  B LEU A 1 29  ? -5.055  1.229   3.745   0.25 10.47 ? 2817 LEU A CB  1 
ATOM   228  C CG  A LEU A 1 29  ? -3.770  2.145   4.180   0.25 10.22 ? 2817 LEU A CG  1 
ATOM   229  C CG  B LEU A 1 29  ? -3.654  1.527   4.296   0.25 10.80 ? 2817 LEU A CG  1 
ATOM   230  C CD1 A LEU A 1 29  ? -3.303  1.617   5.523   0.25 10.23 ? 2817 LEU A CD1 1 
ATOM   231  C CD1 B LEU A 1 29  ? -3.183  2.880   3.795   0.25 10.92 ? 2817 LEU A CD1 1 
ATOM   232  C CD2 A LEU A 1 29  ? -2.697  1.935   3.133   0.25 10.21 ? 2817 LEU A CD2 1 
ATOM   233  C CD2 B LEU A 1 29  ? -3.592  1.469   5.814   0.25 10.91 ? 2817 LEU A CD2 1 
ATOM   234  N N   . GLN A 1 30  ? -8.129  0.925   3.189   1.00 9.98  ? 2818 GLN A N   1 
ATOM   235  C CA  . GLN A 1 30  ? -9.298  0.949   2.269   1.00 10.00 ? 2818 GLN A CA  1 
ATOM   236  C C   . GLN A 1 30  ? -10.473 1.832   2.784   1.00 10.12 ? 2818 GLN A C   1 
ATOM   237  O O   . GLN A 1 30  ? -11.229 2.386   1.977   1.00 10.85 ? 2818 GLN A O   1 
ATOM   238  C CB  . GLN A 1 30  ? -9.802  -0.465  1.963   1.00 9.93  ? 2818 GLN A CB  1 
ATOM   239  C CG  . GLN A 1 30  ? -8.838  -1.293  1.120   1.00 9.89  ? 2818 GLN A CG  1 
ATOM   240  C CD  . GLN A 1 30  ? -9.206  -2.766  1.079   1.00 9.89  ? 2818 GLN A CD  1 
ATOM   241  O OE1 . GLN A 1 30  ? -9.541  -3.364  2.107   1.00 10.74 ? 2818 GLN A OE1 1 
ATOM   242  N NE2 . GLN A 1 30  ? -9.127  -3.370  -0.106  1.00 10.32 ? 2818 GLN A NE2 1 
ATOM   243  N N   . ALA A 1 31  ? -10.578 1.986   4.111   1.00 10.16 ? 2819 ALA A N   1 
ATOM   244  C CA  . ALA A 1 31  ? -11.613 2.810   4.766   1.00 10.80 ? 2819 ALA A CA  1 
ATOM   245  C C   . ALA A 1 31  ? -11.236 4.292   4.935   1.00 10.95 ? 2819 ALA A C   1 
ATOM   246  O O   . ALA A 1 31  ? -12.080 5.092   5.368   1.00 11.41 ? 2819 ALA A O   1 
ATOM   247  C CB  . ALA A 1 31  ? -11.951 2.206   6.130   1.00 11.18 ? 2819 ALA A CB  1 
ATOM   248  N N   . HIS A 1 32  ? -10.002 4.682   4.605   1.00 10.51 ? 2820 HIS A N   1 
ATOM   249  C CA  . HIS A 1 32  ? -9.518  6.058   4.823   1.00 10.70 ? 2820 HIS A CA  1 
ATOM   250  C C   . HIS A 1 32  ? -10.159 6.976   3.779   1.00 11.14 ? 2820 HIS A C   1 
ATOM   251  O O   . HIS A 1 32  ? -10.284 6.608   2.618   1.00 11.02 ? 2820 HIS A O   1 
ATOM   252  C CB  . HIS A 1 32  ? -7.974  6.091   4.734   1.00 10.55 ? 2820 HIS A CB  1 
ATOM   253  C CG  . HIS A 1 32  ? -7.345  7.342   5.282   1.00 10.48 ? 2820 HIS A CG  1 
ATOM   254  N ND1 . HIS A 1 32  ? -7.329  8.535   4.598   1.00 11.64 ? 2820 HIS A ND1 1 
ATOM   255  C CD2 . HIS A 1 32  ? -6.676  7.574   6.441   1.00 10.90 ? 2820 HIS A CD2 1 
ATOM   256  C CE1 . HIS A 1 32  ? -6.718  9.457   5.321   1.00 11.39 ? 2820 HIS A CE1 1 
ATOM   257  N NE2 . HIS A 1 32  ? -6.298  8.897   6.438   1.00 11.40 ? 2820 HIS A NE2 1 
ATOM   258  N N   . LYS A 1 33  ? -10.538 8.183   4.198   1.00 12.00 ? 2821 LYS A N   1 
ATOM   259  C CA  . LYS A 1 33  ? -11.175 9.190   3.321   1.00 14.14 ? 2821 LYS A CA  1 
ATOM   260  C C   . LYS A 1 33  ? -10.369 9.607   2.067   1.00 13.88 ? 2821 LYS A C   1 
ATOM   261  O O   . LYS A 1 33  ? -10.956 10.004  1.062   1.00 14.44 ? 2821 LYS A O   1 
ATOM   262  C CB  . LYS A 1 33  ? -11.483 10.435  4.176   1.00 16.33 ? 2821 LYS A CB  1 
ATOM   263  C CG  . LYS A 1 33  ? -12.261 11.582  3.550   1.00 19.10 ? 2821 LYS A CG  1 
ATOM   264  C CD  . LYS A 1 33  ? -12.077 12.888  4.332   1.00 21.26 ? 2821 LYS A CD  1 
ATOM   265  C CE  . LYS A 1 33  ? -12.287 12.776  5.839   1.00 22.65 ? 2821 LYS A CE  1 
ATOM   266  N NZ  . LYS A 1 33  ? -12.071 14.096  6.516   1.00 23.63 ? 2821 LYS A NZ  1 
ATOM   267  N N   A MET A 1 34  ? -9.041  9.533   2.167   0.25 13.84 ? 2822 MET A N   1 
ATOM   268  N N   B MET A 1 34  ? -9.040  9.537   2.161   0.25 13.85 ? 2822 MET A N   1 
ATOM   269  C CA  A MET A 1 34  ? -8.117  9.900   1.087   0.25 14.09 ? 2822 MET A CA  1 
ATOM   270  C CA  B MET A 1 34  ? -8.130  9.909   1.070   0.25 14.09 ? 2822 MET A CA  1 
ATOM   271  C C   A MET A 1 34  ? -7.611  8.702   0.269   0.25 13.69 ? 2822 MET A C   1 
ATOM   272  C C   B MET A 1 34  ? -7.669  8.721   0.205   0.25 13.69 ? 2822 MET A C   1 
ATOM   273  O O   A MET A 1 34  ? -6.655  8.851   -0.500  0.25 13.98 ? 2822 MET A O   1 
ATOM   274  O O   B MET A 1 34  ? -6.821  8.902   -0.673  0.25 13.91 ? 2822 MET A O   1 
ATOM   275  C CB  A MET A 1 34  ? -6.909  10.645  1.672   0.25 14.59 ? 2822 MET A CB  1 
ATOM   276  C CB  B MET A 1 34  ? -6.895  10.622  1.640   0.25 14.60 ? 2822 MET A CB  1 
ATOM   277  C CG  A MET A 1 34  ? -7.266  11.764  2.642   0.25 14.99 ? 2822 MET A CG  1 
ATOM   278  C CG  B MET A 1 34  ? -7.182  11.918  2.392   0.25 15.01 ? 2822 MET A CG  1 
ATOM   279  S SD  A MET A 1 34  ? -8.033  13.189  1.847   0.25 15.53 ? 2822 MET A SD  1 
ATOM   280  S SD  B MET A 1 34  ? -7.679  13.301  1.342   0.25 15.46 ? 2822 MET A SD  1 
ATOM   281  C CE  A MET A 1 34  ? -6.625  13.952  1.034   0.25 15.33 ? 2822 MET A CE  1 
ATOM   282  C CE  B MET A 1 34  ? -9.461  13.205  1.461   0.25 15.44 ? 2822 MET A CE  1 
ATOM   283  N N   . ALA A 1 35  ? -8.236  7.530   0.423   1.00 13.29 ? 2823 ALA A N   1 
ATOM   284  C CA  . ALA A 1 35  ? -7.819  6.310   -0.308  1.00 12.63 ? 2823 ALA A CA  1 
ATOM   285  C C   . ALA A 1 35  ? -8.502  6.112   -1.666  1.00 12.41 ? 2823 ALA A C   1 
ATOM   286  O O   . ALA A 1 35  ? -8.061  5.251   -2.428  1.00 10.84 ? 2823 ALA A O   1 
ATOM   287  C CB  . ALA A 1 35  ? -8.019  5.083   0.556   1.00 12.86 ? 2823 ALA A CB  1 
ATOM   288  N N   . TRP A 1 36  ? -9.543  6.898   -1.998  1.00 12.64 ? 2824 TRP A N   1 
ATOM   289  C CA  . TRP A 1 36  ? -10.310 6.687   -3.248  1.00 13.53 ? 2824 TRP A CA  1 
ATOM   290  C C   . TRP A 1 36  ? -9.491  6.515   -4.549  1.00 12.79 ? 2824 TRP A C   1 
ATOM   291  O O   . TRP A 1 36  ? -9.832  5.636   -5.333  1.00 13.62 ? 2824 TRP A O   1 
ATOM   292  C CB  . TRP A 1 36  ? -11.410 7.757   -3.469  1.00 14.85 ? 2824 TRP A CB  1 
ATOM   293  C CG  . TRP A 1 36  ? -12.499 7.729   -2.405  1.00 16.51 ? 2824 TRP A CG  1 
ATOM   294  C CD1 . TRP A 1 36  ? -12.613 8.586   -1.365  1.00 17.39 ? 2824 TRP A CD1 1 
ATOM   295  C CD2 . TRP A 1 36  ? -13.583 6.794   -2.275  1.00 17.79 ? 2824 TRP A CD2 1 
ATOM   296  N NE1 . TRP A 1 36  ? -13.699 8.261   -0.588  1.00 18.55 ? 2824 TRP A NE1 1 
ATOM   297  C CE2 . TRP A 1 36  ? -14.321 7.170   -1.128  1.00 18.27 ? 2824 TRP A CE2 1 
ATOM   298  C CE3 . TRP A 1 36  ? -14.019 5.698   -3.024  1.00 17.97 ? 2824 TRP A CE3 1 
ATOM   299  C CZ2 . TRP A 1 36  ? -15.455 6.469   -0.694  1.00 19.13 ? 2824 TRP A CZ2 1 
ATOM   300  C CZ3 . TRP A 1 36  ? -15.154 4.996   -2.588  1.00 18.88 ? 2824 TRP A CZ3 1 
ATOM   301  C CH2 . TRP A 1 36  ? -15.858 5.396   -1.439  1.00 18.89 ? 2824 TRP A CH2 1 
ATOM   302  N N   . PRO A 1 37  ? -8.415  7.329   -4.772  1.00 12.51 ? 2825 PRO A N   1 
ATOM   303  C CA  . PRO A 1 37  ? -7.659  7.114   -6.027  1.00 11.74 ? 2825 PRO A CA  1 
ATOM   304  C C   . PRO A 1 37  ? -6.902  5.779   -6.132  1.00 10.37 ? 2825 PRO A C   1 
ATOM   305  O O   . PRO A 1 37  ? -6.496  5.424   -7.238  1.00 10.31 ? 2825 PRO A O   1 
ATOM   306  C CB  . PRO A 1 37  ? -6.662  8.284   -6.084  1.00 12.50 ? 2825 PRO A CB  1 
ATOM   307  C CG  . PRO A 1 37  ? -6.769  9.041   -4.809  1.00 12.86 ? 2825 PRO A CG  1 
ATOM   308  C CD  . PRO A 1 37  ? -7.860  8.437   -3.973  1.00 12.87 ? 2825 PRO A CD  1 
ATOM   309  N N   . PHE A 1 38  ? -6.734  5.069   -5.007  1.00 9.36  ? 2826 PHE A N   1 
ATOM   310  C CA  . PHE A 1 38  ? -5.873  3.875   -4.916  1.00 9.32  ? 2826 PHE A CA  1 
ATOM   311  C C   . PHE A 1 38  ? -6.638  2.562   -4.734  1.00 9.40  ? 2826 PHE A C   1 
ATOM   312  O O   . PHE A 1 38  ? -6.003  1.498   -4.671  1.00 9.42  ? 2826 PHE A O   1 
ATOM   313  C CB  . PHE A 1 38  ? -4.877  4.025   -3.735  1.00 9.52  ? 2826 PHE A CB  1 
ATOM   314  C CG  . PHE A 1 38  ? -4.148  5.353   -3.703  1.00 9.68  ? 2826 PHE A CG  1 
ATOM   315  C CD1 . PHE A 1 38  ? -3.318  5.731   -4.756  1.00 9.59  ? 2826 PHE A CD1 1 
ATOM   316  C CD2 . PHE A 1 38  ? -4.297  6.238   -2.629  1.00 10.14 ? 2826 PHE A CD2 1 
ATOM   317  C CE1 . PHE A 1 38  ? -2.665  6.951   -4.759  1.00 10.05 ? 2826 PHE A CE1 1 
ATOM   318  C CE2 . PHE A 1 38  ? -3.629  7.457   -2.616  1.00 10.48 ? 2826 PHE A CE2 1 
ATOM   319  C CZ  . PHE A 1 38  ? -2.815  7.815   -3.685  1.00 10.46 ? 2826 PHE A CZ  1 
ATOM   320  N N   . LEU A 1 39  ? -7.975  2.614   -4.632  1.00 9.64  ? 2827 LEU A N   1 
ATOM   321  C CA  . LEU A 1 39  ? -8.765  1.421   -4.299  1.00 9.96  ? 2827 LEU A CA  1 
ATOM   322  C C   . LEU A 1 39  ? -8.720  0.351   -5.395  1.00 10.44 ? 2827 LEU A C   1 
ATOM   323  O O   . LEU A 1 39  ? -8.725  -0.854  -5.091  1.00 11.36 ? 2827 LEU A O   1 
ATOM   324  C CB  . LEU A 1 39  ? -10.234 1.787   -3.989  1.00 10.38 ? 2827 LEU A CB  1 
ATOM   325  C CG  . LEU A 1 39  ? -10.484 2.608   -2.719  1.00 10.77 ? 2827 LEU A CG  1 
ATOM   326  C CD1 . LEU A 1 39  ? -11.958 2.977   -2.609  1.00 11.00 ? 2827 LEU A CD1 1 
ATOM   327  C CD2 . LEU A 1 39  ? -10.019 1.903   -1.450  1.00 10.88 ? 2827 LEU A CD2 1 
ATOM   328  N N   . GLU A 1 40  ? -8.682  0.792   -6.657  1.00 10.75 ? 2828 GLU A N   1 
ATOM   329  C CA  . GLU A 1 40  ? -8.707  -0.095  -7.832  1.00 11.43 ? 2828 GLU A CA  1 
ATOM   330  C C   . GLU A 1 40  ? -7.618  0.349   -8.819  1.00 10.40 ? 2828 GLU A C   1 
ATOM   331  O O   . GLU A 1 40  ? -7.123  1.482   -8.712  1.00 9.64  ? 2828 GLU A O   1 
ATOM   332  C CB  . GLU A 1 40  ? -10.084 -0.009  -8.515  1.00 13.15 ? 2828 GLU A CB  1 
ATOM   333  C CG  . GLU A 1 40  ? -11.269 -0.443  -7.659  1.00 15.51 ? 2828 GLU A CG  1 
ATOM   334  C CD  . GLU A 1 40  ? -11.353 -1.930  -7.422  1.00 17.99 ? 2828 GLU A CD  1 
ATOM   335  O OE1 . GLU A 1 40  ? -10.868 -2.706  -8.270  1.00 21.40 ? 2828 GLU A OE1 1 
ATOM   336  O OE2 . GLU A 1 40  ? -11.933 -2.334  -6.389  1.00 21.58 ? 2828 GLU A OE2 1 
ATOM   337  N N   . PRO A 1 41  ? -7.245  -0.515  -9.802  1.00 10.77 ? 2829 PRO A N   1 
ATOM   338  C CA  . PRO A 1 41  ? -6.257  -0.089  -10.812 1.00 10.94 ? 2829 PRO A CA  1 
ATOM   339  C C   . PRO A 1 41  ? -6.612  1.241   -11.485 1.00 10.96 ? 2829 PRO A C   1 
ATOM   340  O O   . PRO A 1 41  ? -7.811  1.535   -11.677 1.00 10.80 ? 2829 PRO A O   1 
ATOM   341  C CB  . PRO A 1 41  ? -6.294  -1.227  -11.848 1.00 11.43 ? 2829 PRO A CB  1 
ATOM   342  C CG  . PRO A 1 41  ? -6.698  -2.411  -11.062 1.00 11.56 ? 2829 PRO A CG  1 
ATOM   343  C CD  . PRO A 1 41  ? -7.673  -1.912  -10.032 1.00 11.25 ? 2829 PRO A CD  1 
ATOM   344  N N   . VAL A 1 42  ? -5.603  2.037   -11.845 1.00 10.93 ? 2830 VAL A N   1 
ATOM   345  C CA  . VAL A 1 42  ? -5.825  3.297   -12.562 1.00 11.61 ? 2830 VAL A CA  1 
ATOM   346  C C   . VAL A 1 42  ? -6.601  3.000   -13.852 1.00 12.26 ? 2830 VAL A C   1 
ATOM   347  O O   . VAL A 1 42  ? -6.273  2.056   -14.577 1.00 11.75 ? 2830 VAL A O   1 
ATOM   348  C CB  . VAL A 1 42  ? -4.484  4.023   -12.884 1.00 11.58 ? 2830 VAL A CB  1 
ATOM   349  C CG1 . VAL A 1 42  ? -4.691  5.194   -13.849 1.00 11.60 ? 2830 VAL A CG1 1 
ATOM   350  C CG2 . VAL A 1 42  ? -3.816  4.475   -11.588 1.00 11.65 ? 2830 VAL A CG2 1 
ATOM   351  N N   . ASP A 1 43  ? -7.644  3.792   -14.122 1.00 13.45 ? 2831 ASP A N   1 
ATOM   352  C CA  . ASP A 1 43  ? -8.516  3.577   -15.287 1.00 15.05 ? 2831 ASP A CA  1 
ATOM   353  C C   . ASP A 1 43  ? -7.838  4.145   -16.539 1.00 15.56 ? 2831 ASP A C   1 
ATOM   354  O O   . ASP A 1 43  ? -7.614  5.350   -16.609 1.00 15.54 ? 2831 ASP A O   1 
ATOM   355  C CB  . ASP A 1 43  ? -9.881  4.262   -15.071 1.00 16.43 ? 2831 ASP A CB  1 
ATOM   356  C CG  . ASP A 1 43  ? -10.925 3.864   -16.121 1.00 17.94 ? 2831 ASP A CG  1 
ATOM   357  O OD1 . ASP A 1 43  ? -10.564 3.490   -17.258 1.00 18.84 ? 2831 ASP A OD1 1 
ATOM   358  O OD2 . ASP A 1 43  ? -12.128 3.940   -15.795 1.00 20.18 ? 2831 ASP A OD2 1 
ATOM   359  N N   . PRO A 1 44  ? -7.503  3.278   -17.527 1.00 17.04 ? 2832 PRO A N   1 
ATOM   360  C CA  . PRO A 1 44  ? -6.828  3.784   -18.735 1.00 18.57 ? 2832 PRO A CA  1 
ATOM   361  C C   . PRO A 1 44  ? -7.646  4.781   -19.585 1.00 19.83 ? 2832 PRO A C   1 
ATOM   362  O O   . PRO A 1 44  ? -7.053  5.646   -20.232 1.00 20.06 ? 2832 PRO A O   1 
ATOM   363  C CB  . PRO A 1 44  ? -6.502  2.513   -19.535 1.00 18.52 ? 2832 PRO A CB  1 
ATOM   364  C CG  . PRO A 1 44  ? -7.274  1.407   -18.926 1.00 18.89 ? 2832 PRO A CG  1 
ATOM   365  C CD  . PRO A 1 44  ? -7.682  1.812   -17.548 1.00 17.55 ? 2832 PRO A CD  1 
ATOM   366  N N   . ASN A 1 45  ? -8.974  4.661   -19.574 1.00 21.95 ? 2833 ASN A N   1 
ATOM   367  C CA  . ASN A 1 45  ? -9.855  5.674   -20.210 1.00 23.59 ? 2833 ASN A CA  1 
ATOM   368  C C   . ASN A 1 45  ? -9.696  7.099   -19.646 1.00 23.93 ? 2833 ASN A C   1 
ATOM   369  O O   . ASN A 1 45  ? -9.791  8.082   -20.404 1.00 24.31 ? 2833 ASN A O   1 
ATOM   370  C CB  . ASN A 1 45  ? -11.342 5.251   -20.157 1.00 25.15 ? 2833 ASN A CB  1 
ATOM   371  C CG  . ASN A 1 45  ? -11.775 4.420   -21.363 1.00 26.61 ? 2833 ASN A CG  1 
ATOM   372  O OD1 . ASN A 1 45  ? -11.245 4.563   -22.471 1.00 28.58 ? 2833 ASN A OD1 1 
ATOM   373  N ND2 . ASN A 1 45  ? -12.769 3.559   -21.155 1.00 28.20 ? 2833 ASN A ND2 1 
ATOM   374  N N   . ASP A 1 46  ? -9.460  7.207   -18.340 0.60 23.56 ? 2834 ASP A N   1 
ATOM   375  C CA  . ASP A 1 46  ? -9.234  8.505   -17.694 0.60 23.53 ? 2834 ASP A CA  1 
ATOM   376  C C   . ASP A 1 46  ? -7.776  8.970   -17.795 0.60 23.63 ? 2834 ASP A C   1 
ATOM   377  O O   . ASP A 1 46  ? -7.521  10.175  -17.830 0.60 23.81 ? 2834 ASP A O   1 
ATOM   378  C CB  . ASP A 1 46  ? -9.692  8.461   -16.229 0.60 23.47 ? 2834 ASP A CB  1 
ATOM   379  C CG  . ASP A 1 46  ? -11.188 8.187   -16.086 0.60 23.41 ? 2834 ASP A CG  1 
ATOM   380  O OD1 . ASP A 1 46  ? -11.579 7.492   -15.123 0.60 23.05 ? 2834 ASP A OD1 1 
ATOM   381  O OD2 . ASP A 1 46  ? -11.978 8.662   -16.933 0.60 23.38 ? 2834 ASP A OD2 1 
ATOM   382  N N   . ALA A 1 47  ? -6.832  8.025   -17.837 1.00 23.72 ? 2835 ALA A N   1 
ATOM   383  C CA  . ALA A 1 47  ? -5.385  8.332   -17.966 1.00 23.04 ? 2835 ALA A CA  1 
ATOM   384  C C   . ALA A 1 47  ? -4.748  7.595   -19.164 1.00 22.66 ? 2835 ALA A C   1 
ATOM   385  O O   . ALA A 1 47  ? -4.103  6.550   -18.988 1.00 21.27 ? 2835 ALA A O   1 
ATOM   386  C CB  . ALA A 1 47  ? -4.679  7.954   -16.669 1.00 23.30 ? 2835 ALA A CB  1 
ATOM   387  N N   . PRO A 1 48  ? -4.914  8.141   -20.392 1.00 22.57 ? 2836 PRO A N   1 
ATOM   388  C CA  . PRO A 1 48  ? -4.429  7.412   -21.578 1.00 21.58 ? 2836 PRO A CA  1 
ATOM   389  C C   . PRO A 1 48  ? -2.906  7.148   -21.750 1.00 20.74 ? 2836 PRO A C   1 
ATOM   390  O O   . PRO A 1 48  ? -2.535  6.233   -22.508 1.00 21.83 ? 2836 PRO A O   1 
ATOM   391  C CB  . PRO A 1 48  ? -4.975  8.239   -22.760 1.00 22.83 ? 2836 PRO A CB  1 
ATOM   392  C CG  . PRO A 1 48  ? -5.346  9.563   -22.193 1.00 23.17 ? 2836 PRO A CG  1 
ATOM   393  C CD  . PRO A 1 48  ? -5.736  9.309   -20.767 1.00 23.04 ? 2836 PRO A CD  1 
ATOM   394  N N   . ASP A 1 49  ? -2.071  7.931   -21.066 0.60 20.45 ? 2837 ASP A N   1 
ATOM   395  C CA  . ASP A 1 49  ? -0.612  7.785   -21.116 0.60 19.99 ? 2837 ASP A CA  1 
ATOM   396  C C   . ASP A 1 49  ? -0.022  7.050   -19.898 0.60 18.62 ? 2837 ASP A C   1 
ATOM   397  O O   . ASP A 1 49  ? 1.177   6.765   -19.882 0.60 18.93 ? 2837 ASP A O   1 
ATOM   398  C CB  . ASP A 1 49  ? 0.045   9.166   -21.242 0.60 20.92 ? 2837 ASP A CB  1 
ATOM   399  C CG  . ASP A 1 49  ? -0.397  9.920   -22.493 0.60 21.60 ? 2837 ASP A CG  1 
ATOM   400  O OD1 . ASP A 1 49  ? -0.828  11.086  -22.368 0.60 22.43 ? 2837 ASP A OD1 1 
ATOM   401  O OD2 . ASP A 1 49  ? -0.313  9.349   -23.601 0.60 22.52 ? 2837 ASP A OD2 1 
ATOM   402  N N   . TYR A 1 50  ? -0.851  6.741   -18.897 1.00 17.39 ? 2838 TYR A N   1 
ATOM   403  C CA  . TYR A 1 50  ? -0.379  6.141   -17.612 1.00 14.77 ? 2838 TYR A CA  1 
ATOM   404  C C   . TYR A 1 50  ? 0.421   4.843   -17.730 1.00 13.43 ? 2838 TYR A C   1 
ATOM   405  O O   . TYR A 1 50  ? 1.533   4.745   -17.193 1.00 13.11 ? 2838 TYR A O   1 
ATOM   406  C CB  . TYR A 1 50  ? -1.551  5.925   -16.638 1.00 13.14 ? 2838 TYR A CB  1 
ATOM   407  C CG  . TYR A 1 50  ? -1.116  5.557   -15.229 1.00 11.82 ? 2838 TYR A CG  1 
ATOM   408  C CD1 . TYR A 1 50  ? -0.836  6.550   -14.286 1.00 11.22 ? 2838 TYR A CD1 1 
ATOM   409  C CD2 . TYR A 1 50  ? -0.976  4.221   -14.836 1.00 11.33 ? 2838 TYR A CD2 1 
ATOM   410  C CE1 . TYR A 1 50  ? -0.435  6.229   -12.992 1.00 10.52 ? 2838 TYR A CE1 1 
ATOM   411  C CE2 . TYR A 1 50  ? -0.555  3.883   -13.551 1.00 10.67 ? 2838 TYR A CE2 1 
ATOM   412  C CZ  . TYR A 1 50  ? -0.293  4.886   -12.626 1.00 10.24 ? 2838 TYR A CZ  1 
ATOM   413  O OH  . TYR A 1 50  ? 0.121   4.566   -11.340 1.00 9.72  ? 2838 TYR A OH  1 
ATOM   414  N N   . TYR A 1 51  ? -0.114  3.870   -18.460 1.00 12.35 ? 2839 TYR A N   1 
ATOM   415  C CA  . TYR A 1 51  ? 0.521   2.549   -18.538 1.00 12.33 ? 2839 TYR A CA  1 
ATOM   416  C C   . TYR A 1 51  ? 1.753   2.488   -19.460 1.00 12.75 ? 2839 TYR A C   1 
ATOM   417  O O   . TYR A 1 51  ? 2.540   1.536   -19.386 1.00 13.14 ? 2839 TYR A O   1 
ATOM   418  C CB  . TYR A 1 51  ? -0.519  1.465   -18.858 1.00 11.97 ? 2839 TYR A CB  1 
ATOM   419  C CG  . TYR A 1 51  ? -1.487  1.228   -17.703 1.00 11.67 ? 2839 TYR A CG  1 
ATOM   420  C CD1 . TYR A 1 51  ? -2.664  1.977   -17.571 1.00 11.69 ? 2839 TYR A CD1 1 
ATOM   421  C CD2 . TYR A 1 51  ? -1.207  0.292   -16.725 1.00 11.75 ? 2839 TYR A CD2 1 
ATOM   422  C CE1 . TYR A 1 51  ? -3.529  1.773   -16.499 1.00 11.63 ? 2839 TYR A CE1 1 
ATOM   423  C CE2 . TYR A 1 51  ? -2.058  0.083   -15.654 1.00 11.60 ? 2839 TYR A CE2 1 
ATOM   424  C CZ  . TYR A 1 51  ? -3.227  0.818   -15.542 1.00 11.28 ? 2839 TYR A CZ  1 
ATOM   425  O OH  . TYR A 1 51  ? -4.059  0.585   -14.469 1.00 11.56 ? 2839 TYR A OH  1 
ATOM   426  N N   . GLY A 1 52  ? 1.967   3.535   -20.254 1.00 13.49 ? 2840 GLY A N   1 
ATOM   427  C CA  . GLY A 1 52  ? 3.233   3.738   -20.963 1.00 14.58 ? 2840 GLY A CA  1 
ATOM   428  C C   . GLY A 1 52  ? 4.405   4.267   -20.142 1.00 14.96 ? 2840 GLY A C   1 
ATOM   429  O O   . GLY A 1 52  ? 5.566   4.042   -20.524 1.00 17.51 ? 2840 GLY A O   1 
ATOM   430  N N   A VAL A 1 53  ? 4.139   4.960   -19.034 0.28 14.75 ? 2841 VAL A N   1 
ATOM   431  N N   B VAL A 1 53  ? 4.082   4.964   -19.048 0.32 14.65 ? 2841 VAL A N   1 
ATOM   432  C CA  A VAL A 1 53  ? 5.228   5.500   -18.198 0.28 14.40 ? 2841 VAL A CA  1 
ATOM   433  C CA  B VAL A 1 53  ? 5.044   5.620   -18.154 0.32 14.24 ? 2841 VAL A CA  1 
ATOM   434  C C   A VAL A 1 53  ? 5.383   4.846   -16.819 0.28 13.94 ? 2841 VAL A C   1 
ATOM   435  C C   B VAL A 1 53  ? 5.366   4.756   -16.926 0.32 13.86 ? 2841 VAL A C   1 
ATOM   436  O O   A VAL A 1 53  ? 6.463   4.943   -16.237 0.28 13.68 ? 2841 VAL A O   1 
ATOM   437  O O   B VAL A 1 53  ? 6.534   4.581   -16.579 0.32 13.79 ? 2841 VAL A O   1 
ATOM   438  C CB  A VAL A 1 53  ? 5.157   7.040   -18.058 0.28 14.62 ? 2841 VAL A CB  1 
ATOM   439  C CB  B VAL A 1 53  ? 4.494   6.995   -17.688 0.32 14.26 ? 2841 VAL A CB  1 
ATOM   440  C CG1 A VAL A 1 53  ? 4.878   7.690   -19.408 0.28 14.65 ? 2841 VAL A CG1 1 
ATOM   441  C CG1 B VAL A 1 53  ? 5.411   7.647   -16.657 0.32 14.36 ? 2841 VAL A CG1 1 
ATOM   442  C CG2 A VAL A 1 53  ? 4.131   7.466   -17.027 0.28 14.61 ? 2841 VAL A CG2 1 
ATOM   443  C CG2 B VAL A 1 53  ? 4.293   7.924   -18.879 0.32 14.51 ? 2841 VAL A CG2 1 
ATOM   444  N N   . ILE A 1 54  ? 4.326   4.227   -16.282 1.00 13.46 ? 2842 ILE A N   1 
ATOM   445  C CA  . ILE A 1 54  ? 4.438   3.448   -15.021 1.00 13.23 ? 2842 ILE A CA  1 
ATOM   446  C C   . ILE A 1 54  ? 4.552   1.965   -15.364 1.00 13.84 ? 2842 ILE A C   1 
ATOM   447  O O   . ILE A 1 54  ? 3.562   1.327   -15.754 1.00 14.82 ? 2842 ILE A O   1 
ATOM   448  C CB  . ILE A 1 54  ? 3.199   3.685   -14.114 1.00 12.42 ? 2842 ILE A CB  1 
ATOM   449  C CG1 . ILE A 1 54  ? 3.063   5.175   -13.753 1.00 12.42 ? 2842 ILE A CG1 1 
ATOM   450  C CG2 . ILE A 1 54  ? 3.255   2.819   -12.862 1.00 12.43 ? 2842 ILE A CG2 1 
ATOM   451  C CD1 . ILE A 1 54  ? 4.254   5.768   -13.033 1.00 12.47 ? 2842 ILE A CD1 1 
ATOM   452  N N   . LYS A 1 55  ? 5.754   1.421   -15.214 1.00 14.73 ? 2843 LYS A N   1 
ATOM   453  C CA  . LYS A 1 55  ? 6.001   0.039   -15.645 1.00 15.42 ? 2843 LYS A CA  1 
ATOM   454  C C   . LYS A 1 55  ? 5.485   -1.033  -14.677 1.00 14.58 ? 2843 LYS A C   1 
ATOM   455  O O   . LYS A 1 55  ? 5.145   -2.117  -15.141 1.00 15.70 ? 2843 LYS A O   1 
ATOM   456  C CB  . LYS A 1 55  ? 7.483   -0.186  -15.953 1.00 17.00 ? 2843 LYS A CB  1 
ATOM   457  C CG  . LYS A 1 55  ? 7.754   -1.402  -16.827 1.00 18.53 ? 2843 LYS A CG  1 
ATOM   458  N N   . GLU A 1 56  ? 5.427   -0.738  -13.369 1.00 13.23 ? 2844 GLU A N   1 
ATOM   459  C CA  . GLU A 1 56  ? 4.880   -1.671  -12.359 1.00 12.80 ? 2844 GLU A CA  1 
ATOM   460  C C   . GLU A 1 56  ? 3.730   -1.011  -11.566 1.00 10.81 ? 2844 GLU A C   1 
ATOM   461  O O   . GLU A 1 56  ? 3.929   -0.559  -10.423 1.00 10.26 ? 2844 GLU A O   1 
ATOM   462  C CB  . GLU A 1 56  ? 5.965   -2.160  -11.387 1.00 15.17 ? 2844 GLU A CB  1 
ATOM   463  C CG  . GLU A 1 56  ? 6.950   -3.159  -11.963 1.00 17.74 ? 2844 GLU A CG  1 
ATOM   464  C CD  . GLU A 1 56  ? 7.983   -3.593  -10.944 1.00 20.05 ? 2844 GLU A CD  1 
ATOM   465  O OE1 . GLU A 1 56  ? 9.184   -3.330  -11.169 1.00 24.32 ? 2844 GLU A OE1 1 
ATOM   466  O OE2 . GLU A 1 56  ? 7.596   -4.178  -9.906  1.00 20.91 ? 2844 GLU A OE2 1 
ATOM   467  N N   . PRO A 1 57  ? 2.516   -0.960  -12.154 1.00 9.41  ? 2845 PRO A N   1 
ATOM   468  C CA  . PRO A 1 57  ? 1.346   -0.422  -11.438 1.00 9.14  ? 2845 PRO A CA  1 
ATOM   469  C C   . PRO A 1 57  ? 1.005   -1.236  -10.189 1.00 8.49  ? 2845 PRO A C   1 
ATOM   470  O O   . PRO A 1 57  ? 1.325   -2.435  -10.107 1.00 8.63  ? 2845 PRO A O   1 
ATOM   471  C CB  . PRO A 1 57  ? 0.223   -0.540  -12.475 1.00 9.50  ? 2845 PRO A CB  1 
ATOM   472  C CG  . PRO A 1 57  ? 0.685   -1.590  -13.426 1.00 10.87 ? 2845 PRO A CG  1 
ATOM   473  C CD  . PRO A 1 57  ? 2.161   -1.410  -13.518 1.00 10.08 ? 2845 PRO A CD  1 
ATOM   474  N N   . MET A 1 58  ? 0.366   -0.598  -9.210  1.00 7.77  ? 2846 MET A N   1 
ATOM   475  C CA  . MET A 1 58  ? -0.125  -1.305  -8.015  1.00 7.78  ? 2846 MET A CA  1 
ATOM   476  C C   . MET A 1 58  ? -1.315  -0.549  -7.421  1.00 7.57  ? 2846 MET A C   1 
ATOM   477  O O   . MET A 1 58  ? -1.406  0.675   -7.568  1.00 7.94  ? 2846 MET A O   1 
ATOM   478  C CB  . MET A 1 58  ? 1.006   -1.497  -6.985  1.00 8.02  ? 2846 MET A CB  1 
ATOM   479  C CG  . MET A 1 58  ? 0.672   -2.383  -5.784  1.00 8.45  ? 2846 MET A CG  1 
ATOM   480  S SD  . MET A 1 58  ? -0.016  -4.009  -6.171  1.00 9.20  ? 2846 MET A SD  1 
ATOM   481  C CE  . MET A 1 58  ? 1.253   -4.696  -7.255  1.00 9.75  ? 2846 MET A CE  1 
ATOM   482  N N   . ASP A 1 59  ? -2.195  -1.283  -6.746  1.00 7.60  ? 2847 ASP A N   1 
ATOM   483  C CA  . ASP A 1 59  ? -3.423  -0.711  -6.172  1.00 7.92  ? 2847 ASP A CA  1 
ATOM   484  C C   . ASP A 1 59  ? -3.876  -1.602  -5.006  1.00 7.67  ? 2847 ASP A C   1 
ATOM   485  O O   . ASP A 1 59  ? -3.388  -2.738  -4.853  1.00 7.87  ? 2847 ASP A O   1 
ATOM   486  C CB  . ASP A 1 59  ? -4.518  -0.621  -7.237  1.00 8.53  ? 2847 ASP A CB  1 
ATOM   487  C CG  . ASP A 1 59  ? -4.962  -1.993  -7.699  1.00 9.08  ? 2847 ASP A CG  1 
ATOM   488  O OD1 . ASP A 1 59  ? -4.280  -2.563  -8.577  1.00 9.86  ? 2847 ASP A OD1 1 
ATOM   489  O OD2 . ASP A 1 59  ? -5.934  -2.547  -7.124  1.00 10.09 ? 2847 ASP A OD2 1 
ATOM   490  N N   . LEU A 1 60  ? -4.783  -1.082  -4.173  1.00 7.75  ? 2848 LEU A N   1 
ATOM   491  C CA  . LEU A 1 60  ? -5.201  -1.806  -2.966  1.00 8.15  ? 2848 LEU A CA  1 
ATOM   492  C C   . LEU A 1 60  ? -6.023  -3.076  -3.227  1.00 8.38  ? 2848 LEU A C   1 
ATOM   493  O O   . LEU A 1 60  ? -5.993  -4.010  -2.419  1.00 8.88  ? 2848 LEU A O   1 
ATOM   494  C CB  . LEU A 1 60  ? -5.941  -0.880  -1.995  1.00 8.32  ? 2848 LEU A CB  1 
ATOM   495  C CG  . LEU A 1 60  ? -5.107  0.286   -1.447  1.00 8.55  ? 2848 LEU A CG  1 
ATOM   496  C CD1 . LEU A 1 60  ? -6.008  1.332   -0.808  1.00 8.81  ? 2848 LEU A CD1 1 
ATOM   497  C CD2 . LEU A 1 60  ? -4.029  -0.174  -0.463  1.00 8.85  ? 2848 LEU A CD2 1 
ATOM   498  N N   . ALA A 1 61  ? -6.762  -3.138  -4.339  1.00 8.52  ? 2849 ALA A N   1 
ATOM   499  C CA  . ALA A 1 61  ? -7.529  -4.360  -4.674  1.00 9.06  ? 2849 ALA A CA  1 
ATOM   500  C C   . ALA A 1 61  ? -6.601  -5.497  -5.106  1.00 8.81  ? 2849 ALA A C   1 
ATOM   501  O O   . ALA A 1 61  ? -6.847  -6.669  -4.753  1.00 9.50  ? 2849 ALA A O   1 
ATOM   502  C CB  . ALA A 1 61  ? -8.593  -4.082  -5.733  1.00 9.27  ? 2849 ALA A CB  1 
ATOM   503  N N   . THR A 1 62  ? -5.550  -5.166  -5.863  1.00 8.99  ? 2850 THR A N   1 
ATOM   504  C CA  . THR A 1 62  ? -4.521  -6.153  -6.214  1.00 8.97  ? 2850 THR A CA  1 
ATOM   505  C C   . THR A 1 62  ? -3.832  -6.677  -4.934  1.00 8.77  ? 2850 THR A C   1 
ATOM   506  O O   . THR A 1 62  ? -3.636  -7.890  -4.761  1.00 8.80  ? 2850 THR A O   1 
ATOM   507  C CB  . THR A 1 62  ? -3.516  -5.561  -7.219  1.00 9.28  ? 2850 THR A CB  1 
ATOM   508  O OG1 . THR A 1 62  ? -4.206  -5.231  -8.434  1.00 9.84  ? 2850 THR A OG1 1 
ATOM   509  C CG2 . THR A 1 62  ? -2.391  -6.546  -7.539  1.00 9.53  ? 2850 THR A CG2 1 
ATOM   510  N N   . MET A 1 63  ? -3.519  -5.772  -4.004  1.00 8.38  ? 2851 MET A N   1 
ATOM   511  C CA  . MET A 1 63  ? -2.948  -6.199  -2.708  1.00 8.69  ? 2851 MET A CA  1 
ATOM   512  C C   . MET A 1 63  ? -3.907  -7.099  -1.905  1.00 8.95  ? 2851 MET A C   1 
ATOM   513  O O   . MET A 1 63  ? -3.450  -8.066  -1.269  1.00 8.79  ? 2851 MET A O   1 
ATOM   514  C CB  . MET A 1 63  ? -2.465  -5.017  -1.857  1.00 8.68  ? 2851 MET A CB  1 
ATOM   515  C CG  . MET A 1 63  ? -1.282  -4.282  -2.476  1.00 8.69  ? 2851 MET A CG  1 
ATOM   516  S SD  . MET A 1 63  ? -0.419  -3.130  -1.382  1.00 9.00  ? 2851 MET A SD  1 
ATOM   517  C CE  . MET A 1 63  ? 0.206   -4.287  -0.147  1.00 9.05  ? 2851 MET A CE  1 
ATOM   518  N N   A GLU A 1 64  ? -5.209  -6.796  -1.929  0.25 9.11  ? 2852 GLU A N   1 
ATOM   519  N N   B GLU A 1 64  ? -5.202  -6.788  -1.932  0.25 9.06  ? 2852 GLU A N   1 
ATOM   520  C CA  A GLU A 1 64  ? -6.194  -7.632  -1.227  0.25 9.38  ? 2852 GLU A CA  1 
ATOM   521  C CA  B GLU A 1 64  ? -6.209  -7.609  -1.256  0.25 9.30  ? 2852 GLU A CA  1 
ATOM   522  C C   A GLU A 1 64  ? -6.242  -9.052  -1.803  0.25 9.31  ? 2852 GLU A C   1 
ATOM   523  C C   B GLU A 1 64  ? -6.245  -9.040  -1.806  0.25 9.27  ? 2852 GLU A C   1 
ATOM   524  O O   A GLU A 1 64  ? -6.250  -10.029 -1.048  0.25 9.13  ? 2852 GLU A O   1 
ATOM   525  O O   B GLU A 1 64  ? -6.243  -10.006 -1.038  0.25 9.10  ? 2852 GLU A O   1 
ATOM   526  C CB  A GLU A 1 64  ? -7.591  -6.996  -1.234  0.25 9.81  ? 2852 GLU A CB  1 
ATOM   527  C CB  B GLU A 1 64  ? -7.581  -6.947  -1.370  0.25 9.66  ? 2852 GLU A CB  1 
ATOM   528  C CG  A GLU A 1 64  ? -8.592  -7.759  -0.371  0.25 10.26 ? 2852 GLU A CG  1 
ATOM   529  C CG  B GLU A 1 64  ? -8.750  -7.807  -0.931  0.25 10.05 ? 2852 GLU A CG  1 
ATOM   530  C CD  A GLU A 1 64  ? -9.911  -7.030  -0.176  0.25 10.76 ? 2852 GLU A CD  1 
ATOM   531  C CD  B GLU A 1 64  ? -10.060 -7.071  -1.085  0.25 10.43 ? 2852 GLU A CD  1 
ATOM   532  O OE1 A GLU A 1 64  ? -10.183 -6.045  -0.895  0.25 11.05 ? 2852 GLU A OE1 1 
ATOM   533  O OE1 B GLU A 1 64  ? -10.361 -6.218  -0.217  0.25 10.40 ? 2852 GLU A OE1 1 
ATOM   534  O OE2 A GLU A 1 64  ? -10.687 -7.446  0.709   0.25 11.87 ? 2852 GLU A OE2 1 
ATOM   535  O OE2 B GLU A 1 64  ? -10.768 -7.331  -2.084  0.25 11.45 ? 2852 GLU A OE2 1 
ATOM   536  N N   . GLU A 1 65  ? -6.246  -9.160  -3.130  1.00 9.17  ? 2853 GLU A N   1 
ATOM   537  C CA  . GLU A 1 65  ? -6.177  -10.464 -3.804  1.00 9.51  ? 2853 GLU A CA  1 
ATOM   538  C C   . GLU A 1 65  ? -4.919  -11.247 -3.374  1.00 8.87  ? 2853 GLU A C   1 
ATOM   539  O O   . GLU A 1 65  ? -5.010  -12.434 -3.012  1.00 8.81  ? 2853 GLU A O   1 
ATOM   540  C CB  . GLU A 1 65  ? -6.189  -10.267 -5.312  1.00 10.54 ? 2853 GLU A CB  1 
ATOM   541  C CG  . GLU A 1 65  ? -6.030  -11.539 -6.141  1.00 11.61 ? 2853 GLU A CG  1 
ATOM   542  C CD  . GLU A 1 65  ? -5.830  -11.258 -7.622  1.00 12.69 ? 2853 GLU A CD  1 
ATOM   543  O OE1 . GLU A 1 65  ? -6.050  -10.109 -8.064  1.00 14.74 ? 2853 GLU A OE1 1 
ATOM   544  O OE2 . GLU A 1 65  ? -5.421  -12.194 -8.340  1.00 14.63 ? 2853 GLU A OE2 1 
ATOM   545  N N   . ARG A 1 66  ? -3.770  -10.561 -3.356  1.00 8.48  ? 2854 ARG A N   1 
ATOM   546  C CA  . ARG A 1 66  ? -2.512  -11.171 -2.931  1.00 8.29  ? 2854 ARG A CA  1 
ATOM   547  C C   . ARG A 1 66  ? -2.532  -11.600 -1.454  1.00 8.22  ? 2854 ARG A C   1 
ATOM   548  O O   . ARG A 1 66  ? -2.056  -12.699 -1.118  1.00 8.51  ? 2854 ARG A O   1 
ATOM   549  C CB  . ARG A 1 66  ? -1.346  -10.216 -3.239  1.00 8.04  ? 2854 ARG A CB  1 
ATOM   550  C CG  . ARG A 1 66  ? -1.030  -10.167 -4.739  1.00 8.25  ? 2854 ARG A CG  1 
ATOM   551  C CD  . ARG A 1 66  ? 0.054   -9.180  -5.100  1.00 8.23  ? 2854 ARG A CD  1 
ATOM   552  N NE  . ARG A 1 66  ? 0.388   -9.289  -6.532  1.00 8.53  ? 2854 ARG A NE  1 
ATOM   553  C CZ  . ARG A 1 66  ? 1.422   -8.713  -7.143  1.00 8.32  ? 2854 ARG A CZ  1 
ATOM   554  N NH1 . ARG A 1 66  ? 2.277   -7.941  -6.478  1.00 8.32  ? 2854 ARG A NH1 1 
ATOM   555  N NH2 . ARG A 1 66  ? 1.600   -8.927  -8.459  1.00 9.02  ? 2854 ARG A NH2 1 
ATOM   556  N N   . VAL A 1 67  ? -3.083  -10.765 -0.570  1.00 8.39  ? 2855 VAL A N   1 
ATOM   557  C CA  . VAL A 1 67  ? -3.234  -11.174 0.840   1.00 9.10  ? 2855 VAL A CA  1 
ATOM   558  C C   . VAL A 1 67  ? -4.120  -12.428 0.986   1.00 9.10  ? 2855 VAL A C   1 
ATOM   559  O O   . VAL A 1 67  ? -3.748  -13.389 1.679   1.00 9.10  ? 2855 VAL A O   1 
ATOM   560  C CB  . VAL A 1 67  ? -3.762  -10.011 1.723   1.00 9.69  ? 2855 VAL A CB  1 
ATOM   561  C CG1 . VAL A 1 67  ? -4.180  -10.489 3.110   1.00 10.35 ? 2855 VAL A CG1 1 
ATOM   562  C CG2 . VAL A 1 67  ? -2.702  -8.912  1.838   1.00 9.70  ? 2855 VAL A CG2 1 
ATOM   563  N N   . GLN A 1 68  ? -5.272  -12.435 0.315   1.00 9.19  ? 2856 GLN A N   1 
ATOM   564  C CA  . GLN A 1 68  ? -6.193  -13.576 0.393   1.00 9.95  ? 2856 GLN A CA  1 
ATOM   565  C C   . GLN A 1 68  ? -5.535  -14.881 -0.072  1.00 10.26 ? 2856 GLN A C   1 
ATOM   566  O O   . GLN A 1 68  ? -5.766  -15.942 0.533   1.00 11.07 ? 2856 GLN A O   1 
ATOM   567  C CB  . GLN A 1 68  ? -7.491  -13.294 -0.389  1.00 10.33 ? 2856 GLN A CB  1 
ATOM   568  C CG  . GLN A 1 68  ? -8.390  -12.248 0.273   1.00 10.97 ? 2856 GLN A CG  1 
ATOM   569  C CD  . GLN A 1 68  ? -9.670  -11.968 -0.501  1.00 12.10 ? 2856 GLN A CD  1 
ATOM   570  O OE1 . GLN A 1 68  ? -9.647  -11.451 -1.617  1.00 13.78 ? 2856 GLN A OE1 1 
ATOM   571  N NE2 . GLN A 1 68  ? -10.800 -12.324 0.094   1.00 12.98 ? 2856 GLN A NE2 1 
ATOM   572  N N   . ARG A 1 69  ? -4.712  -14.798 -1.119  1.00 10.53 ? 2857 ARG A N   1 
ATOM   573  C CA  . ARG A 1 69  ? -4.027  -15.970 -1.700  1.00 11.31 ? 2857 ARG A CA  1 
ATOM   574  C C   . ARG A 1 69  ? -2.694  -16.320 -1.011  1.00 10.96 ? 2857 ARG A C   1 
ATOM   575  O O   . ARG A 1 69  ? -2.017  -17.257 -1.429  1.00 11.19 ? 2857 ARG A O   1 
ATOM   576  C CB  . ARG A 1 69  ? -3.803  -15.760 -3.204  1.00 12.71 ? 2857 ARG A CB  1 
ATOM   577  C CG  . ARG A 1 69  ? -5.091  -15.557 -3.994  1.00 14.87 ? 2857 ARG A CG  1 
ATOM   578  C CD  . ARG A 1 69  ? -5.533  -16.757 -4.798  1.00 17.24 ? 2857 ARG A CD  1 
ATOM   579  N NE  . ARG A 1 69  ? -6.460  -16.353 -5.862  1.00 18.67 ? 2857 ARG A NE  1 
ATOM   580  C CZ  . ARG A 1 69  ? -7.763  -16.644 -5.932  1.00 18.74 ? 2857 ARG A CZ  1 
ATOM   581  N NH1 . ARG A 1 69  ? -8.400  -17.352 -4.967  1.00 17.22 ? 2857 ARG A NH1 1 
ATOM   582  N NH2 . ARG A 1 69  ? -8.452  -16.209 -6.996  1.00 20.40 ? 2857 ARG A NH2 1 
ATOM   583  N N   . ARG A 1 70  ? -2.335  -15.589 0.045   1.00 10.34 ? 2858 ARG A N   1 
ATOM   584  C CA  . ARG A 1 70  ? -1.082  -15.798 0.794   1.00 10.80 ? 2858 ARG A CA  1 
ATOM   585  C C   . ARG A 1 70  ? 0.181   -15.650 -0.082  1.00 10.25 ? 2858 ARG A C   1 
ATOM   586  O O   . ARG A 1 70  ? 1.162   -16.388 0.064   1.00 10.51 ? 2858 ARG A O   1 
ATOM   587  C CB  . ARG A 1 70  ? -1.104  -17.130 1.583   1.00 12.53 ? 2858 ARG A CB  1 
ATOM   588  C CG  . ARG A 1 70  ? -2.316  -17.327 2.499   1.00 14.66 ? 2858 ARG A CG  1 
ATOM   589  C CD  . ARG A 1 70  ? -2.513  -16.225 3.523   1.00 16.18 ? 2858 ARG A CD  1 
ATOM   590  N NE  . ARG A 1 70  ? -3.492  -16.561 4.565   1.00 17.24 ? 2858 ARG A NE  1 
ATOM   591  C CZ  . ARG A 1 70  ? -4.795  -16.251 4.581   1.00 18.53 ? 2858 ARG A CZ  1 
ATOM   592  N NH1 . ARG A 1 70  ? -5.393  -15.582 3.585   1.00 19.53 ? 2858 ARG A NH1 1 
ATOM   593  N NH2 . ARG A 1 70  ? -5.523  -16.637 5.627   1.00 20.18 ? 2858 ARG A NH2 1 
ATOM   594  N N   . TYR A 1 71  ? 0.148   -14.660 -0.968  1.00 9.64  ? 2859 TYR A N   1 
ATOM   595  C CA  . TYR A 1 71  ? 1.261   -14.369 -1.875  1.00 9.50  ? 2859 TYR A CA  1 
ATOM   596  C C   . TYR A 1 71  ? 2.550   -13.969 -1.140  1.00 9.32  ? 2859 TYR A C   1 
ATOM   597  O O   . TYR A 1 71  ? 3.651   -14.375 -1.528  1.00 9.84  ? 2859 TYR A O   1 
ATOM   598  C CB  . TYR A 1 71  ? 0.826   -13.246 -2.825  1.00 9.46  ? 2859 TYR A CB  1 
ATOM   599  C CG  . TYR A 1 71  ? 1.884   -12.550 -3.671  1.00 9.50  ? 2859 TYR A CG  1 
ATOM   600  C CD1 . TYR A 1 71  ? 2.217   -13.014 -4.938  1.00 10.18 ? 2859 TYR A CD1 1 
ATOM   601  C CD2 . TYR A 1 71  ? 2.496   -11.370 -3.224  1.00 9.82  ? 2859 TYR A CD2 1 
ATOM   602  C CE1 . TYR A 1 71  ? 3.138   -12.342 -5.734  1.00 10.33 ? 2859 TYR A CE1 1 
ATOM   603  C CE2 . TYR A 1 71  ? 3.432   -10.694 -3.999  1.00 10.08 ? 2859 TYR A CE2 1 
ATOM   604  C CZ  . TYR A 1 71  ? 3.747   -11.177 -5.268  1.00 10.11 ? 2859 TYR A CZ  1 
ATOM   605  O OH  . TYR A 1 71  ? 4.645   -10.514 -6.092  1.00 11.27 ? 2859 TYR A OH  1 
ATOM   606  N N   . TYR A 1 72  ? 2.410   -13.162 -0.088  1.00 9.41  ? 2860 TYR A N   1 
ATOM   607  C CA  . TYR A 1 72  ? 3.559   -12.605 0.639   1.00 9.90  ? 2860 TYR A CA  1 
ATOM   608  C C   . TYR A 1 72  ? 4.141   -13.646 1.601   1.00 10.89 ? 2860 TYR A C   1 
ATOM   609  O O   . TYR A 1 72  ? 3.397   -14.279 2.359   1.00 10.79 ? 2860 TYR A O   1 
ATOM   610  C CB  . TYR A 1 72  ? 3.160   -11.329 1.417   1.00 9.42  ? 2860 TYR A CB  1 
ATOM   611  C CG  . TYR A 1 72  ? 2.525   -10.262 0.531   1.00 8.96  ? 2860 TYR A CG  1 
ATOM   612  C CD1 . TYR A 1 72  ? 3.300   -9.475  -0.325  1.00 9.01  ? 2860 TYR A CD1 1 
ATOM   613  C CD2 . TYR A 1 72  ? 1.135   -10.073 0.505   1.00 8.83  ? 2860 TYR A CD2 1 
ATOM   614  C CE1 . TYR A 1 72  ? 2.716   -8.520  -1.155  1.00 8.79  ? 2860 TYR A CE1 1 
ATOM   615  C CE2 . TYR A 1 72  ? 0.549   -9.126  -0.330  1.00 8.77  ? 2860 TYR A CE2 1 
ATOM   616  C CZ  . TYR A 1 72  ? 1.335   -8.362  -1.170  1.00 8.59  ? 2860 TYR A CZ  1 
ATOM   617  O OH  . TYR A 1 72  ? 0.709   -7.442  -1.991  1.00 9.01  ? 2860 TYR A OH  1 
ATOM   618  N N   . GLU A 1 73  ? 5.464   -13.821 1.567   1.00 11.81 ? 2861 GLU A N   1 
ATOM   619  C CA  . GLU A 1 73  ? 6.199   -14.677 2.526   1.00 13.13 ? 2861 GLU A CA  1 
ATOM   620  C C   . GLU A 1 73  ? 6.843   -13.908 3.687   1.00 12.07 ? 2861 GLU A C   1 
ATOM   621  O O   . GLU A 1 73  ? 6.980   -14.454 4.795   1.00 13.18 ? 2861 GLU A O   1 
ATOM   622  C CB  . GLU A 1 73  ? 7.288   -15.470 1.803   1.00 15.56 ? 2861 GLU A CB  1 
ATOM   623  C CG  . GLU A 1 73  ? 6.757   -16.473 0.794   1.00 18.02 ? 2861 GLU A CG  1 
ATOM   624  C CD  . GLU A 1 73  ? 7.793   -17.514 0.407   1.00 20.53 ? 2861 GLU A CD  1 
ATOM   625  O OE1 . GLU A 1 73  ? 8.989   -17.170 0.302   1.00 23.66 ? 2861 GLU A OE1 1 
ATOM   626  O OE2 . GLU A 1 73  ? 7.410   -18.688 0.219   1.00 24.74 ? 2861 GLU A OE2 1 
ATOM   627  N N   . LYS A 1 74  ? 7.230   -12.652 3.436   1.00 11.26 ? 2862 LYS A N   1 
ATOM   628  C CA  . LYS A 1 74  ? 7.926   -11.803 4.409   1.00 11.14 ? 2862 LYS A CA  1 
ATOM   629  C C   . LYS A 1 74  ? 7.247   -10.430 4.442   1.00 10.27 ? 2862 LYS A C   1 
ATOM   630  O O   . LYS A 1 74  ? 6.746   -9.942  3.415   1.00 9.63  ? 2862 LYS A O   1 
ATOM   631  C CB  . LYS A 1 74  ? 9.394   -11.609 3.999   1.00 12.14 ? 2862 LYS A CB  1 
ATOM   632  C CG  . LYS A 1 74  ? 10.193  -12.902 3.787   1.00 13.67 ? 2862 LYS A CG  1 
ATOM   633  C CD  . LYS A 1 74  ? 10.360  -13.696 5.081   1.00 15.25 ? 2862 LYS A CD  1 
ATOM   634  C CE  . LYS A 1 74  ? 11.349  -14.851 4.937   1.00 16.96 ? 2862 LYS A CE  1 
ATOM   635  N NZ  . LYS A 1 74  ? 11.015  -15.803 3.842   1.00 18.24 ? 2862 LYS A NZ  1 
ATOM   636  N N   . LEU A 1 75  ? 7.266   -9.782  5.607   1.00 9.69  ? 2863 LEU A N   1 
ATOM   637  C CA  . LEU A 1 75  ? 6.679   -8.428  5.749   1.00 9.54  ? 2863 LEU A CA  1 
ATOM   638  C C   . LEU A 1 75  ? 7.277   -7.423  4.758   1.00 9.22  ? 2863 LEU A C   1 
ATOM   639  O O   . LEU A 1 75  ? 6.560   -6.595  4.189   1.00 8.79  ? 2863 LEU A O   1 
ATOM   640  C CB  . LEU A 1 75  ? 6.817   -7.910  7.187   1.00 9.71  ? 2863 LEU A CB  1 
ATOM   641  C CG  . LEU A 1 75  ? 6.185   -6.547  7.514   1.00 9.59  ? 2863 LEU A CG  1 
ATOM   642  C CD1 . LEU A 1 75  ? 4.690   -6.532  7.182   1.00 9.77  ? 2863 LEU A CD1 1 
ATOM   643  C CD2 . LEU A 1 75  ? 6.463   -6.134  8.961   1.00 9.99  ? 2863 LEU A CD2 1 
ATOM   644  N N   . THR A 1 76  ? 8.585   -7.502  4.523   1.00 9.50  ? 2864 THR A N   1 
ATOM   645  C CA  . THR A 1 76  ? 9.244   -6.588  3.585   1.00 10.08 ? 2864 THR A CA  1 
ATOM   646  C C   . THR A 1 76  ? 8.578   -6.584  2.188   1.00 9.64  ? 2864 THR A C   1 
ATOM   647  O O   . THR A 1 76  ? 8.513   -5.532  1.543   1.00 9.29  ? 2864 THR A O   1 
ATOM   648  C CB  . THR A 1 76  ? 10.759  -6.888  3.518   1.00 11.23 ? 2864 THR A CB  1 
ATOM   649  O OG1 . THR A 1 76  ? 11.435  -5.841  2.812   1.00 12.95 ? 2864 THR A OG1 1 
ATOM   650  C CG2 . THR A 1 76  ? 11.023  -8.250  2.894   1.00 11.70 ? 2864 THR A CG2 1 
ATOM   651  N N   . GLU A 1 77  ? 8.067   -7.737  1.742   1.00 9.50  ? 2865 GLU A N   1 
ATOM   652  C CA  . GLU A 1 77  ? 7.419   -7.840  0.425   1.00 9.71  ? 2865 GLU A CA  1 
ATOM   653  C C   . GLU A 1 77  ? 6.052   -7.107  0.369   1.00 8.80  ? 2865 GLU A C   1 
ATOM   654  O O   . GLU A 1 77  ? 5.684   -6.482  -0.649  1.00 8.75  ? 2865 GLU A O   1 
ATOM   655  C CB  . GLU A 1 77  ? 7.244   -9.316  0.040   1.00 11.14 ? 2865 GLU A CB  1 
ATOM   656  C CG  . GLU A 1 77  ? 8.551   -10.123 -0.021  1.00 12.60 ? 2865 GLU A CG  1 
ATOM   657  C CD  . GLU A 1 77  ? 8.396   -11.642 0.099   1.00 14.76 ? 2865 GLU A CD  1 
ATOM   658  O OE1 . GLU A 1 77  ? 7.278   -12.160 0.303   1.00 16.47 ? 2865 GLU A OE1 1 
ATOM   659  O OE2 . GLU A 1 77  ? 9.431   -12.347 -0.007  1.00 17.48 ? 2865 GLU A OE2 1 
ATOM   660  N N   . PHE A 1 78  ? 5.296   -7.211  1.465   1.00 8.26  ? 2866 PHE A N   1 
ATOM   661  C CA  . PHE A 1 78  ? 4.025   -6.483  1.625   1.00 7.87  ? 2866 PHE A CA  1 
ATOM   662  C C   . PHE A 1 78  ? 4.290   -4.967  1.642   1.00 7.53  ? 2866 PHE A C   1 
ATOM   663  O O   . PHE A 1 78  ? 3.606   -4.192  0.951   1.00 7.56  ? 2866 PHE A O   1 
ATOM   664  C CB  . PHE A 1 78  ? 3.320   -6.968  2.903   1.00 8.17  ? 2866 PHE A CB  1 
ATOM   665  C CG  . PHE A 1 78  ? 2.051   -6.229  3.246   1.00 8.35  ? 2866 PHE A CG  1 
ATOM   666  C CD1 . PHE A 1 78  ? 2.083   -5.126  4.110   1.00 8.85  ? 2866 PHE A CD1 1 
ATOM   667  C CD2 . PHE A 1 78  ? 0.812   -6.652  2.760   1.00 8.66  ? 2866 PHE A CD2 1 
ATOM   668  C CE1 . PHE A 1 78  ? 0.922   -4.437  4.440   1.00 9.42  ? 2866 PHE A CE1 1 
ATOM   669  C CE2 . PHE A 1 78  ? -0.355  -5.987  3.118   1.00 8.97  ? 2866 PHE A CE2 1 
ATOM   670  C CZ  . PHE A 1 78  ? -0.304  -4.874  3.952   1.00 9.26  ? 2866 PHE A CZ  1 
ATOM   671  N N   . VAL A 1 79  ? 5.287   -4.550  2.422   1.00 7.29  ? 2867 VAL A N   1 
ATOM   672  C CA  . VAL A 1 79  ? 5.665   -3.132  2.492   1.00 7.51  ? 2867 VAL A CA  1 
ATOM   673  C C   . VAL A 1 79  ? 6.119   -2.594  1.117   1.00 7.60  ? 2867 VAL A C   1 
ATOM   674  O O   . VAL A 1 79  ? 5.760   -1.465  0.733   1.00 7.77  ? 2867 VAL A O   1 
ATOM   675  C CB  . VAL A 1 79  ? 6.744   -2.869  3.579   1.00 7.73  ? 2867 VAL A CB  1 
ATOM   676  C CG1 . VAL A 1 79  ? 7.214   -1.412  3.558   1.00 8.17  ? 2867 VAL A CG1 1 
ATOM   677  C CG2 . VAL A 1 79  ? 6.208   -3.245  4.957   1.00 8.12  ? 2867 VAL A CG2 1 
ATOM   678  N N   . ALA A 1 80  ? 6.868   -3.402  0.358   1.00 7.96  ? 2868 ALA A N   1 
ATOM   679  C CA  . ALA A 1 80  ? 7.310   -3.009  -0.987  1.00 8.26  ? 2868 ALA A CA  1 
ATOM   680  C C   . ALA A 1 80  ? 6.139   -2.748  -1.956  1.00 8.01  ? 2868 ALA A C   1 
ATOM   681  O O   . ALA A 1 80  ? 6.168   -1.760  -2.691  1.00 8.05  ? 2868 ALA A O   1 
ATOM   682  C CB  . ALA A 1 80  ? 8.260   -4.059  -1.565  1.00 8.79  ? 2868 ALA A CB  1 
ATOM   683  N N   . ASP A 1 81  ? 5.130   -3.625  -1.975  1.00 7.97  ? 2869 ASP A N   1 
ATOM   684  C CA  . ASP A 1 81  ? 3.936   -3.376  -2.810  1.00 8.06  ? 2869 ASP A CA  1 
ATOM   685  C C   . ASP A 1 81  ? 3.195   -2.097  -2.395  1.00 7.77  ? 2869 ASP A C   1 
ATOM   686  O O   . ASP A 1 81  ? 2.785   -1.305  -3.262  1.00 7.67  ? 2869 ASP A O   1 
ATOM   687  C CB  . ASP A 1 81  ? 2.955   -4.572  -2.784  1.00 8.55  ? 2869 ASP A CB  1 
ATOM   688  C CG  . ASP A 1 81  ? 3.237   -5.662  -3.853  1.00 8.85  ? 2869 ASP A CG  1 
ATOM   689  O OD1 . ASP A 1 81  ? 4.176   -5.522  -4.673  1.00 10.03 ? 2869 ASP A OD1 1 
ATOM   690  O OD2 . ASP A 1 81  ? 2.476   -6.669  -3.853  1.00 9.15  ? 2869 ASP A OD2 1 
ATOM   691  N N   . MET A 1 82  ? 3.028   -1.878  -1.080  1.00 7.88  ? 2870 MET A N   1 
ATOM   692  C CA  . MET A 1 82  ? 2.334   -0.678  -0.607  1.00 8.28  ? 2870 MET A CA  1 
ATOM   693  C C   . MET A 1 82  ? 3.087   0.589   -0.999  1.00 8.09  ? 2870 MET A C   1 
ATOM   694  O O   . MET A 1 82  ? 2.492   1.577   -1.472  1.00 8.24  ? 2870 MET A O   1 
ATOM   695  C CB  . MET A 1 82  ? 2.136   -0.723  0.915   1.00 8.71  ? 2870 MET A CB  1 
ATOM   696  C CG  . MET A 1 82  ? 1.231   0.381   1.467   1.00 9.34  ? 2870 MET A CG  1 
ATOM   697  S SD  . MET A 1 82  ? -0.495  0.318   0.960   1.00 10.68 ? 2870 MET A SD  1 
ATOM   698  C CE  . MET A 1 82  ? -1.048  -1.130  1.854   1.00 11.37 ? 2870 MET A CE  1 
ATOM   699  N N   . THR A 1 83  ? 4.408   0.549   -0.829  1.00 8.47  ? 2871 THR A N   1 
ATOM   700  C CA  . THR A 1 83  ? 5.253   1.686   -1.153  1.00 9.07  ? 2871 THR A CA  1 
ATOM   701  C C   . THR A 1 83  ? 5.188   2.031   -2.654  1.00 9.06  ? 2871 THR A C   1 
ATOM   702  O O   . THR A 1 83  ? 5.233   3.217   -3.024  1.00 9.10  ? 2871 THR A O   1 
ATOM   703  C CB  . THR A 1 83  ? 6.705   1.443   -0.661  1.00 10.08 ? 2871 THR A CB  1 
ATOM   704  O OG1 . THR A 1 83  ? 6.682   1.232   0.760   1.00 11.02 ? 2871 THR A OG1 1 
ATOM   705  C CG2 . THR A 1 83  ? 7.598   2.636   -0.967  1.00 10.82 ? 2871 THR A CG2 1 
ATOM   706  N N   . LYS A 1 84  ? 5.084   1.007   -3.498  1.00 8.85  ? 2872 LYS A N   1 
ATOM   707  C CA  . LYS A 1 84  ? 4.915   1.191   -4.944  1.00 9.17  ? 2872 LYS A CA  1 
ATOM   708  C C   . LYS A 1 84  ? 3.658   2.014   -5.302  1.00 8.15  ? 2872 LYS A C   1 
ATOM   709  O O   . LYS A 1 84  ? 3.713   2.858   -6.196  1.00 7.90  ? 2872 LYS A O   1 
ATOM   710  C CB  . LYS A 1 84  ? 4.903   -0.190  -5.631  1.00 10.86 ? 2872 LYS A CB  1 
ATOM   711  C CG  . LYS A 1 84  ? 5.078   -0.189  -7.136  1.00 12.56 ? 2872 LYS A CG  1 
ATOM   712  C CD  . LYS A 1 84  ? 5.691   -1.499  -7.639  1.00 14.07 ? 2872 LYS A CD  1 
ATOM   713  C CE  . LYS A 1 84  ? 4.795   -2.712  -7.425  1.00 15.06 ? 2872 LYS A CE  1 
ATOM   714  N NZ  . LYS A 1 84  ? 5.482   -3.982  -7.812  1.00 16.09 ? 2872 LYS A NZ  1 
ATOM   715  N N   . ILE A 1 85  ? 2.554   1.801   -4.582  1.00 7.63  ? 2873 ILE A N   1 
ATOM   716  C CA  . ILE A 1 85  ? 1.351   2.613   -4.793  1.00 7.48  ? 2873 ILE A CA  1 
ATOM   717  C C   . ILE A 1 85  ? 1.699   4.108   -4.663  1.00 7.51  ? 2873 ILE A C   1 
ATOM   718  O O   . ILE A 1 85  ? 1.363   4.927   -5.527  1.00 7.63  ? 2873 ILE A O   1 
ATOM   719  C CB  . ILE A 1 85  ? 0.203   2.228   -3.823  1.00 7.42  ? 2873 ILE A CB  1 
ATOM   720  C CG1 . ILE A 1 85  ? -0.253  0.773   -4.052  1.00 7.49  ? 2873 ILE A CG1 1 
ATOM   721  C CG2 . ILE A 1 85  ? -0.971  3.183   -3.988  1.00 7.62  ? 2873 ILE A CG2 1 
ATOM   722  C CD1 . ILE A 1 85  ? -1.303  0.251   -3.094  1.00 7.49  ? 2873 ILE A CD1 1 
ATOM   723  N N   . PHE A 1 86  ? 2.366   4.456   -3.568  1.00 7.54  ? 2874 PHE A N   1 
ATOM   724  C CA  . PHE A 1 86  ? 2.646   5.875   -3.258  1.00 7.99  ? 2874 PHE A CA  1 
ATOM   725  C C   . PHE A 1 86  ? 3.738   6.454   -4.171  1.00 7.68  ? 2874 PHE A C   1 
ATOM   726  O O   . PHE A 1 86  ? 3.622   7.596   -4.658  1.00 7.91  ? 2874 PHE A O   1 
ATOM   727  C CB  . PHE A 1 86  ? 2.981   6.079   -1.770  1.00 8.55  ? 2874 PHE A CB  1 
ATOM   728  C CG  . PHE A 1 86  ? 1.963   5.457   -0.830  1.00 9.65  ? 2874 PHE A CG  1 
ATOM   729  C CD1 . PHE A 1 86  ? 0.603   5.680   -1.000  1.00 10.81 ? 2874 PHE A CD1 1 
ATOM   730  C CD2 . PHE A 1 86  ? 2.366   4.625   0.212   1.00 10.21 ? 2874 PHE A CD2 1 
ATOM   731  C CE1 . PHE A 1 86  ? -0.324  5.088   -0.141  1.00 11.76 ? 2874 PHE A CE1 1 
ATOM   732  C CE2 . PHE A 1 86  ? 1.439   4.040   1.068   1.00 11.60 ? 2874 PHE A CE2 1 
ATOM   733  C CZ  . PHE A 1 86  ? 0.112   4.271   0.877   1.00 11.76 ? 2874 PHE A CZ  1 
ATOM   734  N N   . ASP A 1 87  ? 4.782   5.667   -4.417  1.00 7.86  ? 2875 ASP A N   1 
ATOM   735  C CA  . ASP A 1 87  ? 5.862   6.115   -5.297  1.00 8.28  ? 2875 ASP A CA  1 
ATOM   736  C C   . ASP A 1 87  ? 5.388   6.319   -6.755  1.00 7.72  ? 2875 ASP A C   1 
ATOM   737  O O   . ASP A 1 87  ? 5.790   7.307   -7.407  1.00 7.59  ? 2875 ASP A O   1 
ATOM   738  C CB  . ASP A 1 87  ? 7.043   5.138   -5.264  1.00 9.41  ? 2875 ASP A CB  1 
ATOM   739  C CG  . ASP A 1 87  ? 7.857   5.204   -3.970  1.00 10.57 ? 2875 ASP A CG  1 
ATOM   740  O OD1 . ASP A 1 87  ? 7.618   6.081   -3.108  1.00 12.64 ? 2875 ASP A OD1 1 
ATOM   741  O OD2 . ASP A 1 87  ? 8.773   4.355   -3.847  1.00 12.36 ? 2875 ASP A OD2 1 
ATOM   742  N N   . ASN A 1 88  ? 4.547   5.412   -7.271  1.00 7.58  ? 2876 ASN A N   1 
ATOM   743  C CA  . ASN A 1 88  ? 3.989   5.574   -8.625  1.00 7.62  ? 2876 ASN A CA  1 
ATOM   744  C C   . ASN A 1 88  ? 3.213   6.899   -8.710  1.00 7.59  ? 2876 ASN A C   1 
ATOM   745  O O   . ASN A 1 88  ? 3.338   7.650   -9.689  1.00 7.66  ? 2876 ASN A O   1 
ATOM   746  C CB  . ASN A 1 88  ? 3.031   4.417   -8.982  1.00 7.49  ? 2876 ASN A CB  1 
ATOM   747  C CG  . ASN A 1 88  ? 3.733   3.087   -9.245  1.00 7.62  ? 2876 ASN A CG  1 
ATOM   748  O OD1 . ASN A 1 88  ? 4.971   3.005   -9.354  1.00 8.44  ? 2876 ASN A OD1 1 
ATOM   749  N ND2 . ASN A 1 88  ? 2.925   2.013   -9.333  1.00 7.74  ? 2876 ASN A ND2 1 
ATOM   750  N N   . CYS A 1 89  ? 2.440   7.196   -7.664  1.00 7.55  ? 2877 CYS A N   1 
ATOM   751  C CA  . CYS A 1 89  ? 1.586   8.395   -7.648  1.00 8.03  ? 2877 CYS A CA  1 
ATOM   752  C C   . CYS A 1 89  ? 2.398   9.705   -7.634  1.00 8.19  ? 2877 CYS A C   1 
ATOM   753  O O   . CYS A 1 89  ? 2.083   10.657  -8.379  1.00 8.64  ? 2877 CYS A O   1 
ATOM   754  C CB  . CYS A 1 89  ? 0.612   8.320   -6.455  1.00 8.22  ? 2877 CYS A CB  1 
ATOM   755  S SG  . CYS A 1 89  ? -0.613  9.649   -6.353  1.00 9.81  ? 2877 CYS A SG  1 
ATOM   756  N N   . ARG A 1 90  ? 3.438   9.743   -6.804  1.00 8.47  ? 2878 ARG A N   1 
ATOM   757  C CA  . ARG A 1 90  ? 4.284   10.934  -6.726  1.00 9.51  ? 2878 ARG A CA  1 
ATOM   758  C C   . ARG A 1 90  ? 5.167   11.146  -7.966  1.00 9.46  ? 2878 ARG A C   1 
ATOM   759  O O   . ARG A 1 90  ? 5.546   12.285  -8.259  1.00 10.39 ? 2878 ARG A O   1 
ATOM   760  C CB  . ARG A 1 90  ? 5.124   10.914  -5.457  1.00 10.22 ? 2878 ARG A CB  1 
ATOM   761  C CG  . ARG A 1 90  ? 4.286   11.184  -4.211  1.00 11.06 ? 2878 ARG A CG  1 
ATOM   762  C CD  . ARG A 1 90  ? 5.138   11.332  -2.968  1.00 12.07 ? 2878 ARG A CD  1 
ATOM   763  N NE  . ARG A 1 90  ? 5.754   10.042  -2.652  1.00 12.34 ? 2878 ARG A NE  1 
ATOM   764  C CZ  . ARG A 1 90  ? 5.445   9.237   -1.632  1.00 12.31 ? 2878 ARG A CZ  1 
ATOM   765  N NH1 . ARG A 1 90  ? 4.538   9.576   -0.707  1.00 13.11 ? 2878 ARG A NH1 1 
ATOM   766  N NH2 . ARG A 1 90  ? 6.072   8.063   -1.529  1.00 12.64 ? 2878 ARG A NH2 1 
ATOM   767  N N   . TYR A 1 91  ? 5.473   10.076  -8.705  1.00 9.68  ? 2879 TYR A N   1 
ATOM   768  C CA  . TYR A 1 91  ? 6.210   10.156  -9.986  1.00 10.19 ? 2879 TYR A CA  1 
ATOM   769  C C   . TYR A 1 91  ? 5.320   10.607  -11.154 1.00 10.65 ? 2879 TYR A C   1 
ATOM   770  O O   . TYR A 1 91  ? 5.752   11.435  -11.975 1.00 11.62 ? 2879 TYR A O   1 
ATOM   771  C CB  . TYR A 1 91  ? 6.870   8.794   -10.284 1.00 10.24 ? 2879 TYR A CB  1 
ATOM   772  C CG  . TYR A 1 91  ? 7.640   8.658   -11.606 1.00 10.37 ? 2879 TYR A CG  1 
ATOM   773  C CD1 . TYR A 1 91  ? 8.823   9.371   -11.853 1.00 10.60 ? 2879 TYR A CD1 1 
ATOM   774  C CD2 . TYR A 1 91  ? 7.222   7.745   -12.576 1.00 10.72 ? 2879 TYR A CD2 1 
ATOM   775  C CE1 . TYR A 1 91  ? 9.528   9.204   -13.051 1.00 11.14 ? 2879 TYR A CE1 1 
ATOM   776  C CE2 . TYR A 1 91  ? 7.920   7.561   -13.759 1.00 11.32 ? 2879 TYR A CE2 1 
ATOM   777  C CZ  . TYR A 1 91  ? 9.071   8.291   -13.999 1.00 11.33 ? 2879 TYR A CZ  1 
ATOM   778  O OH  . TYR A 1 91  ? 9.762   8.079   -15.190 1.00 12.73 ? 2879 TYR A OH  1 
ATOM   779  N N   . TYR A 1 92  ? 4.104   10.078  -11.233 0.60 10.88 ? 2880 TYR A N   1 
ATOM   780  C CA  . TYR A 1 92  ? 3.220   10.415  -12.350 0.60 11.14 ? 2880 TYR A CA  1 
ATOM   781  C C   . TYR A 1 92  ? 2.623   11.818  -12.246 0.60 11.08 ? 2880 TYR A C   1 
ATOM   782  O O   . TYR A 1 92  ? 2.553   12.539  -13.248 0.60 11.27 ? 2880 TYR A O   1 
ATOM   783  C CB  . TYR A 1 92  ? 2.095   9.391   -12.509 0.60 11.70 ? 2880 TYR A CB  1 
ATOM   784  C CG  . TYR A 1 92  ? 1.429   9.504   -13.863 0.60 12.28 ? 2880 TYR A CG  1 
ATOM   785  C CD1 . TYR A 1 92  ? 2.028   8.955   -14.991 0.60 12.83 ? 2880 TYR A CD1 1 
ATOM   786  C CD2 . TYR A 1 92  ? 0.229   10.197  -14.030 0.60 12.70 ? 2880 TYR A CD2 1 
ATOM   787  C CE1 . TYR A 1 92  ? 1.441   9.072   -16.243 0.60 13.21 ? 2880 TYR A CE1 1 
ATOM   788  C CE2 . TYR A 1 92  ? -0.364  10.313  -15.285 0.60 13.03 ? 2880 TYR A CE2 1 
ATOM   789  C CZ  . TYR A 1 92  ? 0.251   9.742   -16.382 0.60 13.32 ? 2880 TYR A CZ  1 
ATOM   790  O OH  . TYR A 1 92  ? -0.303  9.832   -17.638 0.60 14.04 ? 2880 TYR A OH  1 
ATOM   791  N N   . ASN A 1 93  ? 2.195   12.193  -11.044 1.00 10.72 ? 2881 ASN A N   1 
ATOM   792  C CA  . ASN A 1 93  ? 1.441   13.447  -10.823 1.00 10.94 ? 2881 ASN A CA  1 
ATOM   793  C C   . ASN A 1 93  ? 2.316   14.593  -10.288 1.00 11.83 ? 2881 ASN A C   1 
ATOM   794  O O   . ASN A 1 93  ? 3.291   14.344  -9.588  1.00 11.70 ? 2881 ASN A O   1 
ATOM   795  C CB  . ASN A 1 93  ? 0.310   13.163  -9.829  1.00 10.85 ? 2881 ASN A CB  1 
ATOM   796  C CG  . ASN A 1 93  ? -0.665  12.109  -10.337 1.00 10.74 ? 2881 ASN A CG  1 
ATOM   797  O OD1 . ASN A 1 93  ? -1.424  12.365  -11.281 1.00 12.41 ? 2881 ASN A OD1 1 
ATOM   798  N ND2 . ASN A 1 93  ? -0.657  10.915  -9.727  1.00 10.99 ? 2881 ASN A ND2 1 
ATOM   799  N N   . PRO A 1 94  ? 1.959   15.859  -10.613 1.00 13.07 ? 2882 PRO A N   1 
ATOM   800  C CA  . PRO A 1 94  ? 2.750   16.976  -10.070 1.00 13.66 ? 2882 PRO A CA  1 
ATOM   801  C C   . PRO A 1 94  ? 2.531   17.190  -8.573  1.00 13.66 ? 2882 PRO A C   1 
ATOM   802  O O   . PRO A 1 94  ? 1.495   16.783  -8.020  1.00 12.86 ? 2882 PRO A O   1 
ATOM   803  C CB  . PRO A 1 94  ? 2.279   18.188  -10.889 1.00 14.62 ? 2882 PRO A CB  1 
ATOM   804  C CG  . PRO A 1 94  ? 0.956   17.812  -11.443 1.00 14.35 ? 2882 PRO A CG  1 
ATOM   805  C CD  . PRO A 1 94  ? 0.880   16.313  -11.507 1.00 13.76 ? 2882 PRO A CD  1 
ATOM   806  N N   . SER A 1 95  ? 3.506   17.820  -7.923  1.00 13.92 ? 2883 SER A N   1 
ATOM   807  C CA  . SER A 1 95  ? 3.478   18.003  -6.473  1.00 14.60 ? 2883 SER A CA  1 
ATOM   808  C C   . SER A 1 95  ? 2.304   18.835  -5.946  1.00 15.06 ? 2883 SER A C   1 
ATOM   809  O O   . SER A 1 95  ? 1.954   18.701  -4.780  1.00 16.37 ? 2883 SER A O   1 
ATOM   810  C CB  . SER A 1 95  ? 4.803   18.592  -5.965  1.00 14.90 ? 2883 SER A CB  1 
ATOM   811  O OG  . SER A 1 95  ? 5.026   19.880  -6.502  1.00 16.20 ? 2883 SER A OG  1 
ATOM   812  N N   . ASP A 1 96  ? 1.701   19.672  -6.798  1.00 15.05 ? 2884 ASP A N   1 
ATOM   813  C CA  . ASP A 1 96  ? 0.492   20.440  -6.418  1.00 15.55 ? 2884 ASP A CA  1 
ATOM   814  C C   . ASP A 1 96  ? -0.885  19.794  -6.730  1.00 14.80 ? 2884 ASP A C   1 
ATOM   815  O O   . ASP A 1 96  ? -1.916  20.456  -6.560  1.00 16.33 ? 2884 ASP A O   1 
ATOM   816  C CB  . ASP A 1 96  ? 0.577   21.872  -7.009  1.00 17.47 ? 2884 ASP A CB  1 
ATOM   817  C CG  . ASP A 1 96  ? 0.496   21.909  -8.540  1.00 19.24 ? 2884 ASP A CG  1 
ATOM   818  O OD1 . ASP A 1 96  ? 0.505   20.850  -9.209  1.00 20.52 ? 2884 ASP A OD1 1 
ATOM   819  O OD2 . ASP A 1 96  ? 0.439   23.036  -9.093  1.00 21.29 ? 2884 ASP A OD2 1 
ATOM   820  N N   A SER A 1 97  ? -0.900  18.542  -7.180  0.25 14.14 ? 2885 SER A N   1 
ATOM   821  N N   B SER A 1 97  ? -0.878  18.529  -7.161  0.25 14.10 ? 2885 SER A N   1 
ATOM   822  C CA  A SER A 1 97  ? -2.149  17.881  -7.540  0.25 13.52 ? 2885 SER A CA  1 
ATOM   823  C CA  B SER A 1 97  ? -2.088  17.784  -7.530  0.25 13.46 ? 2885 SER A CA  1 
ATOM   824  C C   A SER A 1 97  ? -2.783  17.210  -6.324  0.25 12.98 ? 2885 SER A C   1 
ATOM   825  C C   B SER A 1 97  ? -2.777  17.191  -6.298  0.25 12.95 ? 2885 SER A C   1 
ATOM   826  O O   A SER A 1 97  ? -2.073  16.801  -5.399  0.25 12.87 ? 2885 SER A O   1 
ATOM   827  O O   B SER A 1 97  ? -2.097  16.824  -5.332  0.25 12.81 ? 2885 SER A O   1 
ATOM   828  C CB  A SER A 1 97  ? -1.894  16.834  -8.612  0.25 13.51 ? 2885 SER A CB  1 
ATOM   829  C CB  B SER A 1 97  ? -1.710  16.647  -8.491  0.25 13.45 ? 2885 SER A CB  1 
ATOM   830  O OG  A SER A 1 97  ? -1.134  15.772  -8.078  0.25 13.34 ? 2885 SER A OG  1 
ATOM   831  O OG  B SER A 1 97  ? -2.787  15.756  -8.740  0.25 13.20 ? 2885 SER A OG  1 
ATOM   832  N N   . PRO A 1 98  ? -4.124  17.071  -6.326  1.00 12.77 ? 2886 PRO A N   1 
ATOM   833  C CA  . PRO A 1 98  ? -4.804  16.348  -5.227  1.00 12.20 ? 2886 PRO A CA  1 
ATOM   834  C C   . PRO A 1 98  ? -4.383  14.851  -5.122  1.00 11.09 ? 2886 PRO A C   1 
ATOM   835  O O   . PRO A 1 98  ? -4.404  14.291  -4.037  1.00 10.89 ? 2886 PRO A O   1 
ATOM   836  C CB  . PRO A 1 98  ? -6.301  16.486  -5.568  1.00 13.04 ? 2886 PRO A CB  1 
ATOM   837  C CG  . PRO A 1 98  ? -6.345  16.815  -7.010  1.00 13.58 ? 2886 PRO A CG  1 
ATOM   838  C CD  . PRO A 1 98  ? -5.111  17.605  -7.305  1.00 13.13 ? 2886 PRO A CD  1 
ATOM   839  N N   . PHE A 1 99  ? -4.004  14.231  -6.242  1.00 10.11 ? 2887 PHE A N   1 
ATOM   840  C CA  . PHE A 1 99  ? -3.498  12.854  -6.208  1.00 10.57 ? 2887 PHE A CA  1 
ATOM   841  C C   . PHE A 1 99  ? -2.228  12.737  -5.349  1.00 9.77  ? 2887 PHE A C   1 
ATOM   842  O O   . PHE A 1 99  ? -2.117  11.845  -4.518  1.00 9.34  ? 2887 PHE A O   1 
ATOM   843  C CB  . PHE A 1 99  ? -3.181  12.340  -7.623  1.00 11.43 ? 2887 PHE A CB  1 
ATOM   844  C CG  . PHE A 1 99  ? -4.397  12.134  -8.510  1.00 12.87 ? 2887 PHE A CG  1 
ATOM   845  C CD1 . PHE A 1 99  ? -5.192  11.006  -8.372  1.00 13.78 ? 2887 PHE A CD1 1 
ATOM   846  C CD2 . PHE A 1 99  ? -4.714  13.047  -9.520  1.00 14.76 ? 2887 PHE A CD2 1 
ATOM   847  C CE1 . PHE A 1 99  ? -6.297  10.796  -9.194  1.00 14.85 ? 2887 PHE A CE1 1 
ATOM   848  C CE2 . PHE A 1 99  ? -5.811  12.844  -10.345 1.00 15.56 ? 2887 PHE A CE2 1 
ATOM   849  C CZ  . PHE A 1 99  ? -6.601  11.718  -10.182 1.00 15.59 ? 2887 PHE A CZ  1 
ATOM   850  N N   . TYR A 1 100 ? -1.294  13.659  -5.580  1.00 10.09 ? 2888 TYR A N   1 
ATOM   851  C CA  . TYR A 1 100 ? -0.033  13.729  -4.832  1.00 10.70 ? 2888 TYR A CA  1 
ATOM   852  C C   . TYR A 1 100 ? -0.300  13.922  -3.325  1.00 11.16 ? 2888 TYR A C   1 
ATOM   853  O O   . TYR A 1 100 ? 0.308   13.226  -2.499  1.00 11.11 ? 2888 TYR A O   1 
ATOM   854  C CB  . TYR A 1 100 ? 0.842   14.837  -5.428  1.00 11.03 ? 2888 TYR A CB  1 
ATOM   855  C CG  . TYR A 1 100 ? 2.320   14.802  -5.066  1.00 11.44 ? 2888 TYR A CG  1 
ATOM   856  C CD1 . TYR A 1 100 ? 2.766   15.170  -3.788  1.00 12.23 ? 2888 TYR A CD1 1 
ATOM   857  C CD2 . TYR A 1 100 ? 3.288   14.459  -6.021  1.00 12.21 ? 2888 TYR A CD2 1 
ATOM   858  C CE1 . TYR A 1 100 ? 4.123   15.174  -3.467  1.00 13.17 ? 2888 TYR A CE1 1 
ATOM   859  C CE2 . TYR A 1 100 ? 4.644   14.472  -5.707  1.00 12.78 ? 2888 TYR A CE2 1 
ATOM   860  C CZ  . TYR A 1 100 ? 5.056   14.824  -4.430  1.00 12.74 ? 2888 TYR A CZ  1 
ATOM   861  O OH  . TYR A 1 100 ? 6.412   14.836  -4.123  1.00 15.60 ? 2888 TYR A OH  1 
ATOM   862  N N   A GLN A 1 101 ? -1.206  14.844  -2.990  0.38 11.74 ? 2889 GLN A N   1 
ATOM   863  N N   B GLN A 1 101 ? -1.211  14.837  -2.995  0.12 10.92 ? 2889 GLN A N   1 
ATOM   864  C CA  A GLN A 1 101 ? -1.627  15.093  -1.602  0.38 12.33 ? 2889 GLN A CA  1 
ATOM   865  C CA  B GLN A 1 101 ? -1.624  15.093  -1.614  0.12 10.87 ? 2889 GLN A CA  1 
ATOM   866  C C   A GLN A 1 101 ? -2.167  13.827  -0.931  0.38 11.57 ? 2889 GLN A C   1 
ATOM   867  C C   B GLN A 1 101 ? -2.195  13.850  -0.923  0.12 10.82 ? 2889 GLN A C   1 
ATOM   868  O O   A GLN A 1 101 ? -1.809  13.527  0.211   0.38 11.67 ? 2889 GLN A O   1 
ATOM   869  O O   B GLN A 1 101 ? -1.890  13.597  0.245   0.12 10.88 ? 2889 GLN A O   1 
ATOM   870  C CB  A GLN A 1 101 ? -2.699  16.197  -1.539  0.38 13.73 ? 2889 GLN A CB  1 
ATOM   871  C CB  B GLN A 1 101 ? -2.665  16.215  -1.579  0.12 10.90 ? 2889 GLN A CB  1 
ATOM   872  C CG  A GLN A 1 101 ? -3.253  16.460  -0.139  0.38 14.98 ? 2889 GLN A CG  1 
ATOM   873  C CG  B GLN A 1 101 ? -3.097  16.622  -0.179  0.12 10.86 ? 2889 GLN A CG  1 
ATOM   874  C CD  A GLN A 1 101 ? -4.531  17.287  -0.136  0.38 16.25 ? 2889 GLN A CD  1 
ATOM   875  C CD  B GLN A 1 101 ? -4.314  17.524  -0.193  0.12 10.82 ? 2889 GLN A CD  1 
ATOM   876  O OE1 A GLN A 1 101 ? -4.802  18.049  -1.066  0.38 17.87 ? 2889 GLN A OE1 1 
ATOM   877  O OE1 B GLN A 1 101 ? -5.402  17.116  -0.603  0.12 10.38 ? 2889 GLN A OE1 1 
ATOM   878  N NE2 A GLN A 1 101 ? -5.322  17.139  0.917   0.38 17.32 ? 2889 GLN A NE2 1 
ATOM   879  N NE2 B GLN A 1 101 ? -4.137  18.756  0.255   0.12 10.86 ? 2889 GLN A NE2 1 
ATOM   880  N N   . CYS A 1 102 ? -3.024  13.089  -1.639  1.00 10.75 ? 2890 CYS A N   1 
ATOM   881  C CA  . CYS A 1 102 ? -3.586  11.826  -1.105  1.00 10.67 ? 2890 CYS A CA  1 
ATOM   882  C C   . CYS A 1 102 ? -2.477  10.804  -0.793  1.00 9.70  ? 2890 CYS A C   1 
ATOM   883  O O   . CYS A 1 102 ? -2.531  10.130  0.236   1.00 9.24  ? 2890 CYS A O   1 
ATOM   884  C CB  . CYS A 1 102 ? -4.630  11.208  -2.059  1.00 10.99 ? 2890 CYS A CB  1 
ATOM   885  S SG  . CYS A 1 102 ? -6.218  12.077  -2.205  1.00 12.46 ? 2890 CYS A SG  1 
ATOM   886  N N   . ALA A 1 103 ? -1.473  10.712  -1.667  1.00 9.31  ? 2891 ALA A N   1 
ATOM   887  C CA  . ALA A 1 103 ? -0.314  9.841   -1.405  1.00 9.44  ? 2891 ALA A CA  1 
ATOM   888  C C   . ALA A 1 103 ? 0.462   10.210  -0.129  1.00 9.63  ? 2891 ALA A C   1 
ATOM   889  O O   . ALA A 1 103 ? 0.838   9.310   0.648   1.00 9.72  ? 2891 ALA A O   1 
ATOM   890  C CB  . ALA A 1 103 ? 0.631   9.801   -2.608  1.00 9.40  ? 2891 ALA A CB  1 
ATOM   891  N N   A GLU A 1 104 ? 0.701   11.514  0.064   0.25 9.89  ? 2892 GLU A N   1 
ATOM   892  N N   B GLU A 1 104 ? 0.705   11.504  0.090   0.25 9.66  ? 2892 GLU A N   1 
ATOM   893  C CA  A GLU A 1 104 ? 1.362   12.049  1.264   0.25 10.31 ? 2892 GLU A CA  1 
ATOM   894  C CA  B GLU A 1 104 ? 1.417   11.956  1.289   0.25 9.93  ? 2892 GLU A CA  1 
ATOM   895  C C   A GLU A 1 104 ? 0.621   11.647  2.540   0.25 10.06 ? 2892 GLU A C   1 
ATOM   896  C C   B GLU A 1 104 ? 0.627   11.651  2.569   0.25 9.84  ? 2892 GLU A C   1 
ATOM   897  O O   A GLU A 1 104 ? 1.219   11.126  3.486   0.25 10.01 ? 2892 GLU A O   1 
ATOM   898  O O   B GLU A 1 104 ? 1.204   11.190  3.557   0.25 9.83  ? 2892 GLU A O   1 
ATOM   899  C CB  A GLU A 1 104 ? 1.443   13.583  1.194   0.25 10.96 ? 2892 GLU A CB  1 
ATOM   900  C CB  B GLU A 1 104 ? 1.746   13.451  1.201   0.25 10.21 ? 2892 GLU A CB  1 
ATOM   901  C CG  A GLU A 1 104 ? 2.414   14.150  0.166   0.25 11.50 ? 2892 GLU A CG  1 
ATOM   902  C CG  B GLU A 1 104 ? 2.637   13.847  0.028   0.25 10.53 ? 2892 GLU A CG  1 
ATOM   903  C CD  A GLU A 1 104 ? 2.341   15.669  0.054   0.25 12.07 ? 2892 GLU A CD  1 
ATOM   904  C CD  B GLU A 1 104 ? 4.108   13.569  0.268   0.25 10.84 ? 2892 GLU A CD  1 
ATOM   905  O OE1 A GLU A 1 104 ? 1.235   16.233  0.212   0.25 12.97 ? 2892 GLU A OE1 1 
ATOM   906  O OE1 B GLU A 1 104 ? 4.884   14.547  0.368   0.25 11.60 ? 2892 GLU A OE1 1 
ATOM   907  O OE2 A GLU A 1 104 ? 3.386   16.300  -0.206  0.25 13.13 ? 2892 GLU A OE2 1 
ATOM   908  O OE2 B GLU A 1 104 ? 4.487   12.383  0.348   0.25 11.17 ? 2892 GLU A OE2 1 
ATOM   909  N N   . VAL A 1 105 ? -0.688  11.884  2.546   1.00 9.78  ? 2893 VAL A N   1 
ATOM   910  C CA  . VAL A 1 105 ? -1.541  11.594  3.722   1.00 9.82  ? 2893 VAL A CA  1 
ATOM   911  C C   . VAL A 1 105 ? -1.620  10.086  4.010   1.00 9.37  ? 2893 VAL A C   1 
ATOM   912  O O   . VAL A 1 105 ? -1.385  9.626   5.153   1.00 9.09  ? 2893 VAL A O   1 
ATOM   913  C CB  . VAL A 1 105 ? -2.983  12.178  3.570   1.00 10.78 ? 2893 VAL A CB  1 
ATOM   914  C CG1 . VAL A 1 105 ? -3.832  11.845  4.793   1.00 11.35 ? 2893 VAL A CG1 1 
ATOM   915  C CG2 . VAL A 1 105 ? -2.967  13.694  3.324   1.00 11.22 ? 2893 VAL A CG2 1 
ATOM   916  N N   . LEU A 1 106 ? -1.904  9.312   2.957   1.00 9.06  ? 2894 LEU A N   1 
ATOM   917  C CA  . LEU A 1 106 ? -2.129  7.886   3.156   1.00 9.38  ? 2894 LEU A CA  1 
ATOM   918  C C   . LEU A 1 106 ? -0.831  7.154   3.506   1.00 9.19  ? 2894 LEU A C   1 
ATOM   919  O O   . LEU A 1 106 ? -0.863  6.218   4.314   1.00 9.02  ? 2894 LEU A O   1 
ATOM   920  C CB  . LEU A 1 106 ? -2.839  7.240   1.956   1.00 9.85  ? 2894 LEU A CB  1 
ATOM   921  C CG  . LEU A 1 106 ? -3.582  5.935   2.258   1.00 10.67 ? 2894 LEU A CG  1 
ATOM   922  C CD1 . LEU A 1 106 ? -4.713  6.083   3.274   1.00 11.20 ? 2894 LEU A CD1 1 
ATOM   923  C CD2 . LEU A 1 106 ? -4.114  5.319   0.978   1.00 11.08 ? 2894 LEU A CD2 1 
ATOM   924  N N   . GLU A 1 107 ? 0.318   7.587   2.974   1.00 9.23  ? 2895 GLU A N   1 
ATOM   925  C CA  . GLU A 1 107 ? 1.581   6.940   3.365   1.00 9.92  ? 2895 GLU A CA  1 
ATOM   926  C C   . GLU A 1 107 ? 1.903   7.162   4.851   1.00 9.44  ? 2895 GLU A C   1 
ATOM   927  O O   . GLU A 1 107 ? 2.344   6.227   5.521   1.00 9.06  ? 2895 GLU A O   1 
ATOM   928  C CB  . GLU A 1 107 ? 2.780   7.355   2.503   1.00 10.91 ? 2895 GLU A CB  1 
ATOM   929  C CG  . GLU A 1 107 ? 4.021   6.497   2.796   1.00 12.24 ? 2895 GLU A CG  1 
ATOM   930  C CD  . GLU A 1 107 ? 5.117   6.567   1.742   1.00 13.49 ? 2895 GLU A CD  1 
ATOM   931  O OE1 . GLU A 1 107 ? 5.274   7.603   1.086   1.00 16.01 ? 2895 GLU A OE1 1 
ATOM   932  O OE2 . GLU A 1 107 ? 5.860   5.582   1.569   1.00 15.92 ? 2895 GLU A OE2 1 
ATOM   933  N N   . SER A 1 108 ? 1.671   8.387   5.354   1.00 9.62  ? 2896 SER A N   1 
ATOM   934  C CA  . SER A 1 108 ? 1.857   8.712   6.785   1.00 10.21 ? 2896 SER A CA  1 
ATOM   935  C C   . SER A 1 108 ? 0.988   7.805   7.677   1.00 9.35  ? 2896 SER A C   1 
ATOM   936  O O   . SER A 1 108 ? 1.440   7.313   8.720   1.00 9.30  ? 2896 SER A O   1 
ATOM   937  C CB  . SER A 1 108 ? 1.571   10.222  7.081   1.00 11.28 ? 2896 SER A CB  1 
ATOM   938  O OG  . SER A 1 108 ? 0.179   10.487  7.255   1.00 14.00 ? 2896 SER A OG  1 
ATOM   939  N N   . PHE A 1 109 ? -0.262  7.602   7.251   1.00 8.98  ? 2897 PHE A N   1 
ATOM   940  C CA  . PHE A 1 109 ? -1.216  6.747   7.947   1.00 8.96  ? 2897 PHE A CA  1 
ATOM   941  C C   . PHE A 1 109 ? -0.742  5.282   7.914   1.00 8.47  ? 2897 PHE A C   1 
ATOM   942  O O   . PHE A 1 109 ? -0.782  4.585   8.939   1.00 8.17  ? 2897 PHE A O   1 
ATOM   943  C CB  . PHE A 1 109 ? -2.606  6.923   7.320   1.00 9.80  ? 2897 PHE A CB  1 
ATOM   944  C CG  . PHE A 1 109 ? -3.685  6.101   7.951   1.00 10.26 ? 2897 PHE A CG  1 
ATOM   945  C CD1 . PHE A 1 109 ? -4.225  6.447   9.192   1.00 10.84 ? 2897 PHE A CD1 1 
ATOM   946  C CD2 . PHE A 1 109 ? -4.224  5.016   7.272   1.00 11.22 ? 2897 PHE A CD2 1 
ATOM   947  C CE1 . PHE A 1 109 ? -5.249  5.695   9.742   1.00 11.41 ? 2897 PHE A CE1 1 
ATOM   948  C CE2 . PHE A 1 109 ? -5.248  4.274   7.822   1.00 11.75 ? 2897 PHE A CE2 1 
ATOM   949  C CZ  . PHE A 1 109 ? -5.756  4.611   9.049   1.00 11.81 ? 2897 PHE A CZ  1 
ATOM   950  N N   . PHE A 1 110 ? -0.300  4.815   6.741   1.00 8.33  ? 2898 PHE A N   1 
ATOM   951  C CA  . PHE A 1 110 ? 0.286   3.475   6.621   1.00 8.50  ? 2898 PHE A CA  1 
ATOM   952  C C   . PHE A 1 110 ? 1.459   3.262   7.588   1.00 8.30  ? 2898 PHE A C   1 
ATOM   953  O O   . PHE A 1 110 ? 1.509   2.240   8.258   1.00 8.37  ? 2898 PHE A O   1 
ATOM   954  C CB  . PHE A 1 110 ? 0.720   3.182   5.177   1.00 8.44  ? 2898 PHE A CB  1 
ATOM   955  C CG  . PHE A 1 110 ? 1.417   1.866   5.012   1.00 8.61  ? 2898 PHE A CG  1 
ATOM   956  C CD1 . PHE A 1 110 ? 0.752   0.671   5.262   1.00 8.71  ? 2898 PHE A CD1 1 
ATOM   957  C CD2 . PHE A 1 110 ? 2.751   1.808   4.633   1.00 8.95  ? 2898 PHE A CD2 1 
ATOM   958  C CE1 . PHE A 1 110 ? 1.404   -0.551  5.126   1.00 9.18  ? 2898 PHE A CE1 1 
ATOM   959  C CE2 . PHE A 1 110 ? 3.397   0.583   4.488   1.00 9.23  ? 2898 PHE A CE2 1 
ATOM   960  C CZ  . PHE A 1 110 ? 2.724   -0.590  4.733   1.00 9.31  ? 2898 PHE A CZ  1 
ATOM   961  N N   . VAL A 1 111 ? 2.378   4.221   7.661   1.00 8.53  ? 2899 VAL A N   1 
ATOM   962  C CA  . VAL A 1 111 ? 3.514   4.099   8.583   1.00 9.07  ? 2899 VAL A CA  1 
ATOM   963  C C   . VAL A 1 111 ? 3.034   3.964   10.041  1.00 8.92  ? 2899 VAL A C   1 
ATOM   964  O O   . VAL A 1 111 ? 3.586   3.138   10.795  1.00 9.25  ? 2899 VAL A O   1 
ATOM   965  C CB  . VAL A 1 111 ? 4.529   5.237   8.366   1.00 9.78  ? 2899 VAL A CB  1 
ATOM   966  C CG1 . VAL A 1 111 ? 5.542   5.307   9.505   1.00 10.35 ? 2899 VAL A CG1 1 
ATOM   967  C CG2 . VAL A 1 111 ? 5.244   5.038   7.036   1.00 10.54 ? 2899 VAL A CG2 1 
ATOM   968  N N   . GLN A 1 112 ? 2.026   4.751   10.438  1.00 8.72  ? 2900 GLN A N   1 
ATOM   969  C CA  . GLN A 1 112 ? 1.474   4.634   11.811  1.00 8.98  ? 2900 GLN A CA  1 
ATOM   970  C C   . GLN A 1 112 ? 0.942   3.217   12.079  1.00 8.99  ? 2900 GLN A C   1 
ATOM   971  O O   . GLN A 1 112 ? 1.255   2.591   13.116  1.00 9.71  ? 2900 GLN A O   1 
ATOM   972  C CB  . GLN A 1 112 ? 0.365   5.660   12.053  1.00 9.24  ? 2900 GLN A CB  1 
ATOM   973  C CG  . GLN A 1 112 ? 0.833   7.108   12.119  1.00 9.19  ? 2900 GLN A CG  1 
ATOM   974  C CD  . GLN A 1 112 ? -0.314  8.111   12.149  1.00 9.42  ? 2900 GLN A CD  1 
ATOM   975  O OE1 . GLN A 1 112 ? -1.367  7.902   11.529  1.00 9.92  ? 2900 GLN A OE1 1 
ATOM   976  N NE2 . GLN A 1 112 ? -0.103  9.235   12.846  1.00 9.93  ? 2900 GLN A NE2 1 
ATOM   977  N N   . LYS A 1 113 ? 0.154   2.697   11.137  1.00 8.65  ? 2901 LYS A N   1 
ATOM   978  C CA  . LYS A 1 113 ? -0.424  1.349   11.272  1.00 8.97  ? 2901 LYS A CA  1 
ATOM   979  C C   . LYS A 1 113 ? 0.637   0.234   11.206  1.00 8.99  ? 2901 LYS A C   1 
ATOM   980  O O   . LYS A 1 113 ? 0.553   -0.766  11.937  1.00 8.81  ? 2901 LYS A O   1 
ATOM   981  C CB  . LYS A 1 113 ? -1.506  1.125   10.202  1.00 9.16  ? 2901 LYS A CB  1 
ATOM   982  C CG  . LYS A 1 113 ? -2.758  1.998   10.368  1.00 10.07 ? 2901 LYS A CG  1 
ATOM   983  C CD  . LYS A 1 113 ? -3.630  1.496   11.506  1.00 10.78 ? 2901 LYS A CD  1 
ATOM   984  C CE  . LYS A 1 113 ? -4.881  2.336   11.690  1.00 11.59 ? 2901 LYS A CE  1 
ATOM   985  N NZ  . LYS A 1 113 ? -5.710  1.820   12.819  1.00 12.33 ? 2901 LYS A NZ  1 
ATOM   986  N N   . LEU A 1 114 ? 1.630   0.415   10.338  1.00 9.28  ? 2902 LEU A N   1 
ATOM   987  C CA  . LEU A 1 114 ? 2.729   -0.550  10.193  1.00 9.75  ? 2902 LEU A CA  1 
ATOM   988  C C   . LEU A 1 114 ? 3.563   -0.649  11.481  1.00 9.92  ? 2902 LEU A C   1 
ATOM   989  O O   . LEU A 1 114 ? 3.919   -1.758  11.906  1.00 9.64  ? 2902 LEU A O   1 
ATOM   990  C CB  . LEU A 1 114 ? 3.611   -0.159  8.998   1.00 10.04 ? 2902 LEU A CB  1 
ATOM   991  C CG  . LEU A 1 114 ? 4.815   -1.065  8.709   1.00 10.45 ? 2902 LEU A CG  1 
ATOM   992  C CD1 . LEU A 1 114 ? 4.345   -2.472  8.358   1.00 10.72 ? 2902 LEU A CD1 1 
ATOM   993  C CD2 . LEU A 1 114 ? 5.681   -0.465  7.612   1.00 10.74 ? 2902 LEU A CD2 1 
ATOM   994  N N   . LYS A 1 115 ? 3.876   0.492   12.104  1.00 10.30 ? 2903 LYS A N   1 
ATOM   995  C CA  . LYS A 1 115 ? 4.551   0.481   13.424  1.00 10.89 ? 2903 LYS A CA  1 
ATOM   996  C C   . LYS A 1 115 ? 3.751   -0.292  14.477  1.00 10.53 ? 2903 LYS A C   1 
ATOM   997  O O   . LYS A 1 115 ? 4.317   -1.062  15.269  1.00 10.72 ? 2903 LYS A O   1 
ATOM   998  C CB  . LYS A 1 115 ? 4.820   1.904   13.915  1.00 11.95 ? 2903 LYS A CB  1 
ATOM   999  C CG  . LYS A 1 115 ? 5.942   2.608   13.175  1.00 13.34 ? 2903 LYS A CG  1 
ATOM   1000 C CD  . LYS A 1 115 ? 6.148   4.001   13.749  1.00 14.98 ? 2903 LYS A CD  1 
ATOM   1001 C CE  . LYS A 1 115 ? 7.120   4.841   12.946  1.00 16.25 ? 2903 LYS A CE  1 
ATOM   1002 N NZ  . LYS A 1 115 ? 7.331   6.142   13.637  1.00 17.57 ? 2903 LYS A NZ  1 
ATOM   1003 N N   . GLY A 1 116 ? 2.440   -0.099  14.479  1.00 10.41 ? 2904 GLY A N   1 
ATOM   1004 C CA  . GLY A 1 116 ? 1.549   -0.846  15.377  1.00 10.71 ? 2904 GLY A CA  1 
ATOM   1005 C C   . GLY A 1 116 ? 1.600   -2.352  15.136  1.00 10.87 ? 2904 GLY A C   1 
ATOM   1006 O O   . GLY A 1 116 ? 1.685   -3.156  16.081  1.00 10.89 ? 2904 GLY A O   1 
ATOM   1007 N N   . PHE A 1 117 ? 1.540   -2.743  13.863  1.00 10.80 ? 2905 PHE A N   1 
ATOM   1008 C CA  . PHE A 1 117 ? 1.648   -4.155  13.485  1.00 10.99 ? 2905 PHE A CA  1 
ATOM   1009 C C   . PHE A 1 117 ? 2.985   -4.775  13.935  1.00 10.74 ? 2905 PHE A C   1 
ATOM   1010 O O   . PHE A 1 117 ? 2.998   -5.869  14.519  1.00 10.80 ? 2905 PHE A O   1 
ATOM   1011 C CB  . PHE A 1 117 ? 1.444   -4.328  11.970  1.00 11.27 ? 2905 PHE A CB  1 
ATOM   1012 C CG  . PHE A 1 117 ? 1.643   -5.742  11.498  1.00 12.04 ? 2905 PHE A CG  1 
ATOM   1013 C CD1 . PHE A 1 117 ? 0.671   -6.706  11.718  1.00 12.77 ? 2905 PHE A CD1 1 
ATOM   1014 C CD2 . PHE A 1 117 ? 2.833   -6.128  10.884  1.00 12.38 ? 2905 PHE A CD2 1 
ATOM   1015 C CE1 . PHE A 1 117 ? 0.862   -8.020  11.293  1.00 13.46 ? 2905 PHE A CE1 1 
ATOM   1016 C CE2 . PHE A 1 117 ? 3.022   -7.443  10.464  1.00 13.03 ? 2905 PHE A CE2 1 
ATOM   1017 C CZ  . PHE A 1 117 ? 2.033   -8.385  10.675  1.00 13.12 ? 2905 PHE A CZ  1 
ATOM   1018 N N   . LYS A 1 118 ? 4.090   -4.082  13.672  1.00 11.12 ? 2906 LYS A N   1 
ATOM   1019 C CA  . LYS A 1 118 ? 5.409   -4.593  14.055  1.00 12.22 ? 2906 LYS A CA  1 
ATOM   1020 C C   . LYS A 1 118 ? 5.520   -4.798  15.574  1.00 13.14 ? 2906 LYS A C   1 
ATOM   1021 O O   . LYS A 1 118 ? 6.080   -5.803  16.032  1.00 13.92 ? 2906 LYS A O   1 
ATOM   1022 C CB  . LYS A 1 118 ? 6.522   -3.672  13.548  1.00 12.49 ? 2906 LYS A CB  1 
ATOM   1023 C CG  . LYS A 1 118 ? 6.720   -3.695  12.031  1.00 12.77 ? 2906 LYS A CG  1 
ATOM   1024 C CD  . LYS A 1 118 ? 7.806   -2.727  11.582  1.00 13.45 ? 2906 LYS A CD  1 
ATOM   1025 C CE  . LYS A 1 118 ? 8.027   -2.739  10.073  1.00 13.71 ? 2906 LYS A CE  1 
ATOM   1026 N NZ  . LYS A 1 118 ? 9.085   -1.774  9.646   1.00 14.61 ? 2906 LYS A NZ  1 
ATOM   1027 N N   . ALA A 1 119 ? 4.983   -3.856  16.350  1.00 13.65 ? 2907 ALA A N   1 
ATOM   1028 C CA  . ALA A 1 119 ? 4.976   -3.956  17.814  1.00 14.98 ? 2907 ALA A CA  1 
ATOM   1029 C C   . ALA A 1 119 ? 4.199   -5.186  18.292  1.00 16.63 ? 2907 ALA A C   1 
ATOM   1030 O O   . ALA A 1 119 ? 4.655   -5.889  19.192  1.00 18.03 ? 2907 ALA A O   1 
ATOM   1031 C CB  . ALA A 1 119 ? 4.422   -2.676  18.441  1.00 15.11 ? 2907 ALA A CB  1 
ATOM   1032 N N   . SER A 1 120 ? 3.047   -5.451  17.678  1.00 18.17 ? 2908 SER A N   1 
ATOM   1033 C CA  . SER A 1 120 ? 2.193   -6.595  18.043  1.00 20.15 ? 2908 SER A CA  1 
ATOM   1034 C C   . SER A 1 120 ? 2.793   -7.971  17.694  1.00 21.03 ? 2908 SER A C   1 
ATOM   1035 O O   . SER A 1 120 ? 2.392   -8.983  18.284  1.00 21.78 ? 2908 SER A O   1 
ATOM   1036 C CB  . SER A 1 120 ? 0.811   -6.462  17.383  1.00 20.48 ? 2908 SER A CB  1 
ATOM   1037 O OG  . SER A 1 120 ? 0.869   -6.700  15.982  1.00 22.89 ? 2908 SER A OG  1 
ATOM   1038 N N   . ARG A 1 121 ? 3.707   -8.016  16.719  1.00 21.86 ? 2909 ARG A N   1 
ATOM   1039 C CA  . ARG A 1 121 ? 4.457   -9.242  16.398  1.00 24.60 ? 2909 ARG A CA  1 
ATOM   1040 C C   . ARG A 1 121 ? 5.446   -9.643  17.502  1.00 28.82 ? 2909 ARG A C   1 
ATOM   1041 O O   . ARG A 1 121 ? 5.500   -10.810 17.883  1.00 29.22 ? 2909 ARG A O   1 
ATOM   1042 C CB  . ARG A 1 121 ? 5.313   -9.090  15.131  1.00 21.99 ? 2909 ARG A CB  1 
ATOM   1043 C CG  . ARG A 1 121 ? 4.626   -8.923  13.791  1.00 19.96 ? 2909 ARG A CG  1 
ATOM   1044 C CD  . ARG A 1 121 ? 5.667   -9.022  12.671  1.00 18.06 ? 2909 ARG A CD  1 
ATOM   1045 N NE  . ARG A 1 121 ? 5.773   -10.349 12.047  1.00 16.08 ? 2909 ARG A NE  1 
ATOM   1046 C CZ  . ARG A 1 121 ? 6.666   -10.680 11.103  1.00 14.37 ? 2909 ARG A CZ  1 
ATOM   1047 N NH1 . ARG A 1 121 ? 7.582   -9.804  10.697  1.00 13.89 ? 2909 ARG A NH1 1 
ATOM   1048 N NH2 . ARG A 1 121 ? 6.644   -11.898 10.563  1.00 14.26 ? 2909 ARG A NH2 1 
ATOM   1049 N N   . SER A 1 122 ? 6.214   -8.671  17.995  0.50 30.22 ? 2910 SER A N   1 
ATOM   1050 C CA  . SER A 1 122 ? 7.280   -8.922  18.968  0.50 31.76 ? 2910 SER A CA  1 
ATOM   1051 C C   . SER A 1 122 ? 6.747   -9.061  20.393  0.50 32.97 ? 2910 SER A C   1 
ATOM   1052 O O   . SER A 1 122 ? 7.429   -9.602  21.267  0.50 33.97 ? 2910 SER A O   1 
ATOM   1053 C CB  . SER A 1 122 ? 8.312   -7.795  18.914  0.50 32.04 ? 2910 SER A CB  1 
ATOM   1054 O OG  . SER A 1 122 ? 7.720   -6.545  19.222  0.50 32.21 ? 2910 SER A OG  1 
ATOM   1055 N N   . HIS A 1 123 ? 5.535   -8.572  20.628  0.50 34.00 ? 2911 HIS A N   1 
ATOM   1056 C CA  . HIS A 1 123 ? 4.926   -8.659  21.950  0.50 34.60 ? 2911 HIS A CA  1 
ATOM   1057 C C   . HIS A 1 123 ? 3.405   -8.584  21.851  0.50 34.80 ? 2911 HIS A C   1 
ATOM   1058 O O   . HIS A 1 123 ? 2.736   -9.599  21.661  0.50 34.87 ? 2911 HIS A O   1 
ATOM   1059 C CB  . HIS A 1 123 ? 5.446   -7.537  22.852  0.50 34.93 ? 2911 HIS A CB  1 
ATOM   1060 C CG  . HIS A 1 123 ? 5.016   -6.168  22.423  0.50 35.25 ? 2911 HIS A CG  1 
ATOM   1061 N ND1 . HIS A 1 123 ? 3.698   -5.768  22.430  0.50 35.57 ? 2911 HIS A ND1 1 
ATOM   1062 C CD2 . HIS A 1 123 ? 5.731   -5.104  21.985  0.50 35.50 ? 2911 HIS A CD2 1 
ATOM   1063 C CE1 . HIS A 1 123 ? 3.618   -4.518  22.007  0.50 35.48 ? 2911 HIS A CE1 1 
ATOM   1064 N NE2 . HIS A 1 123 ? 4.838   -4.092  21.731  0.50 35.52 ? 2911 HIS A NE2 1 
HETATM 1065 S S   . DMS B 2 .   ? -13.329 4.971   2.267   1.00 40.82 ? 3001 DMS A S   1 
HETATM 1066 O O   . DMS B 2 .   ? -14.493 4.121   1.918   1.00 40.24 ? 3001 DMS A O   1 
HETATM 1067 C C1  . DMS B 2 .   ? -12.389 5.264   0.868   1.00 39.52 ? 3001 DMS A C1  1 
HETATM 1068 C C2  . DMS B 2 .   ? -13.919 6.518   2.688   1.00 40.14 ? 3001 DMS A C2  1 
HETATM 1069 C C   . TRS C 3 .   ? -9.352  3.593   11.744  1.00 53.74 ? 3002 TRS A C   1 
HETATM 1070 C C1  . TRS C 3 .   ? -10.220 2.340   11.907  1.00 53.88 ? 3002 TRS A C1  1 
HETATM 1071 C C2  . TRS C 3 .   ? -8.089  3.116   11.086  1.00 51.77 ? 3002 TRS A C2  1 
HETATM 1072 C C3  . TRS C 3 .   ? -9.016  4.285   13.065  1.00 54.69 ? 3002 TRS A C3  1 
HETATM 1073 N N   . TRS C 3 .   ? -9.957  4.591   10.801  1.00 54.21 ? 3002 TRS A N   1 
HETATM 1074 O O1  . TRS C 3 .   ? -10.338 1.594   10.685  1.00 52.05 ? 3002 TRS A O1  1 
HETATM 1075 O O2  . TRS C 3 .   ? -8.381  3.106   9.690   1.00 51.95 ? 3002 TRS A O2  1 
HETATM 1076 O O3  . TRS C 3 .   ? -8.671  5.662   12.857  1.00 55.07 ? 3002 TRS A O3  1 
HETATM 1077 N N1  . RV4 D 4 .   ? -4.555  8.169   -10.574 0.60 13.36 ? 3003 RV4 A N1  1 
HETATM 1078 C C4  . RV4 D 4 .   ? -5.953  9.036   -12.328 0.60 14.80 ? 3003 RV4 A C4  1 
HETATM 1079 C C5  . RV4 D 4 .   ? -6.144  9.758   -13.495 0.60 15.53 ? 3003 RV4 A C5  1 
HETATM 1080 C C6  . RV4 D 4 .   ? -5.088  10.392  -14.122 0.60 16.47 ? 3003 RV4 A C6  1 
HETATM 1081 C C7  . RV4 D 4 .   ? -3.824  10.259  -13.579 0.60 15.83 ? 3003 RV4 A C7  1 
HETATM 1082 C C8  . RV4 D 4 .   ? -3.619  9.546   -12.410 0.60 15.10 ? 3003 RV4 A C8  1 
HETATM 1083 C C10 . RV4 D 4 .   ? -5.202  13.238  -13.951 0.60 19.68 ? 3003 RV4 A C10 1 
HETATM 1084 C C13 . RV4 D 4 .   ? -6.972  13.008  -15.623 0.60 19.81 ? 3003 RV4 A C13 1 
HETATM 1085 C C1  . RV4 D 4 .   ? -3.675  6.973   -8.672  0.60 12.35 ? 3003 RV4 A C1  1 
HETATM 1086 C C11 . RV4 D 4 .   ? -5.417  14.733  -13.993 0.60 20.07 ? 3003 RV4 A C11 1 
HETATM 1087 C C12 . RV4 D 4 .   ? -7.142  14.507  -15.555 0.60 20.17 ? 3003 RV4 A C12 1 
HETATM 1088 C C2  . RV4 D 4 .   ? -3.440  7.857   -9.864  0.60 12.66 ? 3003 RV4 A C2  1 
HETATM 1089 C C3  . RV4 D 4 .   ? -4.683  8.921   -11.771 0.60 14.30 ? 3003 RV4 A C3  1 
HETATM 1090 C C9  . RV4 D 4 .   ? -5.293  11.152  -15.406 0.60 17.78 ? 3003 RV4 A C9  1 
HETATM 1091 N N2  . RV4 D 4 .   ? -5.567  12.639  -15.271 0.60 19.22 ? 3003 RV4 A N2  1 
HETATM 1092 O O1  . RV4 D 4 .   ? -2.317  8.264   -10.141 0.60 11.91 ? 3003 RV4 A O1  1 
HETATM 1093 O O2  . RV4 D 4 .   ? -5.919  15.163  -15.251 0.60 20.38 ? 3003 RV4 A O2  1 
HETATM 1094 O O   . HOH E 5 .   ? -9.384  4.322   8.134   1.00 16.61 ? 3101 HOH A O   1 
HETATM 1095 O O   . HOH E 5 .   ? -9.865  -4.490  -9.343  1.00 30.41 ? 3102 HOH A O   1 
HETATM 1096 O O   . HOH E 5 .   ? 5.687   14.097  -9.974  1.00 15.01 ? 3103 HOH A O   1 
HETATM 1097 O O   . HOH E 5 .   ? 11.541  -2.398  10.753  1.00 27.02 ? 3104 HOH A O   1 
HETATM 1098 O O   . HOH E 5 .   ? -9.711  -6.024  2.533   1.00 21.93 ? 3105 HOH A O   1 
HETATM 1099 O O   . HOH E 5 .   ? 7.711   13.284  -7.370  1.00 40.54 ? 3106 HOH A O   1 
HETATM 1100 O O   . HOH E 5 .   ? 7.831   12.901  -11.858 1.00 19.52 ? 3107 HOH A O   1 
HETATM 1101 O O   . HOH E 5 .   ? 8.930   6.068   -16.588 1.00 22.66 ? 3108 HOH A O   1 
HETATM 1102 O O   . HOH E 5 .   ? -2.765  10.144  -18.391 0.60 14.45 ? 3109 HOH A O   1 
HETATM 1103 O O   . HOH E 5 .   ? -0.196  6.469   -9.585  1.00 9.55  ? 3110 HOH A O   1 
HETATM 1104 O O   . HOH E 5 .   ? 10.846  5.261   -2.548  1.00 25.03 ? 3111 HOH A O   1 
HETATM 1105 O O   . HOH E 5 .   ? 8.608   -10.735 7.963   1.00 9.89  ? 3112 HOH A O   1 
HETATM 1106 O O   . HOH E 5 .   ? -4.718  -15.927 8.732   1.00 22.87 ? 3113 HOH A O   1 
HETATM 1107 O O   . HOH E 5 .   ? 5.166   -4.716  -15.538 1.00 17.37 ? 3114 HOH A O   1 
HETATM 1108 O O   . HOH E 5 .   ? -10.660 -8.565  11.818  1.00 22.75 ? 3115 HOH A O   1 
HETATM 1109 O O   . HOH E 5 .   ? -8.870  3.366   -22.328 1.00 74.60 ? 3116 HOH A O   1 
HETATM 1110 O O   . HOH E 5 .   ? -2.231  14.472  -12.699 1.00 25.16 ? 3117 HOH A O   1 
HETATM 1111 O O   . HOH E 5 .   ? 11.508  -11.007 1.002   1.00 40.99 ? 3118 HOH A O   1 
HETATM 1112 O O   . HOH E 5 .   ? -0.071  -17.779 -3.205  1.00 22.43 ? 3119 HOH A O   1 
HETATM 1113 O O   . HOH E 5 .   ? 4.731   0.513   -20.562 1.00 42.45 ? 3120 HOH A O   1 
HETATM 1114 O O   . HOH E 5 .   ? -8.133  -16.875 4.995   1.00 47.27 ? 3121 HOH A O   1 
HETATM 1115 O O   . HOH E 5 .   ? 5.455   -8.045  -5.351  1.00 14.32 ? 3122 HOH A O   1 
HETATM 1116 O O   . HOH E 5 .   ? 14.984  0.210   9.475   1.00 40.97 ? 3123 HOH A O   1 
HETATM 1117 O O   . HOH E 5 .   ? 11.534  -13.895 14.554  1.00 29.12 ? 3124 HOH A O   1 
HETATM 1118 O O   . HOH E 5 .   ? 10.855  10.167  -16.528 1.00 14.34 ? 3125 HOH A O   1 
HETATM 1119 O O   . HOH E 5 .   ? -0.369  18.296  -3.434  1.00 25.05 ? 3126 HOH A O   1 
HETATM 1120 O O   . HOH E 5 .   ? 1.155   25.355  -7.870  1.00 37.23 ? 3127 HOH A O   1 
HETATM 1121 O O   . HOH E 5 .   ? 6.539   -4.323  -5.315  1.00 22.31 ? 3128 HOH A O   1 
HETATM 1122 O O   . HOH E 5 .   ? 4.396   -16.809 5.015   1.00 27.57 ? 3129 HOH A O   1 
HETATM 1123 O O   . HOH E 5 .   ? -13.095 0.934   0.604   1.00 17.39 ? 3130 HOH A O   1 
HETATM 1124 O O   . HOH E 5 .   ? 10.664  -14.657 0.779   1.00 28.81 ? 3131 HOH A O   1 
HETATM 1125 O O   . HOH E 5 .   ? -10.230 7.677   -12.750 0.60 18.15 ? 3132 HOH A O   1 
HETATM 1126 O O   . HOH E 5 .   ? 2.422   -0.454  -17.493 1.00 16.00 ? 3133 HOH A O   1 
HETATM 1127 O O   . HOH E 5 .   ? 14.937  -3.393  3.336   1.00 39.28 ? 3134 HOH A O   1 
HETATM 1128 O O   . HOH E 5 .   ? -0.149  2.341   -9.759  1.00 11.42 ? 3135 HOH A O   1 
HETATM 1129 O O   . HOH E 5 .   ? 7.499   19.963  -7.689  1.00 21.15 ? 3136 HOH A O   1 
HETATM 1130 O O   . HOH E 5 .   ? 17.661  -0.503  7.863   1.00 51.44 ? 3137 HOH A O   1 
HETATM 1131 O O   . HOH E 5 .   ? 5.442   3.076   2.612   1.00 16.41 ? 3138 HOH A O   1 
HETATM 1132 O O   . HOH E 5 .   ? 8.485   -0.629  -3.651  1.00 13.87 ? 3139 HOH A O   1 
HETATM 1133 O O   . HOH E 5 .   ? 3.911   11.197  4.051   1.00 19.62 ? 3140 HOH A O   1 
HETATM 1134 O O   . HOH E 5 .   ? -2.720  3.077   -7.280  1.00 15.38 ? 3141 HOH A O   1 
HETATM 1135 O O   . HOH E 5 .   ? -9.875  -0.007  -12.653 1.00 29.77 ? 3142 HOH A O   1 
HETATM 1136 O O   . HOH E 5 .   ? 8.592   1.882   -5.048  1.00 15.99 ? 3143 HOH A O   1 
HETATM 1137 O O   . HOH E 5 .   ? -5.119  3.366   -8.535  1.00 10.33 ? 3144 HOH A O   1 
HETATM 1138 O O   . HOH E 5 .   ? 13.569  -11.357 2.699   1.00 26.10 ? 3145 HOH A O   1 
HETATM 1139 O O   . HOH E 5 .   ? 3.024   -4.319  -11.197 1.00 12.38 ? 3146 HOH A O   1 
HETATM 1140 O O   . HOH E 5 .   ? -2.574  -1.873  -10.643 1.00 11.76 ? 3147 HOH A O   1 
HETATM 1141 O O   . HOH E 5 .   ? 1.216   -10.955 14.337  1.00 33.07 ? 3148 HOH A O   1 
HETATM 1142 O O   . HOH E 5 .   ? 2.982   -15.280 14.914  1.00 31.18 ? 3149 HOH A O   1 
HETATM 1143 O O   . HOH E 5 .   ? -10.865 -9.591  2.460   1.00 26.07 ? 3150 HOH A O   1 
HETATM 1144 O O   . HOH E 5 .   ? 2.821   -5.664  25.061  1.00 49.35 ? 3151 HOH A O   1 
HETATM 1145 O O   . HOH E 5 .   ? -10.187 -10.794 9.441   1.00 47.45 ? 3152 HOH A O   1 
HETATM 1146 O O   . HOH E 5 .   ? 7.510   -17.225 11.315  1.00 22.07 ? 3153 HOH A O   1 
HETATM 1147 O O   . HOH E 5 .   ? -4.230  -6.756  -10.758 1.00 13.04 ? 3154 HOH A O   1 
HETATM 1148 O O   . HOH E 5 .   ? -1.331  -10.045 13.945  1.00 32.15 ? 3155 HOH A O   1 
HETATM 1149 O O   . HOH E 5 .   ? 6.911   -11.923 -6.886  1.00 22.84 ? 3156 HOH A O   1 
HETATM 1150 O O   . HOH E 5 .   ? -5.956  -14.932 -8.281  1.00 22.71 ? 3157 HOH A O   1 
HETATM 1151 O O   . HOH E 5 .   ? -9.461  -1.904  -2.604  1.00 14.02 ? 3158 HOH A O   1 
HETATM 1152 O O   . HOH E 5 .   ? 8.307   8.336   -6.742  1.00 11.04 ? 3159 HOH A O   1 
HETATM 1153 O O   . HOH E 5 .   ? -14.817 4.492   5.332   1.00 16.24 ? 3160 HOH A O   1 
HETATM 1154 O O   . HOH E 5 .   ? 8.100   5.897   16.324  1.00 26.97 ? 3161 HOH A O   1 
HETATM 1155 O O   . HOH E 5 .   ? -0.659  4.779   -7.480  1.00 14.16 ? 3162 HOH A O   1 
HETATM 1156 O O   . HOH E 5 .   ? -6.698  -0.930  12.509  1.00 15.54 ? 3163 HOH A O   1 
HETATM 1157 O O   . HOH E 5 .   ? -1.730  -1.322  13.490  1.00 13.95 ? 3164 HOH A O   1 
HETATM 1158 O O   . HOH E 5 .   ? 7.987   0.599   10.696  1.00 25.42 ? 3165 HOH A O   1 
HETATM 1159 O O   . HOH E 5 .   ? 3.754   12.059  -15.752 1.00 31.12 ? 3166 HOH A O   1 
HETATM 1160 O O   . HOH E 5 .   ? 7.051   -0.744  15.872  1.00 17.77 ? 3167 HOH A O   1 
HETATM 1161 O O   . HOH E 5 .   ? 14.344  -16.617 6.811   1.00 19.08 ? 3168 HOH A O   1 
HETATM 1162 O O   . HOH E 5 .   ? 8.280   -6.798  14.571  1.00 19.46 ? 3169 HOH A O   1 
HETATM 1163 O O   . HOH E 5 .   ? 9.159   -1.674  6.822   1.00 17.70 ? 3170 HOH A O   1 
HETATM 1164 O O   . HOH E 5 .   ? -9.222  3.528   -10.250 1.00 15.69 ? 3171 HOH A O   1 
HETATM 1165 O O   . HOH E 5 .   ? -2.712  -13.005 -8.271  1.00 18.17 ? 3172 HOH A O   1 
HETATM 1166 O O   . HOH E 5 .   ? -8.189  -9.647  10.546  1.00 29.60 ? 3173 HOH A O   1 
HETATM 1167 O O   . HOH E 5 .   ? -12.608 7.029   7.384   1.00 38.76 ? 3174 HOH A O   1 
HETATM 1168 O O   . HOH E 5 .   ? 8.119   9.232   -4.016  1.00 19.44 ? 3175 HOH A O   1 
HETATM 1169 O O   . HOH E 5 .   ? 3.707   8.516   9.966   1.00 13.45 ? 3176 HOH A O   1 
HETATM 1170 O O   . HOH E 5 .   ? 0.633   -2.394  18.622  1.00 17.23 ? 3177 HOH A O   1 
HETATM 1171 O O   . HOH E 5 .   ? 6.790   -7.454  -3.096  1.00 24.09 ? 3178 HOH A O   1 
HETATM 1172 O O   . HOH E 5 .   ? 10.094  -3.116  1.975   1.00 12.73 ? 3179 HOH A O   1 
HETATM 1173 O O   . HOH E 5 .   ? 4.970   -6.728  -7.153  1.00 25.21 ? 3180 HOH A O   1 
HETATM 1174 O O   . HOH E 5 .   ? 6.007   18.304  -9.247  1.00 22.29 ? 3181 HOH A O   1 
HETATM 1175 O O   . HOH E 5 .   ? -12.347 -1.400  4.816   1.00 12.65 ? 3182 HOH A O   1 
HETATM 1176 O O   . HOH E 5 .   ? -5.056  -18.725 0.544   1.00 14.56 ? 3183 HOH A O   1 
HETATM 1177 O O   . HOH E 5 .   ? -11.695 6.781   10.133  1.00 29.86 ? 3184 HOH A O   1 
HETATM 1178 O O   . HOH E 5 .   ? 8.668   6.031   1.146   1.00 24.41 ? 3185 HOH A O   1 
HETATM 1179 O O   . HOH E 5 .   ? 8.326   -7.241  11.773  1.00 16.42 ? 3186 HOH A O   1 
HETATM 1180 O O   . HOH E 5 .   ? -9.622  3.638   -7.407  1.00 15.28 ? 3187 HOH A O   1 
HETATM 1181 O O   . HOH E 5 .   ? -7.010  6.920   -9.678  0.60 10.17 ? 3188 HOH A O   1 
HETATM 1182 O O   . HOH E 5 .   ? -7.718  -7.791  -7.567  1.00 20.45 ? 3189 HOH A O   1 
HETATM 1183 O O   . HOH E 5 .   ? -5.095  10.111  8.781   1.00 16.71 ? 3190 HOH A O   1 
HETATM 1184 O O   . HOH E 5 .   ? 1.062   -20.050 11.003  1.00 32.36 ? 3191 HOH A O   1 
HETATM 1185 O O   . HOH E 5 .   ? -7.718  18.843  -0.241  1.00 25.12 ? 3192 HOH A O   1 
HETATM 1186 O O   . HOH E 5 .   ? -2.610  4.316   -20.132 1.00 23.43 ? 3193 HOH A O   1 
HETATM 1187 O O   . HOH E 5 .   ? 5.723   -13.925 13.523  1.00 22.97 ? 3194 HOH A O   1 
HETATM 1188 O O   . HOH E 5 .   ? -3.786  -9.353  -9.756  1.00 15.53 ? 3195 HOH A O   1 
HETATM 1189 O O   . HOH E 5 .   ? 4.798   -19.155 7.830   1.00 39.72 ? 3196 HOH A O   1 
HETATM 1190 O O   . HOH E 5 .   ? -8.272  5.945   -12.236 0.60 20.32 ? 3197 HOH A O   1 
HETATM 1191 O O   . HOH E 5 .   ? -1.463  -10.408 -8.518  1.00 15.51 ? 3198 HOH A O   1 
HETATM 1192 O O   . HOH E 5 .   ? 8.879   -17.811 4.087   1.00 41.79 ? 3199 HOH A O   1 
HETATM 1193 O O   . HOH E 5 .   ? 7.327   2.414   -7.683  1.00 18.90 ? 3200 HOH A O   1 
HETATM 1194 O O   . HOH E 5 .   ? -1.430  24.651  -7.481  1.00 47.24 ? 3201 HOH A O   1 
HETATM 1195 O O   . HOH E 5 .   ? -2.749  -5.026  12.399  1.00 37.52 ? 3202 HOH A O   1 
HETATM 1196 O O   . HOH E 5 .   ? -6.312  7.440   12.536  1.00 21.17 ? 3203 HOH A O   1 
HETATM 1197 O O   . HOH E 5 .   ? -10.298 8.773   7.114   1.00 19.99 ? 3204 HOH A O   1 
HETATM 1198 O O   . HOH E 5 .   ? 18.006  -4.788  6.461   1.00 29.89 ? 3205 HOH A O   1 
HETATM 1199 O O   . HOH E 5 .   ? -3.600  -20.519 4.886   1.00 42.76 ? 3206 HOH A O   1 
HETATM 1200 O O   . HOH E 5 .   ? -15.368 9.612   1.564   1.00 30.94 ? 3207 HOH A O   1 
HETATM 1201 O O   . HOH E 5 .   ? -1.755  -6.457  14.415  1.00 25.16 ? 3208 HOH A O   1 
HETATM 1202 O O   . HOH E 5 .   ? 0.943   -18.076 6.667   1.00 28.83 ? 3209 HOH A O   1 
HETATM 1203 O O   . HOH E 5 .   ? -2.915  0.982   -10.775 1.00 12.91 ? 3210 HOH A O   1 
HETATM 1204 O O   . HOH E 5 .   ? 6.434   -13.381 -2.425  1.00 34.28 ? 3211 HOH A O   1 
HETATM 1205 O O   . HOH E 5 .   ? 2.637   -17.248 2.792   1.00 22.76 ? 3212 HOH A O   1 
HETATM 1206 O O   . HOH E 5 .   ? -2.082  19.826  -10.611 1.00 39.74 ? 3213 HOH A O   1 
HETATM 1207 O O   . HOH E 5 .   ? -7.960  -7.375  4.047   1.00 19.26 ? 3214 HOH A O   1 
HETATM 1208 O O   . HOH E 5 .   ? 11.002  0.130   4.430   1.00 31.45 ? 3215 HOH A O   1 
HETATM 1209 O O   . HOH E 5 .   ? 0.134   -18.115 13.835  1.00 24.64 ? 3216 HOH A O   1 
HETATM 1210 O O   . HOH E 5 .   ? -4.858  -7.664  13.999  1.00 32.90 ? 3217 HOH A O   1 
HETATM 1211 O O   . HOH E 5 .   ? -7.348  -5.223  -8.787  1.00 19.34 ? 3218 HOH A O   1 
HETATM 1212 O O   . HOH E 5 .   ? -11.562 -4.676  -3.665  1.00 52.71 ? 3219 HOH A O   1 
HETATM 1213 O O   . HOH E 5 .   ? 6.717   11.000  -14.990 1.00 26.56 ? 3220 HOH A O   1 
HETATM 1214 O O   . HOH E 5 .   ? 9.326   1.556   2.585   1.00 21.91 ? 3221 HOH A O   1 
HETATM 1215 O O   . HOH E 5 .   ? 4.405   7.123   14.628  1.00 6.38  ? 3222 HOH A O   1 
HETATM 1216 O O   . HOH E 5 .   ? -9.049  6.987   8.768   1.00 15.92 ? 3223 HOH A O   1 
HETATM 1217 O O   . HOH E 5 .   ? 12.154  -3.926  0.198   1.00 30.21 ? 3224 HOH A O   1 
HETATM 1218 O O   . HOH E 5 .   ? 9.429   -0.644  0.745   1.00 15.85 ? 3225 HOH A O   1 
HETATM 1219 O O   . HOH E 5 .   ? 10.745  -6.877  -0.538  1.00 37.57 ? 3226 HOH A O   1 
HETATM 1220 O O   . HOH E 5 .   ? -6.732  -1.057  -15.762 1.00 22.20 ? 3227 HOH A O   1 
HETATM 1221 O O   . HOH E 5 .   ? -12.419 6.711   -7.388  1.00 30.65 ? 3228 HOH A O   1 
HETATM 1222 O O   . HOH E 5 .   ? -1.948  -4.359  16.751  1.00 26.50 ? 3229 HOH A O   1 
HETATM 1223 O O   . HOH E 5 .   ? 5.185   8.668   5.409   1.00 26.96 ? 3230 HOH A O   1 
HETATM 1224 O O   . HOH E 5 .   ? -15.198 -2.001  -7.790  1.00 39.73 ? 3231 HOH A O   1 
HETATM 1225 O O   . HOH E 5 .   ? 4.200   21.463  -9.600  1.00 20.33 ? 3232 HOH A O   1 
HETATM 1226 O O   . HOH E 5 .   ? -2.617  -14.898 21.032  1.00 34.57 ? 3233 HOH A O   1 
HETATM 1227 O O   . HOH E 5 .   ? 5.470   15.347  -12.289 1.00 40.78 ? 3234 HOH A O   1 
HETATM 1228 O O   . HOH E 5 .   ? 8.425   -2.865  17.219  1.00 26.62 ? 3235 HOH A O   1 
HETATM 1229 O O   . HOH E 5 .   ? -7.212  8.842   10.081  1.00 18.55 ? 3236 HOH A O   1 
HETATM 1230 O O   . HOH E 5 .   ? -14.004 0.149   3.171   1.00 16.66 ? 3237 HOH A O   1 
HETATM 1231 O O   . HOH E 5 .   ? -7.976  -8.891  18.694  1.00 25.83 ? 3238 HOH A O   1 
HETATM 1232 O O   . HOH E 5 .   ? -3.940  -2.168  11.871  1.00 25.82 ? 3239 HOH A O   1 
HETATM 1233 O O   . HOH E 5 .   ? 8.839   -2.711  -5.363  1.00 27.60 ? 3240 HOH A O   1 
HETATM 1234 O O   . HOH E 5 .   ? 11.705  -9.352  -1.064  1.00 48.22 ? 3241 HOH A O   1 
HETATM 1235 O O   . HOH E 5 .   ? 7.269   2.488   4.540   1.00 23.47 ? 3242 HOH A O   1 
HETATM 1236 O O   . HOH E 5 .   ? 2.546   -17.756 15.766  1.00 42.13 ? 3243 HOH A O   1 
HETATM 1237 O O   . HOH E 5 .   ? 6.330   -18.510 4.199   1.00 38.30 ? 3244 HOH A O   1 
HETATM 1238 O O   . HOH E 5 .   ? -13.802 1.242   -5.388  1.00 35.88 ? 3245 HOH A O   1 
HETATM 1239 O O   . HOH E 5 .   ? -17.741 9.179   -0.021  1.00 24.69 ? 3246 HOH A O   1 
HETATM 1240 O O   . HOH E 5 .   ? -12.413 2.818   -7.071  1.00 25.54 ? 3247 HOH A O   1 
HETATM 1241 O O   . HOH E 5 .   ? 8.473   0.485   -9.486  1.00 26.87 ? 3248 HOH A O   1 
HETATM 1242 O O   . HOH E 5 .   ? -9.206  12.579  -12.854 0.60 38.23 ? 3249 HOH A O   1 
HETATM 1243 O O   . HOH E 5 .   ? -1.749  -13.766 -5.798  1.00 12.90 ? 3250 HOH A O   1 
HETATM 1244 O O   . HOH E 5 .   ? 10.448  -0.567  -1.752  1.00 24.21 ? 3251 HOH A O   1 
HETATM 1245 O O   . HOH E 5 .   ? 6.438   -19.685 10.289  1.00 27.20 ? 3252 HOH A O   1 
HETATM 1246 O O   . HOH E 5 .   ? 8.850   0.187   13.764  1.00 28.93 ? 3253 HOH A O   1 
HETATM 1247 O O   . HOH E 5 .   ? 1.026   -19.611 3.707   1.00 40.79 ? 3254 HOH A O   1 
HETATM 1248 O O   . HOH E 5 .   ? -9.217  8.738   -9.270  1.00 18.02 ? 3255 HOH A O   1 
HETATM 1249 O O   . HOH E 5 .   ? -9.603  10.159  -11.670 0.60 21.18 ? 3256 HOH A O   1 
HETATM 1250 O O   . HOH E 5 .   ? 7.788   2.608   7.336   1.00 29.23 ? 3257 HOH A O   1 
# 
